data_6ZEE
#
_entry.id   6ZEE
#
_cell.length_a   137.695
_cell.length_b   137.695
_cell.length_c   238.793
_cell.angle_alpha   90.000
_cell.angle_beta   90.000
_cell.angle_gamma   120.000
#
_symmetry.space_group_name_H-M   'P 65'
#
loop_
_entity.id
_entity.type
_entity.pdbx_description
1 polymer 'Serine/threonine-protein phosphatase PP1-alpha catalytic subunit'
2 polymer 'Phosphatase and actin regulator'
3 non-polymer 'MANGANESE (II) ION'
4 non-polymer 1,2-ETHANEDIOL
5 non-polymer GLYCEROL
6 non-polymer 'SULFATE ION'
7 non-polymer 3,6,9,12,15,18-HEXAOXAICOSANE
8 water water
#
loop_
_entity_poly.entity_id
_entity_poly.type
_entity_poly.pdbx_seq_one_letter_code
_entity_poly.pdbx_strand_id
1 'polypeptide(L)'
;GHMGSLNLDSIIGRLLEVQGSRPGKNVQLTENEIRGLCLKSREIFLSQPILLELEAPLKICGDIHGQYYDLLRLFEYGGF
PPESNYLFLGDYVDRGKQSLETICLLLAYKIKYPENFFLLRGNHECASINRIYGFYDECKRRYNIKLWKTFTDCFNCLPI
AAIVDEKIFCCHGGLSPDLQSMEQIRRIMRPTDVPDQGLLCDLLWSDPDKDVQGWGENDRGVSFTFGAEVVAKFLHKHDL
DLICRAHQVVEDGYEFFAKRQLVTLFSAPNYCGEFDNAGAMMSVDETLMCSFQILKPAD
;
P,Q,B,A,I,K
2 'polypeptide(L)' GPLGSPTVEELRERKILIRFSDYVEVADAQDYDRRADKPWTRLTAADKAAIRKELNEFKSTEMEVHELSRHLTRFHRP W,X,D,C,U,V
#
# COMPACT_ATOMS: atom_id res chain seq x y z
N SER A 5 7.48 -17.27 -15.64
CA SER A 5 6.63 -16.08 -15.54
C SER A 5 5.41 -16.33 -14.65
N LEU A 6 5.41 -17.48 -13.96
CA LEU A 6 4.33 -17.85 -13.06
C LEU A 6 4.93 -18.23 -11.72
N ASN A 7 4.53 -17.53 -10.66
CA ASN A 7 4.94 -17.90 -9.30
C ASN A 7 3.90 -18.88 -8.78
N LEU A 8 4.10 -20.16 -9.11
CA LEU A 8 3.14 -21.19 -8.73
C LEU A 8 3.04 -21.34 -7.22
N ASP A 9 4.17 -21.31 -6.51
CA ASP A 9 4.15 -21.54 -5.07
C ASP A 9 3.39 -20.43 -4.35
N SER A 10 3.51 -19.19 -4.81
CA SER A 10 2.72 -18.11 -4.24
C SER A 10 1.24 -18.34 -4.49
N ILE A 11 0.88 -18.83 -5.68
CA ILE A 11 -0.52 -19.08 -5.98
C ILE A 11 -1.08 -20.16 -5.06
N ILE A 12 -0.38 -21.29 -4.98
CA ILE A 12 -0.84 -22.39 -4.13
C ILE A 12 -0.95 -21.94 -2.68
N GLY A 13 0.08 -21.25 -2.19
CA GLY A 13 0.05 -20.80 -0.80
C GLY A 13 -1.17 -19.97 -0.48
N ARG A 14 -1.50 -19.01 -1.36
CA ARG A 14 -2.68 -18.18 -1.14
C ARG A 14 -3.94 -19.02 -1.14
N LEU A 15 -4.02 -20.03 -2.02
CA LEU A 15 -5.23 -20.85 -2.08
C LEU A 15 -5.38 -21.69 -0.82
N LEU A 16 -4.28 -22.17 -0.24
CA LEU A 16 -4.35 -23.07 0.90
C LEU A 16 -4.45 -22.35 2.25
N GLU A 17 -4.08 -21.08 2.33
CA GLU A 17 -4.02 -20.41 3.63
C GLU A 17 -5.38 -19.93 4.13
N VAL A 18 -6.46 -20.08 3.33
CA VAL A 18 -7.80 -19.84 3.87
C VAL A 18 -8.28 -21.02 4.71
N GLN A 19 -7.54 -22.13 4.70
CA GLN A 19 -7.83 -23.26 5.58
C GLN A 19 -7.97 -22.76 7.02
N GLY A 20 -9.04 -23.19 7.68
CA GLY A 20 -9.36 -22.72 9.01
C GLY A 20 -10.30 -21.53 9.06
N SER A 21 -10.35 -20.73 8.00
CA SER A 21 -11.30 -19.64 7.93
C SER A 21 -12.72 -20.17 7.81
N ARG A 22 -13.68 -19.25 7.93
CA ARG A 22 -15.08 -19.61 7.73
C ARG A 22 -15.31 -20.01 6.28
N PRO A 23 -15.86 -21.20 6.01
CA PRO A 23 -16.16 -21.58 4.63
C PRO A 23 -16.91 -20.49 3.88
N GLY A 24 -16.48 -20.25 2.64
CA GLY A 24 -17.03 -19.20 1.79
C GLY A 24 -16.05 -18.09 1.47
N LYS A 25 -15.04 -17.88 2.31
CA LYS A 25 -14.09 -16.80 2.08
C LYS A 25 -13.32 -17.04 0.79
N ASN A 26 -13.11 -15.97 0.02
CA ASN A 26 -12.52 -16.07 -1.30
C ASN A 26 -11.00 -16.00 -1.25
N VAL A 27 -10.38 -16.50 -2.31
CA VAL A 27 -8.95 -16.31 -2.57
C VAL A 27 -8.84 -15.38 -3.77
N GLN A 28 -8.06 -14.30 -3.60
CA GLN A 28 -7.94 -13.27 -4.63
C GLN A 28 -6.68 -13.54 -5.44
N LEU A 29 -6.85 -14.23 -6.57
CA LEU A 29 -5.79 -14.34 -7.57
C LEU A 29 -6.03 -13.30 -8.66
N THR A 30 -4.94 -12.84 -9.27
CA THR A 30 -5.07 -11.89 -10.37
C THR A 30 -5.59 -12.61 -11.61
N GLU A 31 -6.17 -11.82 -12.52
CA GLU A 31 -6.65 -12.38 -13.78
C GLU A 31 -5.53 -13.09 -14.53
N ASN A 32 -4.33 -12.48 -14.56
CA ASN A 32 -3.23 -13.09 -15.29
C ASN A 32 -2.74 -14.37 -14.64
N GLU A 33 -2.81 -14.45 -13.31
CA GLU A 33 -2.45 -15.70 -12.63
C GLU A 33 -3.42 -16.82 -12.98
N ILE A 34 -4.72 -16.51 -13.03
CA ILE A 34 -5.69 -17.54 -13.41
C ILE A 34 -5.49 -17.93 -14.87
N ARG A 35 -5.27 -16.94 -15.75
CA ARG A 35 -4.94 -17.25 -17.13
C ARG A 35 -3.69 -18.12 -17.22
N GLY A 36 -2.68 -17.82 -16.40
CA GLY A 36 -1.49 -18.65 -16.37
C GLY A 36 -1.77 -20.07 -15.96
N LEU A 37 -2.59 -20.26 -14.93
CA LEU A 37 -2.98 -21.61 -14.53
C LEU A 37 -3.64 -22.36 -15.67
N CYS A 38 -4.55 -21.71 -16.40
CA CYS A 38 -5.27 -22.39 -17.47
C CYS A 38 -4.35 -22.75 -18.62
N LEU A 39 -3.58 -21.79 -19.11
CA LEU A 39 -2.75 -22.03 -20.28
C LEU A 39 -1.67 -23.07 -20.00
N LYS A 40 -1.06 -23.02 -18.82
CA LYS A 40 -0.01 -23.98 -18.49
C LYS A 40 -0.59 -25.37 -18.27
N SER A 41 -1.67 -25.47 -17.47
CA SER A 41 -2.28 -26.77 -17.25
C SER A 41 -2.79 -27.37 -18.55
N ARG A 42 -3.38 -26.53 -19.40
CA ARG A 42 -3.84 -27.00 -20.71
C ARG A 42 -2.72 -27.67 -21.49
N GLU A 43 -1.52 -27.08 -21.48
CA GLU A 43 -0.39 -27.69 -22.16
C GLU A 43 -0.07 -29.06 -21.58
N ILE A 44 -0.10 -29.18 -20.25
CA ILE A 44 0.18 -30.46 -19.62
C ILE A 44 -0.89 -31.48 -19.99
N PHE A 45 -2.16 -31.08 -19.93
CA PHE A 45 -3.24 -31.99 -20.30
C PHE A 45 -3.03 -32.52 -21.72
N LEU A 46 -2.63 -31.64 -22.64
CA LEU A 46 -2.43 -32.07 -24.02
C LEU A 46 -1.18 -32.92 -24.18
N SER A 47 -0.18 -32.72 -23.33
CA SER A 47 1.03 -33.53 -23.41
C SER A 47 0.84 -34.94 -22.88
N GLN A 48 -0.22 -35.17 -22.11
CA GLN A 48 -0.52 -36.48 -21.56
C GLN A 48 -1.66 -37.12 -22.34
N PRO A 49 -1.82 -38.44 -22.25
CA PRO A 49 -2.82 -39.13 -23.08
C PRO A 49 -4.25 -38.80 -22.66
N ILE A 50 -5.16 -38.89 -23.62
CA ILE A 50 -6.57 -38.67 -23.34
C ILE A 50 -7.15 -39.84 -22.56
N LEU A 51 -6.57 -41.03 -22.72
CA LEU A 51 -6.85 -42.19 -21.87
C LEU A 51 -5.64 -42.39 -20.98
N LEU A 52 -5.73 -41.95 -19.73
CA LEU A 52 -4.58 -42.00 -18.83
C LEU A 52 -4.31 -43.44 -18.42
N GLU A 53 -3.02 -43.79 -18.35
CA GLU A 53 -2.56 -45.08 -17.87
C GLU A 53 -1.75 -44.82 -16.60
N LEU A 54 -2.38 -45.01 -15.45
CA LEU A 54 -1.80 -44.64 -14.17
C LEU A 54 -1.35 -45.89 -13.41
N GLU A 55 -0.71 -45.66 -12.27
CA GLU A 55 -0.21 -46.73 -11.43
C GLU A 55 -0.48 -46.41 -9.98
N ALA A 56 -0.82 -47.42 -9.19
CA ALA A 56 -0.95 -47.26 -7.75
C ALA A 56 0.44 -47.05 -7.16
N PRO A 57 0.53 -46.42 -5.97
CA PRO A 57 -0.54 -45.93 -5.09
C PRO A 57 -1.26 -44.68 -5.60
N LEU A 58 -2.55 -44.56 -5.26
CA LEU A 58 -3.39 -43.52 -5.81
C LEU A 58 -4.66 -43.41 -4.99
N LYS A 59 -5.14 -42.18 -4.80
CA LYS A 59 -6.42 -41.91 -4.16
C LYS A 59 -7.36 -41.29 -5.18
N ILE A 60 -8.56 -41.87 -5.32
CA ILE A 60 -9.52 -41.49 -6.34
C ILE A 60 -10.70 -40.80 -5.66
N CYS A 61 -11.13 -39.67 -6.23
CA CYS A 61 -12.16 -38.84 -5.64
C CYS A 61 -13.24 -38.50 -6.67
N GLY A 62 -14.46 -38.31 -6.18
CA GLY A 62 -15.60 -37.96 -7.00
C GLY A 62 -15.92 -36.48 -6.98
N ASP A 63 -17.18 -36.18 -7.30
CA ASP A 63 -17.59 -34.79 -7.54
C ASP A 63 -17.23 -33.88 -6.37
N ILE A 64 -16.92 -32.63 -6.70
CA ILE A 64 -16.69 -31.57 -5.72
C ILE A 64 -17.67 -30.42 -5.90
N HIS A 65 -17.97 -30.06 -7.14
CA HIS A 65 -18.93 -29.00 -7.48
C HIS A 65 -18.70 -27.75 -6.64
N GLY A 66 -17.47 -27.23 -6.73
CA GLY A 66 -17.14 -25.95 -6.15
C GLY A 66 -17.29 -25.83 -4.66
N GLN A 67 -17.34 -26.96 -3.95
CA GLN A 67 -17.39 -26.95 -2.48
C GLN A 67 -15.97 -26.90 -1.96
N TYR A 68 -15.37 -25.70 -2.08
CA TYR A 68 -13.92 -25.57 -1.95
C TYR A 68 -13.43 -26.02 -0.59
N TYR A 69 -14.14 -25.66 0.48
CA TYR A 69 -13.67 -26.01 1.81
C TYR A 69 -13.86 -27.49 2.11
N ASP A 70 -14.74 -28.17 1.39
CA ASP A 70 -14.78 -29.62 1.47
C ASP A 70 -13.60 -30.25 0.72
N LEU A 71 -13.13 -29.61 -0.35
CA LEU A 71 -11.92 -30.09 -1.01
C LEU A 71 -10.71 -29.94 -0.09
N LEU A 72 -10.59 -28.81 0.60
CA LEU A 72 -9.49 -28.64 1.55
C LEU A 72 -9.58 -29.68 2.67
N ARG A 73 -10.79 -29.92 3.19
CA ARG A 73 -10.97 -30.94 4.22
C ARG A 73 -10.59 -32.32 3.68
N LEU A 74 -10.94 -32.60 2.42
CA LEU A 74 -10.55 -33.85 1.80
C LEU A 74 -9.03 -34.00 1.80
N PHE A 75 -8.32 -32.94 1.37
CA PHE A 75 -6.87 -33.00 1.32
C PHE A 75 -6.27 -33.13 2.73
N GLU A 76 -6.82 -32.41 3.71
CA GLU A 76 -6.38 -32.61 5.09
C GLU A 76 -6.46 -34.07 5.49
N TYR A 77 -7.56 -34.72 5.10
CA TYR A 77 -7.85 -36.10 5.48
C TYR A 77 -6.94 -37.08 4.74
N GLY A 78 -6.88 -36.97 3.42
CA GLY A 78 -6.10 -37.89 2.61
C GLY A 78 -4.65 -37.52 2.42
N GLY A 79 -4.27 -36.30 2.82
CA GLY A 79 -2.90 -35.85 2.64
C GLY A 79 -2.77 -34.84 1.53
N PHE A 80 -2.18 -33.69 1.83
CA PHE A 80 -1.99 -32.68 0.80
C PHE A 80 -0.94 -33.15 -0.20
N PRO A 81 -1.19 -32.99 -1.50
CA PRO A 81 -0.15 -33.34 -2.49
C PRO A 81 1.18 -32.74 -2.10
N PRO A 82 2.29 -33.48 -2.28
CA PRO A 82 2.40 -34.81 -2.89
C PRO A 82 2.42 -35.95 -1.88
N GLU A 83 1.87 -35.72 -0.68
CA GLU A 83 1.86 -36.77 0.33
C GLU A 83 1.06 -37.98 -0.15
N SER A 84 0.02 -37.76 -0.96
CA SER A 84 -0.69 -38.81 -1.64
C SER A 84 -0.81 -38.44 -3.11
N ASN A 85 -0.90 -39.44 -3.97
CA ASN A 85 -1.25 -39.24 -5.36
C ASN A 85 -2.76 -39.21 -5.49
N TYR A 86 -3.26 -38.42 -6.43
CA TYR A 86 -4.69 -38.16 -6.54
C TYR A 86 -5.16 -38.30 -7.99
N LEU A 87 -6.33 -38.90 -8.13
CA LEU A 87 -7.10 -38.87 -9.37
C LEU A 87 -8.49 -38.38 -9.02
N PHE A 88 -8.94 -37.30 -9.67
CA PHE A 88 -10.29 -36.81 -9.53
C PHE A 88 -11.09 -37.14 -10.78
N LEU A 89 -12.39 -37.42 -10.60
CA LEU A 89 -13.23 -37.97 -11.65
C LEU A 89 -14.14 -36.95 -12.30
N GLY A 90 -13.95 -35.66 -12.03
CA GLY A 90 -14.63 -34.61 -12.76
C GLY A 90 -15.66 -33.88 -11.93
N ASP A 91 -16.34 -32.93 -12.59
CA ASP A 91 -17.33 -32.06 -11.98
C ASP A 91 -16.73 -31.27 -10.82
N TYR A 92 -15.81 -30.38 -11.20
CA TYR A 92 -15.15 -29.50 -10.25
C TYR A 92 -15.90 -28.21 -10.03
N VAL A 93 -16.66 -27.76 -11.03
CA VAL A 93 -17.34 -26.47 -10.99
C VAL A 93 -18.84 -26.66 -10.98
N ASP A 94 -19.57 -25.54 -10.88
CA ASP A 94 -21.03 -25.48 -10.93
C ASP A 94 -21.68 -25.90 -9.61
N ARG A 95 -22.86 -25.31 -9.35
CA ARG A 95 -23.70 -25.60 -8.20
C ARG A 95 -23.12 -24.97 -6.94
N GLY A 96 -21.93 -25.38 -6.54
CA GLY A 96 -21.29 -24.77 -5.39
C GLY A 96 -20.92 -23.33 -5.64
N LYS A 97 -20.50 -22.65 -4.58
CA LYS A 97 -20.29 -21.21 -4.63
C LYS A 97 -18.86 -20.81 -4.97
N GLN A 98 -17.90 -21.74 -4.87
CA GLN A 98 -16.48 -21.41 -5.02
C GLN A 98 -15.82 -22.35 -6.02
N SER A 99 -16.34 -22.33 -7.25
CA SER A 99 -15.77 -23.14 -8.32
C SER A 99 -14.38 -22.64 -8.69
N LEU A 100 -14.18 -21.31 -8.70
CA LEU A 100 -12.90 -20.76 -9.14
C LEU A 100 -11.77 -21.15 -8.19
N GLU A 101 -12.00 -21.03 -6.88
CA GLU A 101 -11.00 -21.52 -5.92
C GLU A 101 -10.73 -23.00 -6.13
N THR A 102 -11.79 -23.77 -6.41
CA THR A 102 -11.65 -25.22 -6.55
C THR A 102 -10.83 -25.59 -7.78
N ILE A 103 -11.19 -25.06 -8.94
CA ILE A 103 -10.48 -25.45 -10.16
C ILE A 103 -9.07 -24.88 -10.17
N CYS A 104 -8.87 -23.69 -9.59
CA CYS A 104 -7.53 -23.10 -9.59
C CYS A 104 -6.56 -23.92 -8.75
N LEU A 105 -7.00 -24.40 -7.58
CA LEU A 105 -6.14 -25.26 -6.77
C LEU A 105 -5.85 -26.55 -7.50
N LEU A 106 -6.86 -27.17 -8.10
CA LEU A 106 -6.65 -28.42 -8.83
C LEU A 106 -5.69 -28.23 -9.99
N LEU A 107 -5.84 -27.14 -10.74
CA LEU A 107 -4.93 -26.89 -11.86
C LEU A 107 -3.54 -26.54 -11.37
N ALA A 108 -3.44 -25.77 -10.29
CA ALA A 108 -2.13 -25.47 -9.72
C ALA A 108 -1.42 -26.75 -9.31
N TYR A 109 -2.14 -27.68 -8.68
CA TYR A 109 -1.55 -28.95 -8.29
C TYR A 109 -1.19 -29.80 -9.51
N LYS A 110 -1.95 -29.68 -10.60
CA LYS A 110 -1.58 -30.40 -11.81
C LYS A 110 -0.28 -29.86 -12.40
N ILE A 111 -0.09 -28.54 -12.31
CA ILE A 111 1.15 -27.94 -12.80
C ILE A 111 2.30 -28.28 -11.88
N LYS A 112 2.04 -28.30 -10.57
CA LYS A 112 3.10 -28.51 -9.57
C LYS A 112 3.52 -29.97 -9.51
N TYR A 113 2.58 -30.90 -9.63
CA TYR A 113 2.85 -32.33 -9.52
C TYR A 113 2.19 -33.04 -10.70
N PRO A 114 2.70 -32.80 -11.93
CA PRO A 114 2.01 -33.33 -13.12
C PRO A 114 2.02 -34.85 -13.23
N GLU A 115 2.92 -35.55 -12.54
CA GLU A 115 2.96 -37.01 -12.60
C GLU A 115 2.27 -37.67 -11.41
N ASN A 116 1.80 -36.88 -10.44
CA ASN A 116 1.21 -37.41 -9.21
C ASN A 116 -0.18 -36.88 -8.95
N PHE A 117 -0.79 -36.22 -9.94
CA PHE A 117 -2.05 -35.51 -9.73
C PHE A 117 -2.77 -35.44 -11.06
N PHE A 118 -4.01 -35.93 -11.09
CA PHE A 118 -4.71 -36.13 -12.35
C PHE A 118 -6.17 -35.75 -12.20
N LEU A 119 -6.71 -35.15 -13.26
CA LEU A 119 -8.07 -34.67 -13.31
C LEU A 119 -8.72 -35.20 -14.58
N LEU A 120 -9.84 -35.89 -14.44
CA LEU A 120 -10.62 -36.33 -15.58
C LEU A 120 -11.72 -35.31 -15.87
N ARG A 121 -12.28 -35.41 -17.06
CA ARG A 121 -13.31 -34.48 -17.50
C ARG A 121 -14.68 -34.97 -17.04
N GLY A 122 -15.43 -34.09 -16.38
CA GLY A 122 -16.80 -34.35 -16.02
C GLY A 122 -17.75 -33.63 -16.96
N ASN A 123 -19.03 -33.99 -16.86
CA ASN A 123 -19.99 -33.37 -17.76
C ASN A 123 -20.18 -31.89 -17.48
N HIS A 124 -19.73 -31.39 -16.32
CA HIS A 124 -19.80 -29.96 -16.05
C HIS A 124 -18.55 -29.20 -16.48
N GLU A 125 -17.56 -29.89 -17.03
CA GLU A 125 -16.43 -29.22 -17.69
C GLU A 125 -16.65 -29.11 -19.19
N CYS A 126 -17.80 -28.58 -19.57
CA CYS A 126 -18.10 -28.29 -20.97
C CYS A 126 -18.94 -27.02 -21.02
N ALA A 127 -18.71 -26.21 -22.05
CA ALA A 127 -19.23 -24.85 -22.05
C ALA A 127 -20.75 -24.81 -21.95
N SER A 128 -21.44 -25.77 -22.60
CA SER A 128 -22.90 -25.72 -22.61
C SER A 128 -23.46 -25.95 -21.21
N ILE A 129 -22.82 -26.79 -20.41
CA ILE A 129 -23.34 -27.09 -19.08
C ILE A 129 -22.95 -25.99 -18.09
N ASN A 130 -21.66 -25.69 -17.97
CA ASN A 130 -21.26 -24.73 -16.94
C ASN A 130 -21.51 -23.28 -17.37
N ARG A 131 -22.04 -23.06 -18.58
CA ARG A 131 -22.64 -21.77 -18.90
C ARG A 131 -23.90 -21.53 -18.06
N ILE A 132 -24.59 -22.60 -17.69
CA ILE A 132 -25.90 -22.51 -17.06
C ILE A 132 -25.82 -22.77 -15.56
N TYR A 133 -25.05 -23.77 -15.15
CA TYR A 133 -25.10 -24.28 -13.78
C TYR A 133 -24.18 -23.55 -12.82
N GLY A 134 -23.71 -22.34 -13.17
CA GLY A 134 -23.09 -21.47 -12.18
C GLY A 134 -21.70 -20.95 -12.48
N PHE A 135 -20.84 -21.78 -13.07
CA PHE A 135 -19.44 -21.37 -13.25
C PHE A 135 -19.35 -20.08 -14.06
N TYR A 136 -20.06 -20.02 -15.19
CA TYR A 136 -20.04 -18.82 -16.01
C TYR A 136 -20.44 -17.59 -15.22
N ASP A 137 -21.50 -17.70 -14.42
CA ASP A 137 -21.91 -16.56 -13.59
C ASP A 137 -20.82 -16.18 -12.60
N GLU A 138 -20.07 -17.17 -12.11
CA GLU A 138 -19.00 -16.89 -11.17
C GLU A 138 -17.86 -16.13 -11.84
N CYS A 139 -17.50 -16.51 -13.07
CA CYS A 139 -16.43 -15.82 -13.77
C CYS A 139 -16.81 -14.39 -14.12
N LYS A 140 -18.03 -14.20 -14.64
CA LYS A 140 -18.48 -12.85 -14.97
C LYS A 140 -18.50 -11.97 -13.73
N ARG A 141 -18.92 -12.52 -12.59
CA ARG A 141 -19.10 -11.72 -11.38
C ARG A 141 -17.76 -11.25 -10.82
N ARG A 142 -16.78 -12.15 -10.72
CA ARG A 142 -15.52 -11.82 -10.10
C ARG A 142 -14.46 -11.35 -11.10
N TYR A 143 -14.63 -11.66 -12.37
CA TYR A 143 -13.64 -11.28 -13.38
C TYR A 143 -14.32 -10.82 -14.67
N ASN A 144 -14.38 -11.67 -15.69
CA ASN A 144 -15.03 -11.28 -16.94
C ASN A 144 -15.36 -12.52 -17.76
N ILE A 145 -16.14 -12.30 -18.82
CA ILE A 145 -16.57 -13.40 -19.68
C ILE A 145 -15.38 -14.05 -20.36
N LYS A 146 -14.37 -13.26 -20.73
CA LYS A 146 -13.22 -13.81 -21.43
C LYS A 146 -12.52 -14.89 -20.61
N LEU A 147 -12.49 -14.71 -19.28
CA LEU A 147 -11.83 -15.71 -18.43
C LEU A 147 -12.57 -17.04 -18.51
N TRP A 148 -13.91 -16.99 -18.57
CA TRP A 148 -14.69 -18.22 -18.74
C TRP A 148 -14.33 -18.92 -20.04
N LYS A 149 -14.09 -18.16 -21.11
CA LYS A 149 -13.71 -18.78 -22.38
C LYS A 149 -12.31 -19.36 -22.29
N THR A 150 -11.46 -18.81 -21.43
CA THR A 150 -10.13 -19.37 -21.26
C THR A 150 -10.19 -20.71 -20.51
N PHE A 151 -11.04 -20.79 -19.48
CA PHE A 151 -11.28 -22.08 -18.82
C PHE A 151 -11.86 -23.10 -19.80
N THR A 152 -12.81 -22.66 -20.66
CA THR A 152 -13.37 -23.57 -21.65
C THR A 152 -12.27 -24.19 -22.50
N ASP A 153 -11.30 -23.38 -22.94
CA ASP A 153 -10.20 -23.92 -23.72
C ASP A 153 -9.42 -24.95 -22.94
N CYS A 154 -9.21 -24.71 -21.64
CA CYS A 154 -8.50 -25.66 -20.80
C CYS A 154 -9.33 -26.91 -20.57
N PHE A 155 -10.62 -26.74 -20.25
CA PHE A 155 -11.50 -27.89 -20.06
C PHE A 155 -11.53 -28.78 -21.30
N ASN A 156 -11.59 -28.17 -22.48
CA ASN A 156 -11.71 -28.96 -23.71
C ASN A 156 -10.52 -29.89 -23.93
N CYS A 157 -9.45 -29.76 -23.13
CA CYS A 157 -8.25 -30.56 -23.30
C CYS A 157 -8.09 -31.62 -22.22
N LEU A 158 -9.07 -31.77 -21.33
CA LEU A 158 -8.95 -32.73 -20.24
C LEU A 158 -8.94 -34.17 -20.77
N PRO A 159 -8.24 -35.07 -20.09
CA PRO A 159 -8.40 -36.50 -20.38
C PRO A 159 -9.78 -36.97 -19.97
N ILE A 160 -10.24 -38.03 -20.64
CA ILE A 160 -11.63 -38.46 -20.56
C ILE A 160 -11.78 -39.69 -19.66
N ALA A 161 -10.77 -40.55 -19.67
CA ALA A 161 -10.81 -41.76 -18.85
C ALA A 161 -9.41 -42.10 -18.39
N ALA A 162 -9.32 -43.07 -17.48
CA ALA A 162 -8.04 -43.49 -16.93
C ALA A 162 -8.13 -44.96 -16.54
N ILE A 163 -7.06 -45.70 -16.79
CA ILE A 163 -6.94 -47.10 -16.38
C ILE A 163 -5.81 -47.20 -15.37
N VAL A 164 -6.10 -47.74 -14.19
CA VAL A 164 -5.14 -47.85 -13.11
C VAL A 164 -4.61 -49.27 -13.07
N ASP A 165 -3.32 -49.43 -13.31
CA ASP A 165 -2.64 -50.72 -13.20
C ASP A 165 -3.38 -51.78 -14.01
N GLU A 166 -3.91 -51.38 -15.16
CA GLU A 166 -4.53 -52.28 -16.13
C GLU A 166 -5.70 -53.06 -15.55
N LYS A 167 -6.32 -52.56 -14.47
CA LYS A 167 -7.41 -53.28 -13.82
C LYS A 167 -8.57 -52.42 -13.38
N ILE A 168 -8.42 -51.10 -13.27
CA ILE A 168 -9.49 -50.22 -12.81
C ILE A 168 -9.73 -49.17 -13.89
N PHE A 169 -10.86 -49.26 -14.57
CA PHE A 169 -11.27 -48.28 -15.57
C PHE A 169 -12.02 -47.15 -14.88
N CYS A 170 -11.61 -45.90 -15.15
CA CYS A 170 -12.13 -44.74 -14.45
C CYS A 170 -12.67 -43.72 -15.44
N CYS A 171 -13.89 -43.25 -15.19
CA CYS A 171 -14.45 -42.11 -15.92
C CYS A 171 -15.55 -41.52 -15.04
N HIS A 172 -16.00 -40.30 -15.40
CA HIS A 172 -16.98 -39.63 -14.57
C HIS A 172 -18.32 -40.37 -14.58
N GLY A 173 -18.85 -40.61 -15.78
CA GLY A 173 -20.20 -41.14 -15.91
C GLY A 173 -20.26 -42.65 -15.93
N GLY A 174 -19.92 -43.26 -17.08
CA GLY A 174 -19.97 -44.70 -17.17
C GLY A 174 -19.74 -45.16 -18.59
N LEU A 175 -20.23 -46.37 -18.87
CA LEU A 175 -19.95 -47.03 -20.14
C LEU A 175 -20.83 -46.45 -21.26
N SER A 176 -20.52 -46.85 -22.48
CA SER A 176 -21.24 -46.46 -23.68
C SER A 176 -21.56 -47.70 -24.49
N PRO A 177 -22.70 -47.72 -25.18
CA PRO A 177 -22.91 -48.79 -26.17
C PRO A 177 -21.98 -48.68 -27.36
N ASP A 178 -21.38 -47.51 -27.57
CA ASP A 178 -20.44 -47.29 -28.66
C ASP A 178 -18.99 -47.50 -28.25
N LEU A 179 -18.75 -48.17 -27.12
CA LEU A 179 -17.41 -48.43 -26.62
C LEU A 179 -17.11 -49.91 -26.83
N GLN A 180 -16.44 -50.22 -27.94
CA GLN A 180 -15.99 -51.58 -28.23
C GLN A 180 -14.50 -51.76 -27.98
N SER A 181 -13.71 -50.73 -28.28
CA SER A 181 -12.26 -50.76 -28.13
C SER A 181 -11.78 -49.50 -27.44
N MET A 182 -10.83 -49.65 -26.53
CA MET A 182 -10.23 -48.48 -25.90
C MET A 182 -9.67 -47.51 -26.94
N GLU A 183 -9.32 -48.02 -28.13
CA GLU A 183 -8.77 -47.15 -29.16
C GLU A 183 -9.74 -46.04 -29.53
N GLN A 184 -11.05 -46.30 -29.46
CA GLN A 184 -12.02 -45.27 -29.77
C GLN A 184 -11.88 -44.07 -28.86
N ILE A 185 -11.50 -44.29 -27.60
CA ILE A 185 -11.23 -43.18 -26.70
C ILE A 185 -9.92 -42.50 -27.11
N ARG A 186 -8.89 -43.31 -27.37
CA ARG A 186 -7.57 -42.76 -27.71
C ARG A 186 -7.64 -41.85 -28.94
N ARG A 187 -8.35 -42.29 -29.98
CA ARG A 187 -8.38 -41.53 -31.23
C ARG A 187 -9.14 -40.20 -31.12
N ILE A 188 -9.75 -39.90 -29.98
CA ILE A 188 -10.43 -38.62 -29.82
C ILE A 188 -9.39 -37.51 -29.71
N MET A 189 -9.52 -36.51 -30.57
CA MET A 189 -8.56 -35.42 -30.65
C MET A 189 -9.05 -34.22 -29.84
N ARG A 190 -8.10 -33.52 -29.23
CA ARG A 190 -8.36 -32.36 -28.40
C ARG A 190 -7.67 -31.13 -28.98
N PRO A 191 -8.19 -29.92 -28.72
CA PRO A 191 -9.39 -29.60 -27.95
C PRO A 191 -10.69 -30.07 -28.62
N THR A 192 -11.65 -30.49 -27.80
CA THR A 192 -12.92 -30.98 -28.31
C THR A 192 -14.02 -30.58 -27.34
N ASP A 193 -15.22 -30.39 -27.89
CA ASP A 193 -16.43 -30.20 -27.10
C ASP A 193 -17.00 -31.56 -26.71
N VAL A 194 -18.02 -31.54 -25.88
CA VAL A 194 -18.76 -32.74 -25.49
C VAL A 194 -20.00 -32.83 -26.39
N PRO A 195 -20.12 -33.87 -27.22
CA PRO A 195 -21.27 -33.95 -28.12
C PRO A 195 -22.57 -34.16 -27.37
N ASP A 196 -23.68 -34.08 -28.12
CA ASP A 196 -24.99 -34.30 -27.53
C ASP A 196 -25.31 -35.77 -27.35
N GLN A 197 -24.57 -36.65 -28.02
CA GLN A 197 -24.78 -38.09 -27.88
C GLN A 197 -23.53 -38.79 -28.40
N GLY A 198 -23.50 -40.11 -28.23
CA GLY A 198 -22.36 -40.90 -28.66
C GLY A 198 -21.38 -41.15 -27.54
N LEU A 199 -20.24 -41.75 -27.92
CA LEU A 199 -19.30 -42.27 -26.94
C LEU A 199 -18.86 -41.19 -25.95
N LEU A 200 -18.37 -40.05 -26.45
CA LEU A 200 -17.84 -39.04 -25.54
C LEU A 200 -18.92 -38.50 -24.63
N CYS A 201 -20.16 -38.44 -25.12
CA CYS A 201 -21.29 -38.04 -24.28
C CYS A 201 -21.57 -39.08 -23.21
N ASP A 202 -21.77 -40.34 -23.63
CA ASP A 202 -22.10 -41.40 -22.68
C ASP A 202 -21.04 -41.50 -21.58
N LEU A 203 -19.76 -41.45 -21.95
CA LEU A 203 -18.69 -41.62 -20.97
C LEU A 203 -18.77 -40.60 -19.84
N LEU A 204 -19.37 -39.44 -20.09
CA LEU A 204 -19.49 -38.40 -19.09
C LEU A 204 -20.90 -38.26 -18.52
N TRP A 205 -21.88 -39.00 -19.05
CA TRP A 205 -23.28 -38.80 -18.67
C TRP A 205 -24.03 -40.05 -18.22
N SER A 206 -23.58 -41.26 -18.59
CA SER A 206 -24.37 -42.45 -18.33
C SER A 206 -24.34 -42.83 -16.84
N ASP A 207 -25.31 -43.64 -16.44
CA ASP A 207 -25.47 -44.10 -15.07
C ASP A 207 -25.78 -45.58 -15.04
N PRO A 208 -25.34 -46.29 -14.01
CA PRO A 208 -25.76 -47.68 -13.83
C PRO A 208 -27.16 -47.77 -13.25
N ASP A 209 -27.84 -48.87 -13.56
CA ASP A 209 -29.21 -49.08 -13.07
C ASP A 209 -29.44 -50.56 -12.80
N LYS A 210 -29.90 -50.87 -11.59
CA LYS A 210 -30.12 -52.25 -11.18
C LYS A 210 -31.22 -52.93 -11.99
N ASP A 211 -32.24 -52.17 -12.39
CA ASP A 211 -33.42 -52.75 -13.03
C ASP A 211 -33.28 -52.90 -14.54
N VAL A 212 -32.06 -52.81 -15.07
CA VAL A 212 -31.83 -52.86 -16.51
C VAL A 212 -30.94 -54.07 -16.81
N GLN A 213 -31.39 -54.92 -17.73
CA GLN A 213 -30.58 -56.07 -18.12
C GLN A 213 -29.41 -55.61 -18.98
N GLY A 214 -29.66 -54.76 -19.97
CA GLY A 214 -28.63 -54.23 -20.83
C GLY A 214 -28.53 -52.72 -20.78
N TRP A 215 -29.29 -52.05 -21.65
CA TRP A 215 -29.31 -50.60 -21.72
C TRP A 215 -30.74 -50.09 -21.50
N GLY A 216 -30.84 -48.92 -20.87
CA GLY A 216 -32.13 -48.36 -20.51
C GLY A 216 -32.12 -46.86 -20.65
N GLU A 217 -33.26 -46.25 -20.34
CA GLU A 217 -33.41 -44.81 -20.44
C GLU A 217 -32.78 -44.13 -19.23
N ASN A 218 -32.18 -42.97 -19.46
CA ASN A 218 -31.57 -42.16 -18.41
C ASN A 218 -32.49 -40.99 -18.11
N ASP A 219 -32.88 -40.86 -16.84
CA ASP A 219 -33.79 -39.80 -16.45
C ASP A 219 -33.20 -38.40 -16.59
N ARG A 220 -31.91 -38.29 -16.92
CA ARG A 220 -31.32 -36.97 -17.17
C ARG A 220 -31.76 -36.38 -18.51
N GLY A 221 -32.37 -37.17 -19.38
CA GLY A 221 -32.60 -36.74 -20.74
C GLY A 221 -31.37 -36.77 -21.61
N VAL A 222 -30.30 -37.44 -21.16
CA VAL A 222 -29.03 -37.50 -21.87
C VAL A 222 -28.48 -38.92 -21.71
N SER A 223 -27.90 -39.44 -22.78
CA SER A 223 -27.21 -40.75 -22.74
C SER A 223 -28.19 -41.84 -22.28
N PHE A 224 -27.65 -42.90 -21.68
CA PHE A 224 -28.42 -44.08 -21.30
C PHE A 224 -28.07 -44.50 -19.88
N THR A 225 -28.81 -45.51 -19.40
CA THR A 225 -28.45 -46.30 -18.24
C THR A 225 -27.94 -47.66 -18.70
N PHE A 226 -27.15 -48.32 -17.86
CA PHE A 226 -26.60 -49.63 -18.19
C PHE A 226 -26.70 -50.57 -16.99
N GLY A 227 -26.83 -51.87 -17.31
CA GLY A 227 -27.05 -52.89 -16.31
C GLY A 227 -25.76 -53.60 -15.89
N ALA A 228 -25.93 -54.53 -14.94
CA ALA A 228 -24.79 -55.18 -14.32
C ALA A 228 -24.12 -56.15 -15.28
N GLU A 229 -24.91 -56.86 -16.10
CA GLU A 229 -24.30 -57.77 -17.06
C GLU A 229 -23.49 -57.01 -18.10
N VAL A 230 -23.93 -55.80 -18.45
CA VAL A 230 -23.11 -54.93 -19.30
C VAL A 230 -21.78 -54.65 -18.64
N VAL A 231 -21.81 -54.41 -17.32
CA VAL A 231 -20.57 -54.19 -16.58
C VAL A 231 -19.72 -55.47 -16.58
N ALA A 232 -20.35 -56.61 -16.32
CA ALA A 232 -19.61 -57.86 -16.28
C ALA A 232 -19.03 -58.21 -17.65
N LYS A 233 -19.82 -58.01 -18.71
CA LYS A 233 -19.31 -58.30 -20.05
C LYS A 233 -18.14 -57.38 -20.40
N PHE A 234 -18.26 -56.09 -20.06
CA PHE A 234 -17.19 -55.14 -20.33
C PHE A 234 -15.89 -55.55 -19.64
N LEU A 235 -15.98 -55.91 -18.35
CA LEU A 235 -14.78 -56.26 -17.61
C LEU A 235 -14.11 -57.51 -18.17
N HIS A 236 -14.90 -58.52 -18.52
CA HIS A 236 -14.33 -59.76 -19.05
C HIS A 236 -13.58 -59.51 -20.36
N LYS A 237 -14.16 -58.68 -21.23
CA LYS A 237 -13.58 -58.48 -22.55
C LYS A 237 -12.21 -57.82 -22.48
N HIS A 238 -12.06 -56.82 -21.61
CA HIS A 238 -10.80 -56.09 -21.47
C HIS A 238 -10.01 -56.55 -20.25
N ASP A 239 -10.40 -57.66 -19.62
CA ASP A 239 -9.70 -58.20 -18.46
C ASP A 239 -9.48 -57.13 -17.40
N LEU A 240 -10.55 -56.44 -17.04
CA LEU A 240 -10.54 -55.45 -15.98
C LEU A 240 -11.27 -56.00 -14.76
N ASP A 241 -10.98 -55.41 -13.59
CA ASP A 241 -11.56 -55.86 -12.34
C ASP A 241 -12.57 -54.89 -11.74
N LEU A 242 -12.56 -53.61 -12.13
CA LEU A 242 -13.44 -52.65 -11.49
C LEU A 242 -13.65 -51.46 -12.42
N ILE A 243 -14.89 -50.97 -12.46
CA ILE A 243 -15.21 -49.67 -13.02
C ILE A 243 -15.41 -48.71 -11.87
N CYS A 244 -14.60 -47.66 -11.82
CA CYS A 244 -14.69 -46.62 -10.79
C CYS A 244 -15.19 -45.34 -11.44
N ARG A 245 -16.35 -44.87 -10.97
CA ARG A 245 -16.97 -43.68 -11.54
C ARG A 245 -17.57 -42.84 -10.42
N ALA A 246 -18.19 -41.73 -10.80
CA ALA A 246 -18.81 -40.81 -9.84
C ALA A 246 -20.20 -40.44 -10.33
N HIS A 247 -20.48 -39.13 -10.48
CA HIS A 247 -21.61 -38.66 -11.27
C HIS A 247 -22.93 -38.74 -10.50
N GLN A 248 -23.01 -39.61 -9.50
CA GLN A 248 -24.22 -39.78 -8.70
C GLN A 248 -23.88 -39.69 -7.21
N VAL A 249 -24.67 -38.93 -6.46
CA VAL A 249 -24.52 -38.87 -5.01
C VAL A 249 -24.98 -40.18 -4.40
N VAL A 250 -24.20 -40.69 -3.46
CA VAL A 250 -24.50 -41.92 -2.75
C VAL A 250 -24.29 -41.66 -1.26
N GLU A 251 -25.06 -42.37 -0.42
CA GLU A 251 -25.18 -41.96 0.97
C GLU A 251 -23.87 -42.08 1.73
N ASP A 252 -23.11 -43.15 1.51
CA ASP A 252 -21.86 -43.38 2.22
C ASP A 252 -20.65 -42.79 1.50
N GLY A 253 -20.86 -42.03 0.43
CA GLY A 253 -19.76 -41.50 -0.35
C GLY A 253 -19.24 -42.49 -1.37
N TYR A 254 -19.35 -43.78 -1.06
CA TYR A 254 -19.03 -44.85 -2.00
C TYR A 254 -20.16 -45.88 -1.98
N GLU A 255 -20.46 -46.44 -3.14
CA GLU A 255 -21.55 -47.40 -3.26
C GLU A 255 -21.25 -48.36 -4.40
N PHE A 256 -21.33 -49.65 -4.11
CA PHE A 256 -20.99 -50.70 -5.08
C PHE A 256 -22.17 -51.05 -5.96
N PHE A 257 -21.87 -51.74 -7.06
CA PHE A 257 -22.86 -52.12 -8.06
C PHE A 257 -22.34 -53.34 -8.80
N ALA A 258 -23.27 -54.21 -9.20
CA ALA A 258 -22.93 -55.37 -10.03
C ALA A 258 -21.94 -56.29 -9.32
N LYS A 259 -22.25 -56.62 -8.06
CA LYS A 259 -21.43 -57.53 -7.26
C LYS A 259 -20.02 -56.98 -7.06
N ARG A 260 -19.93 -55.68 -6.76
CA ARG A 260 -18.69 -54.98 -6.47
C ARG A 260 -17.77 -54.88 -7.69
N GLN A 261 -18.33 -54.99 -8.89
CA GLN A 261 -17.57 -54.79 -10.12
C GLN A 261 -17.56 -53.34 -10.57
N LEU A 262 -18.44 -52.51 -10.02
CA LEU A 262 -18.47 -51.08 -10.29
C LEU A 262 -18.72 -50.37 -8.97
N VAL A 263 -18.01 -49.28 -8.74
CA VAL A 263 -18.20 -48.46 -7.55
C VAL A 263 -18.42 -47.03 -7.98
N THR A 264 -19.36 -46.35 -7.32
CA THR A 264 -19.57 -44.93 -7.47
C THR A 264 -18.89 -44.20 -6.32
N LEU A 265 -18.06 -43.22 -6.65
CA LEU A 265 -17.43 -42.36 -5.66
C LEU A 265 -18.01 -40.96 -5.76
N PHE A 266 -18.28 -40.36 -4.61
CA PHE A 266 -18.81 -39.01 -4.53
C PHE A 266 -18.15 -38.32 -3.34
N SER A 267 -17.48 -37.19 -3.60
CA SER A 267 -16.62 -36.58 -2.61
C SER A 267 -17.18 -35.29 -2.03
N ALA A 268 -18.42 -34.91 -2.37
CA ALA A 268 -19.04 -33.72 -1.83
C ALA A 268 -20.03 -34.12 -0.74
N PRO A 269 -19.66 -34.09 0.54
CA PRO A 269 -20.61 -34.47 1.59
C PRO A 269 -21.71 -33.43 1.73
N ASN A 270 -22.83 -33.87 2.28
CA ASN A 270 -23.98 -32.97 2.48
C ASN A 270 -24.29 -32.24 1.18
N TYR A 271 -24.29 -33.01 0.09
CA TYR A 271 -24.28 -32.46 -1.27
C TYR A 271 -25.39 -31.45 -1.48
N CYS A 272 -25.01 -30.24 -1.90
CA CYS A 272 -25.92 -29.12 -2.13
C CYS A 272 -26.74 -28.76 -0.89
N GLY A 273 -26.34 -29.25 0.28
CA GLY A 273 -27.13 -29.03 1.48
C GLY A 273 -28.48 -29.70 1.42
N GLU A 274 -28.70 -30.52 0.38
CA GLU A 274 -29.97 -31.19 0.17
C GLU A 274 -29.96 -32.64 0.62
N PHE A 275 -28.79 -33.30 0.59
CA PHE A 275 -28.66 -34.68 1.01
C PHE A 275 -27.79 -34.75 2.26
N ASP A 276 -27.97 -35.83 3.02
CA ASP A 276 -27.16 -36.10 4.21
C ASP A 276 -26.09 -37.14 3.92
N ASN A 277 -25.47 -37.03 2.75
CA ASN A 277 -24.49 -38.00 2.28
C ASN A 277 -23.10 -37.70 2.83
N ALA A 278 -22.31 -38.76 2.98
CA ALA A 278 -20.88 -38.63 3.22
C ALA A 278 -20.14 -38.44 1.90
N GLY A 279 -18.96 -37.84 2.00
CA GLY A 279 -18.02 -37.78 0.88
C GLY A 279 -16.92 -38.80 1.11
N ALA A 280 -16.55 -39.50 0.03
CA ALA A 280 -15.59 -40.60 0.13
C ALA A 280 -14.49 -40.44 -0.90
N MET A 281 -13.40 -41.16 -0.64
CA MET A 281 -12.31 -41.35 -1.59
C MET A 281 -11.86 -42.79 -1.46
N MET A 282 -11.30 -43.33 -2.53
CA MET A 282 -10.85 -44.72 -2.56
C MET A 282 -9.34 -44.75 -2.71
N SER A 283 -8.68 -45.46 -1.81
CA SER A 283 -7.23 -45.61 -1.84
C SER A 283 -6.86 -46.94 -2.46
N VAL A 284 -5.98 -46.91 -3.45
CA VAL A 284 -5.48 -48.11 -4.11
C VAL A 284 -3.98 -48.18 -3.82
N ASP A 285 -3.55 -49.18 -3.06
CA ASP A 285 -2.13 -49.32 -2.77
C ASP A 285 -1.46 -50.19 -3.83
N GLU A 286 -0.15 -50.44 -3.65
CA GLU A 286 0.63 -51.06 -4.71
C GLU A 286 0.15 -52.46 -5.06
N THR A 287 -0.49 -53.16 -4.12
CA THR A 287 -0.95 -54.52 -4.36
C THR A 287 -2.34 -54.57 -5.00
N LEU A 288 -2.92 -53.41 -5.31
CA LEU A 288 -4.28 -53.30 -5.82
C LEU A 288 -5.32 -53.60 -4.73
N MET A 289 -4.91 -53.54 -3.47
CA MET A 289 -5.85 -53.57 -2.35
C MET A 289 -6.49 -52.19 -2.21
N CYS A 290 -7.80 -52.14 -2.30
CA CYS A 290 -8.54 -50.88 -2.29
C CYS A 290 -9.23 -50.69 -0.95
N SER A 291 -9.27 -49.44 -0.49
CA SER A 291 -9.85 -49.12 0.82
C SER A 291 -10.55 -47.77 0.73
N PHE A 292 -11.50 -47.55 1.64
CA PHE A 292 -12.38 -46.40 1.60
C PHE A 292 -12.24 -45.57 2.87
N GLN A 293 -12.11 -44.26 2.69
CA GLN A 293 -12.13 -43.30 3.77
C GLN A 293 -13.23 -42.28 3.47
N ILE A 294 -14.09 -42.02 4.45
CA ILE A 294 -15.26 -41.20 4.23
C ILE A 294 -15.28 -40.04 5.21
N LEU A 295 -15.83 -38.92 4.75
CA LEU A 295 -16.09 -37.75 5.58
C LEU A 295 -17.60 -37.62 5.72
N LYS A 296 -18.10 -37.91 6.92
CA LYS A 296 -19.54 -37.98 7.15
C LYS A 296 -20.02 -36.72 7.87
N PRO A 297 -21.18 -36.17 7.50
CA PRO A 297 -21.72 -35.05 8.29
C PRO A 297 -22.16 -35.54 9.66
N ALA A 298 -22.10 -34.63 10.62
CA ALA A 298 -22.55 -34.95 11.99
C ALA A 298 -23.86 -34.23 12.29
N SER B 5 50.99 -28.63 -0.80
CA SER B 5 49.95 -28.89 0.19
C SER B 5 49.47 -27.57 0.80
N LEU B 6 48.51 -27.66 1.71
CA LEU B 6 47.86 -26.50 2.30
C LEU B 6 48.48 -26.17 3.64
N ASN B 7 48.88 -24.91 3.81
CA ASN B 7 49.43 -24.43 5.08
C ASN B 7 48.29 -23.88 5.94
N LEU B 8 47.50 -24.81 6.49
CA LEU B 8 46.25 -24.43 7.14
C LEU B 8 46.49 -23.61 8.39
N ASP B 9 47.41 -24.06 9.26
CA ASP B 9 47.61 -23.38 10.54
C ASP B 9 48.03 -21.93 10.33
N SER B 10 48.82 -21.66 9.29
CA SER B 10 49.17 -20.28 8.97
C SER B 10 47.94 -19.47 8.59
N ILE B 11 46.99 -20.09 7.88
CA ILE B 11 45.81 -19.35 7.43
C ILE B 11 44.91 -19.01 8.61
N ILE B 12 44.60 -19.99 9.46
CA ILE B 12 43.71 -19.73 10.59
C ILE B 12 44.30 -18.66 11.49
N GLY B 13 45.60 -18.74 11.77
CA GLY B 13 46.23 -17.75 12.63
C GLY B 13 45.99 -16.33 12.16
N ARG B 14 46.27 -16.06 10.87
CA ARG B 14 46.06 -14.73 10.33
C ARG B 14 44.61 -14.28 10.50
N LEU B 15 43.65 -15.19 10.31
CA LEU B 15 42.25 -14.81 10.41
C LEU B 15 41.86 -14.46 11.84
N LEU B 16 42.51 -15.06 12.83
CA LEU B 16 42.19 -14.79 14.23
C LEU B 16 42.93 -13.58 14.78
N GLU B 17 44.04 -13.17 14.15
CA GLU B 17 44.88 -12.11 14.69
C GLU B 17 44.11 -10.81 14.92
N VAL B 18 43.01 -10.59 14.20
CA VAL B 18 42.28 -9.33 14.32
C VAL B 18 41.47 -9.25 15.61
N GLN B 19 41.42 -10.33 16.38
CA GLN B 19 40.64 -10.33 17.61
C GLN B 19 41.10 -9.23 18.56
N GLY B 20 40.13 -8.49 19.10
CA GLY B 20 40.41 -7.41 20.02
C GLY B 20 40.59 -6.05 19.37
N SER B 21 40.51 -5.97 18.05
CA SER B 21 40.67 -4.71 17.33
C SER B 21 39.30 -4.10 17.04
N ARG B 22 39.30 -3.06 16.21
CA ARG B 22 38.06 -2.37 15.84
C ARG B 22 37.41 -3.09 14.66
N PRO B 23 36.14 -3.48 14.76
CA PRO B 23 35.48 -4.13 13.63
C PRO B 23 35.67 -3.39 12.32
N GLY B 24 36.13 -4.10 11.30
CA GLY B 24 36.32 -3.54 9.98
C GLY B 24 37.57 -4.01 9.29
N LYS B 25 38.64 -4.23 10.05
CA LYS B 25 39.92 -4.58 9.46
C LYS B 25 39.84 -5.92 8.73
N ASN B 26 40.56 -6.03 7.62
CA ASN B 26 40.52 -7.21 6.76
C ASN B 26 41.67 -8.15 7.07
N VAL B 27 41.59 -9.33 6.47
CA VAL B 27 42.61 -10.37 6.57
C VAL B 27 42.99 -10.74 5.14
N GLN B 28 44.21 -10.42 4.73
CA GLN B 28 44.66 -10.62 3.36
C GLN B 28 45.27 -12.01 3.24
N LEU B 29 44.59 -12.89 2.50
CA LEU B 29 45.08 -14.21 2.18
C LEU B 29 45.45 -14.26 0.70
N THR B 30 46.30 -15.23 0.35
CA THR B 30 46.65 -15.44 -1.05
C THR B 30 45.49 -16.07 -1.81
N GLU B 31 45.32 -15.67 -3.07
CA GLU B 31 44.32 -16.27 -3.94
C GLU B 31 44.41 -17.80 -3.90
N ASN B 32 45.61 -18.35 -4.10
CA ASN B 32 45.77 -19.80 -4.11
C ASN B 32 45.56 -20.42 -2.73
N GLU B 33 45.75 -19.66 -1.65
CA GLU B 33 45.34 -20.13 -0.34
C GLU B 33 43.82 -20.23 -0.26
N ILE B 34 43.12 -19.26 -0.84
CA ILE B 34 41.65 -19.34 -0.90
C ILE B 34 41.24 -20.56 -1.73
N ARG B 35 41.82 -20.70 -2.93
CA ARG B 35 41.53 -21.86 -3.75
C ARG B 35 41.74 -23.15 -2.96
N GLY B 36 42.81 -23.20 -2.16
CA GLY B 36 43.06 -24.38 -1.36
C GLY B 36 41.97 -24.62 -0.33
N LEU B 37 41.55 -23.56 0.36
CA LEU B 37 40.45 -23.67 1.31
C LEU B 37 39.22 -24.28 0.63
N CYS B 38 38.88 -23.77 -0.55
CA CYS B 38 37.65 -24.20 -1.21
C CYS B 38 37.76 -25.63 -1.74
N LEU B 39 38.92 -25.98 -2.30
CA LEU B 39 39.07 -27.31 -2.89
C LEU B 39 39.20 -28.38 -1.81
N LYS B 40 39.85 -28.06 -0.69
CA LYS B 40 39.99 -29.03 0.38
C LYS B 40 38.68 -29.24 1.12
N SER B 41 37.98 -28.17 1.44
CA SER B 41 36.70 -28.29 2.13
C SER B 41 35.65 -28.95 1.25
N ARG B 42 35.64 -28.62 -0.05
CA ARG B 42 34.76 -29.30 -0.98
C ARG B 42 34.92 -30.80 -0.89
N GLU B 43 36.17 -31.28 -0.88
CA GLU B 43 36.43 -32.70 -0.73
C GLU B 43 35.76 -33.25 0.53
N ILE B 44 35.98 -32.59 1.67
CA ILE B 44 35.42 -33.06 2.93
C ILE B 44 33.90 -33.05 2.86
N PHE B 45 33.32 -31.94 2.39
CA PHE B 45 31.87 -31.86 2.27
C PHE B 45 31.32 -33.02 1.46
N LEU B 46 32.02 -33.39 0.38
CA LEU B 46 31.55 -34.48 -0.47
C LEU B 46 31.74 -35.84 0.21
N SER B 47 32.79 -35.98 1.03
CA SER B 47 33.02 -37.25 1.71
C SER B 47 32.03 -37.48 2.84
N GLN B 48 31.40 -36.43 3.34
CA GLN B 48 30.43 -36.54 4.41
C GLN B 48 29.01 -36.49 3.85
N PRO B 49 28.04 -37.00 4.60
CA PRO B 49 26.68 -37.12 4.06
C PRO B 49 26.04 -35.76 3.80
N ILE B 50 25.09 -35.76 2.86
CA ILE B 50 24.31 -34.55 2.59
C ILE B 50 23.27 -34.30 3.67
N LEU B 51 22.87 -35.35 4.38
CA LEU B 51 22.02 -35.25 5.57
C LEU B 51 22.90 -35.67 6.75
N LEU B 52 23.45 -34.68 7.45
CA LEU B 52 24.41 -34.98 8.50
C LEU B 52 23.72 -35.67 9.68
N GLU B 53 24.44 -36.59 10.31
CA GLU B 53 23.96 -37.31 11.49
C GLU B 53 24.98 -37.04 12.59
N LEU B 54 24.61 -36.18 13.53
CA LEU B 54 25.52 -35.63 14.53
C LEU B 54 25.06 -36.04 15.92
N GLU B 55 25.93 -35.79 16.90
CA GLU B 55 25.69 -36.17 18.28
C GLU B 55 26.15 -35.05 19.20
N ALA B 56 25.39 -34.82 20.27
CA ALA B 56 25.78 -33.86 21.27
C ALA B 56 27.08 -34.31 21.96
N PRO B 57 27.79 -33.39 22.63
CA PRO B 57 27.50 -31.96 22.81
C PRO B 57 27.72 -31.13 21.55
N LEU B 58 26.96 -30.04 21.43
CA LEU B 58 26.96 -29.26 20.21
C LEU B 58 26.43 -27.87 20.53
N LYS B 59 26.98 -26.87 19.82
CA LYS B 59 26.46 -25.51 19.83
C LYS B 59 26.00 -25.18 18.41
N ILE B 60 24.75 -24.73 18.28
CA ILE B 60 24.14 -24.46 16.98
C ILE B 60 23.96 -22.96 16.84
N CYS B 61 24.31 -22.42 15.67
CA CYS B 61 24.30 -20.98 15.43
C CYS B 61 23.55 -20.68 14.13
N GLY B 62 22.84 -19.55 14.14
CA GLY B 62 22.10 -19.09 12.98
C GLY B 62 22.91 -18.20 12.08
N ASP B 63 22.21 -17.35 11.33
CA ASP B 63 22.84 -16.54 10.29
C ASP B 63 23.99 -15.71 10.86
N ILE B 64 24.99 -15.47 10.00
CA ILE B 64 26.09 -14.58 10.31
C ILE B 64 26.17 -13.43 9.30
N HIS B 65 25.86 -13.71 8.04
CA HIS B 65 25.85 -12.71 6.96
C HIS B 65 27.06 -11.77 7.05
N GLY B 66 28.25 -12.37 6.97
CA GLY B 66 29.48 -11.63 6.82
C GLY B 66 29.78 -10.64 7.93
N GLN B 67 29.20 -10.82 9.11
CA GLN B 67 29.53 -9.95 10.25
C GLN B 67 30.66 -10.61 11.04
N TYR B 68 31.85 -10.55 10.43
CA TYR B 68 32.98 -11.36 10.90
C TYR B 68 33.29 -11.11 12.37
N TYR B 69 33.21 -9.85 12.82
CA TYR B 69 33.58 -9.56 14.21
C TYR B 69 32.48 -9.90 15.20
N ASP B 70 31.26 -10.17 14.74
CA ASP B 70 30.26 -10.77 15.61
C ASP B 70 30.47 -12.27 15.76
N LEU B 71 30.98 -12.92 14.70
CA LEU B 71 31.33 -14.33 14.79
C LEU B 71 32.48 -14.54 15.77
N LEU B 72 33.52 -13.72 15.67
CA LEU B 72 34.60 -13.79 16.65
C LEU B 72 34.06 -13.64 18.06
N ARG B 73 33.12 -12.72 18.26
CA ARG B 73 32.53 -12.53 19.58
C ARG B 73 31.74 -13.77 20.00
N LEU B 74 31.06 -14.42 19.05
CA LEU B 74 30.30 -15.63 19.39
C LEU B 74 31.23 -16.73 19.88
N PHE B 75 32.33 -16.96 19.15
CA PHE B 75 33.30 -17.96 19.58
C PHE B 75 33.89 -17.60 20.95
N GLU B 76 34.19 -16.33 21.18
CA GLU B 76 34.64 -15.91 22.51
C GLU B 76 33.61 -16.24 23.56
N TYR B 77 32.33 -16.16 23.21
CA TYR B 77 31.25 -16.39 24.16
C TYR B 77 31.14 -17.86 24.51
N GLY B 78 31.12 -18.73 23.49
CA GLY B 78 30.91 -20.15 23.69
C GLY B 78 32.17 -20.98 23.54
N GLY B 79 33.30 -20.34 23.25
CA GLY B 79 34.57 -21.04 23.16
C GLY B 79 34.96 -21.38 21.73
N PHE B 80 36.23 -21.18 21.40
CA PHE B 80 36.67 -21.44 20.04
C PHE B 80 36.85 -22.94 19.81
N PRO B 81 36.71 -23.41 18.57
CA PRO B 81 37.06 -24.79 18.27
C PRO B 81 38.50 -25.07 18.65
N PRO B 82 38.82 -26.27 19.16
CA PRO B 82 37.92 -27.40 19.41
C PRO B 82 37.33 -27.42 20.82
N GLU B 83 37.42 -26.30 21.54
CA GLU B 83 36.86 -26.26 22.90
C GLU B 83 35.36 -26.53 22.88
N SER B 84 34.69 -26.24 21.78
CA SER B 84 33.29 -26.59 21.59
C SER B 84 33.09 -27.13 20.19
N ASN B 85 32.13 -28.03 20.05
CA ASN B 85 31.68 -28.47 18.73
C ASN B 85 30.61 -27.51 18.23
N TYR B 86 30.61 -27.27 16.92
CA TYR B 86 29.72 -26.28 16.33
C TYR B 86 29.01 -26.82 15.11
N LEU B 87 27.74 -26.44 14.98
CA LEU B 87 26.96 -26.59 13.76
C LEU B 87 26.42 -25.21 13.41
N PHE B 88 26.74 -24.74 12.20
CA PHE B 88 26.15 -23.51 11.68
C PHE B 88 25.08 -23.85 10.67
N LEU B 89 24.06 -22.99 10.58
CA LEU B 89 22.85 -23.27 9.83
C LEU B 89 22.77 -22.54 8.49
N GLY B 90 23.86 -21.92 8.04
CA GLY B 90 23.92 -21.36 6.70
C GLY B 90 23.89 -19.84 6.72
N ASP B 91 23.88 -19.29 5.50
CA ASP B 91 23.94 -17.84 5.27
C ASP B 91 25.16 -17.23 5.94
N TYR B 92 26.32 -17.63 5.43
CA TYR B 92 27.60 -17.09 5.89
C TYR B 92 28.04 -15.86 5.12
N VAL B 93 27.63 -15.73 3.86
CA VAL B 93 28.06 -14.63 3.02
C VAL B 93 26.89 -13.69 2.73
N ASP B 94 27.17 -12.59 2.03
CA ASP B 94 26.20 -11.60 1.57
C ASP B 94 25.78 -10.64 2.67
N ARG B 95 25.46 -9.40 2.27
CA ARG B 95 24.94 -8.35 3.13
C ARG B 95 26.05 -7.72 3.97
N GLY B 96 26.65 -8.48 4.87
CA GLY B 96 27.74 -7.96 5.67
C GLY B 96 28.92 -7.53 4.83
N LYS B 97 29.87 -6.86 5.48
CA LYS B 97 30.99 -6.26 4.78
C LYS B 97 32.18 -7.17 4.62
N GLN B 98 32.26 -8.26 5.37
CA GLN B 98 33.44 -9.14 5.37
C GLN B 98 33.00 -10.60 5.24
N SER B 99 32.33 -10.91 4.13
CA SER B 99 31.92 -12.30 3.88
C SER B 99 33.12 -13.20 3.62
N LEU B 100 34.21 -12.67 3.04
CA LEU B 100 35.34 -13.51 2.70
C LEU B 100 36.06 -14.01 3.95
N GLU B 101 36.34 -13.10 4.90
CA GLU B 101 36.94 -13.54 6.14
C GLU B 101 36.02 -14.48 6.91
N THR B 102 34.71 -14.22 6.84
CA THR B 102 33.74 -15.07 7.55
C THR B 102 33.77 -16.50 7.01
N ILE B 103 33.61 -16.66 5.70
CA ILE B 103 33.56 -18.01 5.14
C ILE B 103 34.94 -18.66 5.20
N CYS B 104 36.01 -17.88 5.06
CA CYS B 104 37.34 -18.48 5.10
C CYS B 104 37.65 -19.08 6.47
N LEU B 105 37.22 -18.42 7.54
CA LEU B 105 37.44 -18.98 8.87
C LEU B 105 36.63 -20.25 9.06
N LEU B 106 35.39 -20.25 8.57
CA LEU B 106 34.53 -21.43 8.73
C LEU B 106 35.06 -22.62 7.93
N LEU B 107 35.47 -22.38 6.68
CA LEU B 107 36.00 -23.47 5.87
C LEU B 107 37.32 -23.98 6.44
N ALA B 108 38.14 -23.07 6.99
CA ALA B 108 39.39 -23.51 7.61
C ALA B 108 39.12 -24.40 8.82
N TYR B 109 38.21 -23.97 9.69
CA TYR B 109 37.84 -24.81 10.83
C TYR B 109 37.23 -26.12 10.37
N LYS B 110 36.59 -26.13 9.20
CA LYS B 110 36.03 -27.38 8.69
C LYS B 110 37.13 -28.34 8.25
N ILE B 111 38.18 -27.81 7.63
CA ILE B 111 39.33 -28.65 7.28
C ILE B 111 40.06 -29.07 8.55
N LYS B 112 40.19 -28.15 9.50
CA LYS B 112 41.00 -28.41 10.70
C LYS B 112 40.35 -29.47 11.59
N TYR B 113 39.07 -29.30 11.91
CA TYR B 113 38.34 -30.22 12.78
C TYR B 113 37.12 -30.75 12.02
N PRO B 114 37.35 -31.66 11.06
CA PRO B 114 36.24 -32.08 10.18
C PRO B 114 35.18 -32.92 10.87
N GLU B 115 35.47 -33.50 12.04
CA GLU B 115 34.49 -34.29 12.77
C GLU B 115 33.81 -33.51 13.89
N ASN B 116 34.21 -32.26 14.11
CA ASN B 116 33.73 -31.47 15.24
C ASN B 116 33.19 -30.12 14.80
N PHE B 117 33.01 -29.91 13.51
CA PHE B 117 32.67 -28.59 12.98
C PHE B 117 31.93 -28.78 11.67
N PHE B 118 30.70 -28.27 11.60
CA PHE B 118 29.81 -28.57 10.48
C PHE B 118 29.08 -27.33 10.04
N LEU B 119 28.88 -27.21 8.73
CA LEU B 119 28.24 -26.07 8.11
C LEU B 119 27.15 -26.58 7.17
N LEU B 120 25.94 -26.07 7.34
CA LEU B 120 24.85 -26.38 6.44
C LEU B 120 24.76 -25.34 5.33
N ARG B 121 24.01 -25.67 4.30
CA ARG B 121 23.81 -24.78 3.16
C ARG B 121 22.66 -23.83 3.46
N GLY B 122 22.91 -22.54 3.31
CA GLY B 122 21.87 -21.53 3.38
C GLY B 122 21.46 -21.09 1.98
N ASN B 123 20.35 -20.36 1.91
CA ASN B 123 19.90 -19.92 0.60
C ASN B 123 20.84 -18.91 -0.03
N HIS B 124 21.74 -18.30 0.73
CA HIS B 124 22.74 -17.41 0.16
C HIS B 124 24.00 -18.13 -0.29
N GLU B 125 24.09 -19.45 -0.09
CA GLU B 125 25.18 -20.24 -0.65
C GLU B 125 24.79 -20.85 -2.00
N CYS B 126 24.33 -20.01 -2.92
CA CYS B 126 24.04 -20.44 -4.28
CA CYS B 126 23.96 -20.42 -4.27
C CYS B 126 24.36 -19.31 -5.24
N ALA B 127 24.73 -19.70 -6.46
CA ALA B 127 25.26 -18.73 -7.42
C ALA B 127 24.27 -17.60 -7.70
N SER B 128 22.98 -17.92 -7.84
CA SER B 128 22.02 -16.89 -8.25
C SER B 128 21.83 -15.84 -7.16
N ILE B 129 21.88 -16.23 -5.89
CA ILE B 129 21.64 -15.28 -4.81
C ILE B 129 22.89 -14.48 -4.48
N ASN B 130 24.01 -15.16 -4.18
CA ASN B 130 25.19 -14.39 -3.78
C ASN B 130 25.86 -13.70 -4.96
N ARG B 131 25.44 -13.99 -6.20
CA ARG B 131 25.81 -13.15 -7.32
C ARG B 131 25.28 -11.73 -7.14
N ILE B 132 24.17 -11.58 -6.42
CA ILE B 132 23.46 -10.31 -6.33
C ILE B 132 23.73 -9.61 -5.01
N TYR B 133 23.69 -10.35 -3.90
CA TYR B 133 23.61 -9.77 -2.57
C TYR B 133 24.97 -9.56 -1.91
N GLY B 134 26.04 -9.39 -2.69
CA GLY B 134 27.29 -8.91 -2.14
C GLY B 134 28.52 -9.76 -2.39
N PHE B 135 28.41 -11.08 -2.19
CA PHE B 135 29.61 -11.92 -2.21
C PHE B 135 30.33 -11.83 -3.55
N TYR B 136 29.58 -11.82 -4.65
CA TYR B 136 30.21 -11.67 -5.96
C TYR B 136 30.99 -10.37 -6.05
N ASP B 137 30.38 -9.26 -5.63
CA ASP B 137 31.08 -7.98 -5.65
C ASP B 137 32.37 -8.05 -4.84
N GLU B 138 32.34 -8.75 -3.71
CA GLU B 138 33.51 -8.82 -2.84
C GLU B 138 34.64 -9.60 -3.51
N CYS B 139 34.33 -10.77 -4.08
CA CYS B 139 35.36 -11.57 -4.72
C CYS B 139 35.97 -10.85 -5.92
N LYS B 140 35.13 -10.21 -6.73
CA LYS B 140 35.64 -9.45 -7.87
C LYS B 140 36.53 -8.30 -7.40
N ARG B 141 36.07 -7.56 -6.39
CA ARG B 141 36.80 -6.38 -5.93
C ARG B 141 38.15 -6.76 -5.33
N ARG B 142 38.18 -7.76 -4.46
CA ARG B 142 39.40 -8.12 -3.76
C ARG B 142 40.24 -9.14 -4.53
N TYR B 143 39.64 -9.90 -5.45
CA TYR B 143 40.41 -10.91 -6.17
C TYR B 143 40.00 -10.97 -7.64
N ASN B 144 39.06 -11.84 -8.01
CA ASN B 144 38.68 -11.97 -9.41
C ASN B 144 37.44 -12.84 -9.52
N ILE B 145 36.89 -12.89 -10.74
CA ILE B 145 35.65 -13.63 -10.97
C ILE B 145 35.88 -15.14 -10.82
N LYS B 146 37.07 -15.62 -11.16
CA LYS B 146 37.33 -17.05 -11.03
C LYS B 146 37.24 -17.50 -9.58
N LEU B 147 37.65 -16.66 -8.64
CA LEU B 147 37.56 -17.01 -7.23
C LEU B 147 36.10 -17.23 -6.81
N TRP B 148 35.19 -16.39 -7.32
CA TRP B 148 33.78 -16.56 -6.99
C TRP B 148 33.25 -17.87 -7.55
N LYS B 149 33.58 -18.18 -8.81
CA LYS B 149 33.18 -19.46 -9.38
C LYS B 149 33.74 -20.62 -8.57
N THR B 150 34.98 -20.48 -8.08
CA THR B 150 35.56 -21.50 -7.23
C THR B 150 34.73 -21.68 -5.96
N PHE B 151 34.31 -20.58 -5.34
CA PHE B 151 33.46 -20.67 -4.16
C PHE B 151 32.14 -21.37 -4.50
N THR B 152 31.57 -21.07 -5.67
CA THR B 152 30.31 -21.71 -6.07
C THR B 152 30.45 -23.22 -6.10
N ASP B 153 31.58 -23.74 -6.60
CA ASP B 153 31.79 -25.17 -6.60
C ASP B 153 31.77 -25.73 -5.18
N CYS B 154 32.39 -25.00 -4.24
CA CYS B 154 32.42 -25.43 -2.85
C CYS B 154 31.03 -25.39 -2.24
N PHE B 155 30.29 -24.29 -2.48
CA PHE B 155 28.96 -24.16 -1.91
C PHE B 155 28.03 -25.26 -2.43
N ASN B 156 28.13 -25.58 -3.72
CA ASN B 156 27.24 -26.57 -4.32
C ASN B 156 27.41 -27.95 -3.70
N CYS B 157 28.38 -28.15 -2.82
CA CYS B 157 28.62 -29.44 -2.17
C CYS B 157 28.30 -29.40 -0.68
N LEU B 158 27.75 -28.31 -0.17
CA LEU B 158 27.43 -28.21 1.25
C LEU B 158 26.30 -29.17 1.61
N PRO B 159 26.32 -29.74 2.82
CA PRO B 159 25.18 -30.55 3.28
C PRO B 159 23.97 -29.66 3.54
N ILE B 160 22.79 -30.27 3.43
CA ILE B 160 21.54 -29.52 3.36
C ILE B 160 20.83 -29.49 4.71
N ALA B 161 21.04 -30.51 5.53
CA ALA B 161 20.31 -30.63 6.79
C ALA B 161 21.12 -31.53 7.72
N ALA B 162 20.73 -31.54 8.99
CA ALA B 162 21.41 -32.36 9.98
C ALA B 162 20.42 -32.80 11.05
N ILE B 163 20.60 -34.02 11.54
CA ILE B 163 19.80 -34.56 12.63
C ILE B 163 20.75 -34.82 13.80
N VAL B 164 20.43 -34.26 14.96
CA VAL B 164 21.27 -34.36 16.14
C VAL B 164 20.64 -35.39 17.08
N ASP B 165 21.36 -36.50 17.29
CA ASP B 165 20.93 -37.53 18.24
C ASP B 165 19.52 -38.03 17.92
N GLU B 166 19.23 -38.14 16.62
CA GLU B 166 17.96 -38.67 16.13
C GLU B 166 16.75 -37.93 16.73
N LYS B 167 16.94 -36.69 17.16
CA LYS B 167 15.87 -35.96 17.84
C LYS B 167 15.75 -34.49 17.45
N ILE B 168 16.77 -33.85 16.89
CA ILE B 168 16.73 -32.44 16.52
C ILE B 168 17.04 -32.34 15.04
N PHE B 169 16.03 -31.96 14.25
CA PHE B 169 16.18 -31.78 12.81
C PHE B 169 16.56 -30.34 12.52
N CYS B 170 17.68 -30.14 11.83
CA CYS B 170 18.23 -28.81 11.61
C CYS B 170 18.34 -28.53 10.11
N CYS B 171 17.89 -27.34 9.71
CA CYS B 171 18.10 -26.85 8.36
C CYS B 171 18.01 -25.33 8.41
N HIS B 172 18.37 -24.68 7.31
CA HIS B 172 18.39 -23.22 7.31
C HIS B 172 16.98 -22.66 7.34
N GLY B 173 16.13 -23.12 6.41
CA GLY B 173 14.82 -22.52 6.22
C GLY B 173 13.73 -23.22 7.00
N GLY B 174 13.38 -24.42 6.61
CA GLY B 174 12.35 -25.17 7.32
C GLY B 174 11.80 -26.29 6.44
N LEU B 175 10.57 -26.68 6.78
CA LEU B 175 9.98 -27.89 6.21
C LEU B 175 9.51 -27.65 4.78
N SER B 176 9.23 -28.76 4.10
CA SER B 176 8.77 -28.77 2.72
C SER B 176 7.54 -29.65 2.63
N PRO B 177 6.55 -29.29 1.81
CA PRO B 177 5.46 -30.24 1.53
C PRO B 177 5.94 -31.45 0.76
N ASP B 178 7.08 -31.35 0.09
CA ASP B 178 7.64 -32.46 -0.67
C ASP B 178 8.50 -33.38 0.19
N LEU B 179 8.66 -33.10 1.47
CA LEU B 179 9.51 -33.89 2.36
C LEU B 179 8.65 -34.93 3.07
N GLN B 180 8.60 -36.13 2.50
CA GLN B 180 7.88 -37.25 3.10
C GLN B 180 8.82 -38.21 3.82
N SER B 181 10.01 -38.43 3.28
CA SER B 181 10.99 -39.34 3.85
C SER B 181 12.36 -38.67 3.84
N MET B 182 13.14 -38.89 4.90
CA MET B 182 14.51 -38.40 4.91
C MET B 182 15.27 -38.88 3.68
N GLU B 183 14.95 -40.08 3.18
CA GLU B 183 15.66 -40.64 2.04
C GLU B 183 15.63 -39.69 0.86
N GLN B 184 14.59 -38.85 0.75
CA GLN B 184 14.54 -37.87 -0.34
C GLN B 184 15.69 -36.89 -0.24
N ILE B 185 16.12 -36.55 0.97
CA ILE B 185 17.29 -35.68 1.13
C ILE B 185 18.55 -36.41 0.75
N ARG B 186 18.68 -37.68 1.19
CA ARG B 186 19.91 -38.43 0.98
C ARG B 186 20.17 -38.69 -0.49
N ARG B 187 19.14 -38.83 -1.30
CA ARG B 187 19.36 -39.13 -2.72
C ARG B 187 19.67 -37.89 -3.55
N ILE B 188 19.62 -36.70 -2.97
CA ILE B 188 20.10 -35.52 -3.68
C ILE B 188 21.59 -35.69 -3.93
N MET B 189 22.00 -35.52 -5.19
CA MET B 189 23.38 -35.70 -5.59
C MET B 189 24.08 -34.35 -5.71
N ARG B 190 25.37 -34.34 -5.41
CA ARG B 190 26.19 -33.14 -5.43
C ARG B 190 27.38 -33.32 -6.38
N PRO B 191 27.89 -32.23 -6.98
CA PRO B 191 27.46 -30.84 -6.82
C PRO B 191 26.09 -30.54 -7.43
N THR B 192 25.35 -29.60 -6.83
CA THR B 192 24.03 -29.27 -7.30
C THR B 192 23.72 -27.82 -6.99
N ASP B 193 22.98 -27.18 -7.89
CA ASP B 193 22.38 -25.88 -7.63
C ASP B 193 21.16 -26.04 -6.74
N VAL B 194 20.61 -24.92 -6.30
CA VAL B 194 19.36 -24.89 -5.55
C VAL B 194 18.24 -24.49 -6.51
N PRO B 195 17.22 -25.32 -6.70
CA PRO B 195 16.19 -25.01 -7.71
C PRO B 195 15.28 -23.88 -7.26
N ASP B 196 14.44 -23.44 -8.19
CA ASP B 196 13.47 -22.38 -7.92
C ASP B 196 12.28 -22.86 -7.13
N GLN B 197 12.11 -24.17 -6.97
CA GLN B 197 10.98 -24.71 -6.22
C GLN B 197 11.30 -26.17 -5.89
N GLY B 198 10.53 -26.72 -4.96
CA GLY B 198 10.69 -28.10 -4.58
C GLY B 198 11.42 -28.27 -3.26
N LEU B 199 11.77 -29.52 -2.99
CA LEU B 199 12.29 -29.90 -1.67
C LEU B 199 13.57 -29.15 -1.34
N LEU B 200 14.57 -29.20 -2.23
CA LEU B 200 15.82 -28.52 -1.94
C LEU B 200 15.62 -27.02 -1.77
N CYS B 201 14.67 -26.44 -2.50
CA CYS B 201 14.37 -25.02 -2.35
C CYS B 201 13.69 -24.74 -1.01
N ASP B 202 12.60 -25.46 -0.73
CA ASP B 202 11.86 -25.21 0.51
C ASP B 202 12.75 -25.38 1.73
N LEU B 203 13.68 -26.33 1.69
CA LEU B 203 14.52 -26.60 2.85
C LEU B 203 15.37 -25.38 3.22
N LEU B 204 15.72 -24.55 2.24
CA LEU B 204 16.56 -23.39 2.46
C LEU B 204 15.79 -22.07 2.48
N TRP B 205 14.47 -22.10 2.30
CA TRP B 205 13.70 -20.88 2.04
C TRP B 205 12.42 -20.73 2.85
N SER B 206 11.80 -21.81 3.33
CA SER B 206 10.50 -21.69 3.97
C SER B 206 10.60 -21.07 5.36
N ASP B 207 9.47 -20.56 5.85
CA ASP B 207 9.35 -19.93 7.15
C ASP B 207 8.10 -20.44 7.87
N PRO B 208 8.15 -20.51 9.21
CA PRO B 208 6.94 -20.82 9.97
C PRO B 208 6.06 -19.59 10.13
N ASP B 209 4.76 -19.83 10.29
CA ASP B 209 3.79 -18.74 10.43
C ASP B 209 2.67 -19.18 11.37
N LYS B 210 2.44 -18.41 12.43
CA LYS B 210 1.39 -18.74 13.38
C LYS B 210 0.01 -18.65 12.75
N ASP B 211 -0.18 -17.77 11.78
CA ASP B 211 -1.49 -17.51 11.21
C ASP B 211 -1.93 -18.56 10.19
N VAL B 212 -1.07 -19.50 9.82
CA VAL B 212 -1.37 -20.52 8.82
C VAL B 212 -1.57 -21.85 9.52
N GLN B 213 -2.60 -22.59 9.12
CA GLN B 213 -2.85 -23.90 9.71
C GLN B 213 -1.93 -24.95 9.10
N GLY B 214 -1.95 -25.10 7.78
CA GLY B 214 -1.09 -26.04 7.09
C GLY B 214 0.03 -25.34 6.34
N TRP B 215 -0.20 -25.03 5.06
CA TRP B 215 0.75 -24.31 4.24
C TRP B 215 0.12 -23.00 3.76
N GLY B 216 0.97 -21.98 3.59
CA GLY B 216 0.50 -20.66 3.21
C GLY B 216 1.51 -19.98 2.32
N GLU B 217 1.19 -18.75 1.93
CA GLU B 217 2.06 -17.99 1.04
C GLU B 217 3.23 -17.41 1.83
N ASN B 218 4.41 -17.43 1.21
CA ASN B 218 5.61 -16.86 1.77
C ASN B 218 5.84 -15.49 1.16
N ASP B 219 5.92 -14.45 1.99
CA ASP B 219 6.11 -13.10 1.51
C ASP B 219 7.40 -12.91 0.73
N ARG B 220 8.33 -13.86 0.79
CA ARG B 220 9.58 -13.75 0.05
C ARG B 220 9.39 -13.94 -1.46
N GLY B 221 8.25 -14.44 -1.89
CA GLY B 221 8.09 -14.83 -3.28
C GLY B 221 8.79 -16.12 -3.62
N VAL B 222 9.14 -16.91 -2.62
CA VAL B 222 9.86 -18.16 -2.79
C VAL B 222 9.32 -19.14 -1.76
N SER B 223 9.13 -20.39 -2.17
CA SER B 223 8.76 -21.46 -1.25
C SER B 223 7.41 -21.15 -0.59
N PHE B 224 7.22 -21.64 0.62
CA PHE B 224 5.95 -21.58 1.33
C PHE B 224 6.18 -21.18 2.78
N THR B 225 5.11 -20.82 3.47
CA THR B 225 5.07 -20.81 4.92
C THR B 225 4.38 -22.07 5.40
N PHE B 226 4.70 -22.48 6.64
CA PHE B 226 4.07 -23.63 7.26
C PHE B 226 3.62 -23.28 8.68
N GLY B 227 2.57 -23.97 9.12
CA GLY B 227 1.97 -23.70 10.41
C GLY B 227 2.35 -24.72 11.47
N ALA B 228 1.78 -24.51 12.66
CA ALA B 228 2.18 -25.28 13.82
C ALA B 228 1.84 -26.76 13.67
N GLU B 229 0.65 -27.06 13.14
CA GLU B 229 0.26 -28.47 12.99
C GLU B 229 1.16 -29.20 12.02
N VAL B 230 1.69 -28.49 11.01
CA VAL B 230 2.68 -29.11 10.13
C VAL B 230 3.92 -29.51 10.91
N VAL B 231 4.31 -28.69 11.88
CA VAL B 231 5.48 -29.00 12.71
C VAL B 231 5.18 -30.21 13.60
N ALA B 232 4.02 -30.21 14.25
CA ALA B 232 3.71 -31.28 15.19
C ALA B 232 3.55 -32.62 14.48
N LYS B 233 3.02 -32.61 13.26
CA LYS B 233 2.87 -33.87 12.52
C LYS B 233 4.22 -34.36 12.01
N PHE B 234 5.10 -33.45 11.61
CA PHE B 234 6.42 -33.87 11.14
C PHE B 234 7.24 -34.50 12.27
N LEU B 235 7.17 -33.93 13.47
CA LEU B 235 7.90 -34.49 14.60
C LEU B 235 7.38 -35.87 14.97
N HIS B 236 6.05 -36.03 15.01
CA HIS B 236 5.47 -37.31 15.39
C HIS B 236 5.84 -38.40 14.38
N LYS B 237 5.76 -38.09 13.09
CA LYS B 237 6.04 -39.09 12.06
C LYS B 237 7.45 -39.64 12.19
N HIS B 238 8.44 -38.78 12.41
CA HIS B 238 9.83 -39.19 12.47
C HIS B 238 10.35 -39.31 13.89
N ASP B 239 9.46 -39.23 14.89
CA ASP B 239 9.85 -39.30 16.30
C ASP B 239 11.01 -38.35 16.60
N LEU B 240 10.84 -37.10 16.20
CA LEU B 240 11.75 -36.02 16.55
C LEU B 240 11.11 -35.18 17.64
N ASP B 241 11.93 -34.36 18.30
CA ASP B 241 11.47 -33.50 19.38
C ASP B 241 11.62 -32.02 19.10
N LEU B 242 12.46 -31.63 18.15
CA LEU B 242 12.67 -30.22 17.87
C LEU B 242 13.05 -30.03 16.42
N ILE B 243 12.56 -28.94 15.83
CA ILE B 243 13.05 -28.41 14.57
C ILE B 243 13.85 -27.15 14.91
N CYS B 244 15.14 -27.16 14.57
CA CYS B 244 16.01 -26.02 14.79
C CYS B 244 16.39 -25.42 13.45
N ARG B 245 16.15 -24.12 13.29
CA ARG B 245 16.34 -23.47 12.01
C ARG B 245 16.71 -22.01 12.24
N ALA B 246 17.00 -21.30 11.15
CA ALA B 246 17.45 -19.92 11.21
C ALA B 246 16.62 -19.06 10.26
N HIS B 247 17.28 -18.29 9.39
CA HIS B 247 16.62 -17.72 8.21
C HIS B 247 15.86 -16.42 8.52
N GLN B 248 15.38 -16.26 9.75
CA GLN B 248 14.62 -15.09 10.15
C GLN B 248 15.24 -14.42 11.37
N VAL B 249 15.45 -13.10 11.28
CA VAL B 249 15.91 -12.34 12.44
C VAL B 249 14.83 -12.32 13.49
N VAL B 250 15.23 -12.43 14.76
CA VAL B 250 14.31 -12.46 15.89
C VAL B 250 14.94 -11.69 17.05
N GLU B 251 14.08 -11.08 17.87
CA GLU B 251 14.50 -10.10 18.86
C GLU B 251 15.60 -10.63 19.78
N ASP B 252 15.33 -11.72 20.49
CA ASP B 252 16.25 -12.25 21.48
C ASP B 252 17.32 -13.16 20.88
N GLY B 253 17.38 -13.29 19.56
CA GLY B 253 18.27 -14.24 18.92
C GLY B 253 17.74 -15.66 18.90
N TYR B 254 16.80 -16.00 19.77
CA TYR B 254 16.11 -17.27 19.72
C TYR B 254 14.62 -17.02 19.98
N GLU B 255 13.77 -17.89 19.44
CA GLU B 255 12.34 -17.74 19.61
C GLU B 255 11.65 -19.06 19.28
N PHE B 256 10.72 -19.45 20.14
CA PHE B 256 10.03 -20.72 20.02
C PHE B 256 8.79 -20.58 19.13
N PHE B 257 8.24 -21.72 18.74
CA PHE B 257 7.07 -21.78 17.87
C PHE B 257 6.41 -23.14 18.05
N ALA B 258 5.10 -23.18 17.89
CA ALA B 258 4.32 -24.41 17.97
C ALA B 258 4.59 -25.16 19.28
N LYS B 259 4.44 -24.43 20.40
CA LYS B 259 4.59 -25.01 21.73
C LYS B 259 6.01 -25.57 21.93
N ARG B 260 7.01 -24.73 21.65
CA ARG B 260 8.42 -25.05 21.84
C ARG B 260 8.90 -26.19 20.95
N GLN B 261 8.10 -26.62 19.97
CA GLN B 261 8.50 -27.70 19.08
C GLN B 261 9.39 -27.22 17.94
N LEU B 262 9.41 -25.93 17.67
CA LEU B 262 10.33 -25.34 16.70
C LEU B 262 10.97 -24.12 17.32
N VAL B 263 12.28 -23.96 17.11
CA VAL B 263 13.00 -22.79 17.57
C VAL B 263 13.74 -22.19 16.40
N THR B 264 13.72 -20.87 16.31
CA THR B 264 14.51 -20.12 15.35
C THR B 264 15.76 -19.59 16.05
N LEU B 265 16.90 -19.73 15.38
CA LEU B 265 18.17 -19.20 15.86
C LEU B 265 18.73 -18.22 14.85
N PHE B 266 19.28 -17.13 15.35
CA PHE B 266 19.81 -16.07 14.50
C PHE B 266 21.01 -15.47 15.24
N SER B 267 22.18 -15.53 14.63
CA SER B 267 23.44 -15.26 15.33
C SER B 267 24.07 -13.92 14.96
N ALA B 268 23.33 -13.05 14.24
CA ALA B 268 23.85 -11.75 13.84
C ALA B 268 23.15 -10.66 14.63
N PRO B 269 23.73 -10.19 15.74
CA PRO B 269 23.09 -9.12 16.50
C PRO B 269 23.11 -7.80 15.74
N ASN B 270 22.17 -6.93 16.09
CA ASN B 270 22.04 -5.62 15.45
C ASN B 270 22.10 -5.78 13.92
N TYR B 271 21.31 -6.72 13.43
CA TYR B 271 21.38 -7.19 12.04
C TYR B 271 21.29 -6.05 11.05
N CYS B 272 22.32 -5.92 10.20
CA CYS B 272 22.45 -4.88 9.19
C CYS B 272 22.41 -3.48 9.77
N GLY B 273 22.58 -3.34 11.08
CA GLY B 273 22.41 -2.05 11.71
C GLY B 273 20.99 -1.52 11.62
N GLU B 274 20.03 -2.37 11.24
CA GLU B 274 18.65 -1.97 11.06
C GLU B 274 17.70 -2.57 12.09
N PHE B 275 18.16 -3.54 12.88
CA PHE B 275 17.35 -4.17 13.91
C PHE B 275 18.07 -4.07 15.25
N ASP B 276 17.28 -4.07 16.33
CA ASP B 276 17.82 -4.09 17.69
C ASP B 276 17.83 -5.50 18.25
N ASN B 277 18.30 -6.46 17.45
CA ASN B 277 18.23 -7.88 17.80
C ASN B 277 19.51 -8.36 18.47
N ALA B 278 19.34 -9.30 19.39
CA ALA B 278 20.46 -10.06 19.94
C ALA B 278 20.78 -11.24 19.03
N GLY B 279 21.99 -11.77 19.18
CA GLY B 279 22.41 -12.99 18.51
C GLY B 279 22.50 -14.11 19.53
N ALA B 280 22.12 -15.33 19.11
CA ALA B 280 22.04 -16.45 20.03
C ALA B 280 22.65 -17.70 19.43
N MET B 281 23.08 -18.58 20.33
CA MET B 281 23.45 -19.96 20.01
C MET B 281 22.72 -20.86 20.98
N MET B 282 22.48 -22.10 20.57
CA MET B 282 21.83 -23.09 21.42
C MET B 282 22.83 -24.20 21.73
N SER B 283 23.08 -24.42 23.02
CA SER B 283 23.91 -25.51 23.47
C SER B 283 23.06 -26.73 23.74
N VAL B 284 23.53 -27.88 23.30
CA VAL B 284 22.89 -29.17 23.54
C VAL B 284 23.93 -30.06 24.19
N ASP B 285 23.74 -30.41 25.45
CA ASP B 285 24.69 -31.27 26.15
C ASP B 285 24.39 -32.73 25.79
N GLU B 286 25.11 -33.65 26.43
CA GLU B 286 24.96 -35.06 26.10
C GLU B 286 23.58 -35.61 26.46
N THR B 287 22.89 -35.00 27.40
CA THR B 287 21.59 -35.48 27.86
C THR B 287 20.43 -34.86 27.09
N LEU B 288 20.70 -34.26 25.93
CA LEU B 288 19.67 -33.62 25.10
C LEU B 288 19.07 -32.40 25.80
N MET B 289 19.69 -31.93 26.87
CA MET B 289 19.29 -30.67 27.49
C MET B 289 19.73 -29.51 26.61
N CYS B 290 18.88 -28.49 26.52
CA CYS B 290 19.13 -27.34 25.66
C CYS B 290 19.12 -26.06 26.48
N SER B 291 20.06 -25.17 26.15
CA SER B 291 20.17 -23.88 26.81
C SER B 291 20.59 -22.84 25.78
N PHE B 292 20.30 -21.58 26.08
CA PHE B 292 20.55 -20.48 25.15
C PHE B 292 21.51 -19.48 25.78
N GLN B 293 22.42 -18.98 24.97
CA GLN B 293 23.37 -17.93 25.35
C GLN B 293 23.22 -16.78 24.37
N ILE B 294 22.98 -15.58 24.89
CA ILE B 294 22.57 -14.43 24.09
C ILE B 294 23.68 -13.39 24.09
N LEU B 295 23.89 -12.77 22.93
CA LEU B 295 24.74 -11.58 22.79
C LEU B 295 23.80 -10.42 22.47
N LYS B 296 23.53 -9.59 23.49
CA LYS B 296 22.50 -8.55 23.37
C LYS B 296 23.14 -7.20 23.18
N PRO B 297 22.68 -6.39 22.21
CA PRO B 297 23.28 -5.05 22.03
C PRO B 297 23.05 -4.18 23.26
N ALA B 298 23.94 -3.21 23.43
CA ALA B 298 23.83 -2.24 24.51
C ALA B 298 23.58 -0.85 23.95
N SER C 5 16.87 58.98 -20.42
CA SER C 5 15.96 60.12 -20.38
C SER C 5 14.73 59.82 -19.53
N LEU C 6 14.34 58.54 -19.48
CA LEU C 6 13.14 58.14 -18.77
C LEU C 6 13.45 57.96 -17.30
N ASN C 7 12.79 58.74 -16.44
CA ASN C 7 13.01 58.69 -14.99
C ASN C 7 12.12 57.60 -14.38
N LEU C 8 12.48 56.35 -14.69
CA LEU C 8 11.60 55.23 -14.37
C LEU C 8 11.43 55.07 -12.86
N ASP C 9 12.53 55.09 -12.10
CA ASP C 9 12.40 54.89 -10.66
C ASP C 9 11.60 56.00 -10.01
N SER C 10 11.70 57.22 -10.54
CA SER C 10 10.92 58.32 -9.99
C SER C 10 9.43 58.16 -10.31
N ILE C 11 9.13 57.63 -11.50
CA ILE C 11 7.74 57.38 -11.86
C ILE C 11 7.14 56.29 -10.97
N ILE C 12 7.85 55.18 -10.82
CA ILE C 12 7.38 54.10 -9.95
C ILE C 12 7.26 54.61 -8.51
N GLY C 13 8.26 55.35 -8.05
CA GLY C 13 8.21 55.87 -6.68
C GLY C 13 6.99 56.73 -6.43
N ARG C 14 6.73 57.67 -7.35
CA ARG C 14 5.56 58.54 -7.19
C ARG C 14 4.27 57.74 -7.26
N LEU C 15 4.24 56.72 -8.12
CA LEU C 15 3.05 55.87 -8.23
C LEU C 15 2.82 55.07 -6.96
N LEU C 16 3.90 54.62 -6.31
CA LEU C 16 3.77 53.80 -5.11
C LEU C 16 3.51 54.64 -3.86
N GLU C 17 3.90 55.92 -3.88
CA GLU C 17 3.81 56.77 -2.69
C GLU C 17 2.44 56.83 -2.07
N VAL C 18 1.37 56.50 -2.82
CA VAL C 18 0.03 56.67 -2.28
C VAL C 18 -0.39 55.52 -1.38
N GLN C 19 0.42 54.47 -1.27
CA GLN C 19 0.17 53.44 -0.28
C GLN C 19 -0.08 54.07 1.09
N GLY C 20 -1.11 53.58 1.79
CA GLY C 20 -1.47 54.12 3.07
C GLY C 20 -2.40 55.31 3.03
N SER C 21 -2.65 55.87 1.85
CA SER C 21 -3.62 56.94 1.70
C SER C 21 -5.02 56.37 1.49
N ARG C 22 -6.01 57.24 1.64
CA ARG C 22 -7.38 56.87 1.34
C ARG C 22 -7.51 56.63 -0.16
N PRO C 23 -8.07 55.50 -0.58
CA PRO C 23 -8.23 55.25 -2.03
C PRO C 23 -8.95 56.40 -2.72
N GLY C 24 -8.47 56.75 -3.92
CA GLY C 24 -9.00 57.84 -4.71
C GLY C 24 -7.97 58.89 -5.04
N LYS C 25 -6.94 59.04 -4.19
CA LYS C 25 -5.94 60.06 -4.41
C LYS C 25 -5.20 59.80 -5.72
N ASN C 26 -5.03 60.86 -6.52
CA ASN C 26 -4.39 60.70 -7.81
C ASN C 26 -2.87 60.75 -7.68
N VAL C 27 -2.20 60.21 -8.68
CA VAL C 27 -0.76 60.36 -8.88
C VAL C 27 -0.56 61.28 -10.06
N GLN C 28 0.31 62.27 -9.91
CA GLN C 28 0.53 63.29 -10.94
C GLN C 28 1.83 63.00 -11.67
N LEU C 29 1.75 62.12 -12.66
CA LEU C 29 2.82 62.02 -13.64
C LEU C 29 2.65 63.12 -14.68
N THR C 30 3.76 63.48 -15.32
CA THR C 30 3.71 64.45 -16.40
C THR C 30 3.31 63.76 -17.70
N GLU C 31 2.86 64.57 -18.66
CA GLU C 31 2.52 64.02 -19.97
C GLU C 31 3.70 63.30 -20.58
N ASN C 32 4.91 63.85 -20.44
CA ASN C 32 6.08 63.24 -21.07
C ASN C 32 6.48 61.95 -20.34
N GLU C 33 6.33 61.90 -19.02
CA GLU C 33 6.58 60.66 -18.30
C GLU C 33 5.65 59.55 -18.76
N ILE C 34 4.37 59.87 -18.96
CA ILE C 34 3.40 58.86 -19.38
C ILE C 34 3.71 58.40 -20.79
N ARG C 35 3.92 59.34 -21.71
CA ARG C 35 4.31 58.98 -23.07
C ARG C 35 5.53 58.08 -23.08
N GLY C 36 6.55 58.43 -22.27
CA GLY C 36 7.73 57.60 -22.20
C GLY C 36 7.42 56.19 -21.76
N LEU C 37 6.49 56.03 -20.82
CA LEU C 37 6.07 54.70 -20.41
C LEU C 37 5.48 53.93 -21.59
N CYS C 38 4.61 54.59 -22.37
CA CYS C 38 3.97 53.91 -23.49
C CYS C 38 5.00 53.52 -24.55
N LEU C 39 5.88 54.45 -24.91
CA LEU C 39 6.81 54.19 -26.00
C LEU C 39 7.79 53.08 -25.64
N LYS C 40 8.34 53.10 -24.42
CA LYS C 40 9.34 52.09 -24.07
C LYS C 40 8.69 50.73 -23.87
N SER C 41 7.54 50.66 -23.19
CA SER C 41 6.87 49.39 -23.01
C SER C 41 6.45 48.80 -24.37
N ARG C 42 5.93 49.66 -25.25
CA ARG C 42 5.60 49.23 -26.60
C ARG C 42 6.78 48.56 -27.27
N GLU C 43 7.98 49.12 -27.12
CA GLU C 43 9.17 48.55 -27.72
C GLU C 43 9.46 47.16 -27.14
N ILE C 44 9.32 47.01 -25.83
CA ILE C 44 9.56 45.72 -25.20
C ILE C 44 8.51 44.70 -25.65
N PHE C 45 7.24 45.09 -25.65
CA PHE C 45 6.18 44.21 -26.13
C PHE C 45 6.52 43.65 -27.51
N LEU C 46 6.94 44.53 -28.43
CA LEU C 46 7.26 44.10 -29.78
C LEU C 46 8.52 43.26 -29.86
N SER C 47 9.43 43.38 -28.88
CA SER C 47 10.64 42.59 -28.89
C SER C 47 10.41 41.17 -28.37
N GLN C 48 9.30 40.93 -27.71
CA GLN C 48 8.98 39.63 -27.13
C GLN C 48 7.85 38.98 -27.92
N PRO C 49 7.74 37.65 -27.88
CA PRO C 49 6.75 36.98 -28.72
C PRO C 49 5.34 37.38 -28.37
N ILE C 50 4.44 37.29 -29.37
CA ILE C 50 3.03 37.56 -29.13
C ILE C 50 2.37 36.42 -28.39
N LEU C 51 2.92 35.21 -28.48
CA LEU C 51 2.52 34.07 -27.64
C LEU C 51 3.70 33.82 -26.70
N LEU C 52 3.58 34.30 -25.47
CA LEU C 52 4.68 34.23 -24.52
C LEU C 52 4.92 32.80 -24.06
N GLU C 53 6.18 32.45 -23.86
CA GLU C 53 6.58 31.16 -23.28
C GLU C 53 7.27 31.47 -21.96
N LEU C 54 6.55 31.26 -20.86
CA LEU C 54 6.97 31.67 -19.54
C LEU C 54 7.29 30.45 -18.70
N GLU C 55 8.04 30.68 -17.61
CA GLU C 55 8.48 29.62 -16.71
C GLU C 55 8.11 29.98 -15.28
N ALA C 56 7.65 28.99 -14.53
CA ALA C 56 7.42 29.15 -13.11
C ALA C 56 8.76 29.38 -12.40
N PRO C 57 8.75 30.00 -11.22
CA PRO C 57 7.60 30.47 -10.43
C PRO C 57 6.95 31.74 -10.97
N LEU C 58 5.63 31.84 -10.82
CA LEU C 58 4.86 32.93 -11.39
C LEU C 58 3.58 33.10 -10.58
N LYS C 59 3.13 34.34 -10.48
CA LYS C 59 1.81 34.68 -9.93
C LYS C 59 0.96 35.29 -11.06
N ILE C 60 -0.25 34.77 -11.23
CA ILE C 60 -1.12 35.15 -12.35
C ILE C 60 -2.32 35.88 -11.79
N CYS C 61 -2.62 37.04 -12.37
CA CYS C 61 -3.72 37.88 -11.91
C CYS C 61 -4.68 38.19 -13.07
N GLY C 62 -5.95 38.36 -12.72
CA GLY C 62 -7.00 38.73 -13.65
C GLY C 62 -7.31 40.21 -13.64
N ASP C 63 -8.59 40.53 -13.84
CA ASP C 63 -9.02 41.90 -14.13
C ASP C 63 -8.71 42.86 -12.99
N ILE C 64 -8.30 44.07 -13.36
CA ILE C 64 -8.10 45.17 -12.42
C ILE C 64 -9.09 46.30 -12.66
N HIS C 65 -9.35 46.64 -13.92
CA HIS C 65 -10.33 47.67 -14.30
C HIS C 65 -10.16 48.96 -13.50
N GLY C 66 -8.94 49.48 -13.51
CA GLY C 66 -8.68 50.79 -12.95
C GLY C 66 -8.92 50.94 -11.46
N GLN C 67 -9.05 49.82 -10.74
CA GLN C 67 -9.19 49.86 -9.28
C GLN C 67 -7.77 49.86 -8.68
N TYR C 68 -7.13 51.02 -8.81
CA TYR C 68 -5.70 51.14 -8.54
C TYR C 68 -5.36 50.65 -7.14
N TYR C 69 -6.05 51.16 -6.13
CA TYR C 69 -5.69 50.83 -4.76
C TYR C 69 -5.91 49.35 -4.46
N ASP C 70 -6.78 48.68 -5.20
CA ASP C 70 -6.87 47.22 -5.10
C ASP C 70 -5.64 46.55 -5.70
N LEU C 71 -5.05 47.14 -6.74
CA LEU C 71 -3.82 46.59 -7.30
C LEU C 71 -2.66 46.73 -6.31
N LEU C 72 -2.58 47.87 -5.62
CA LEU C 72 -1.53 48.04 -4.62
C LEU C 72 -1.66 46.98 -3.53
N ARG C 73 -2.88 46.72 -3.07
CA ARG C 73 -3.06 45.69 -2.05
CA ARG C 73 -3.09 45.68 -2.06
C ARG C 73 -2.70 44.31 -2.60
N LEU C 74 -3.01 44.06 -3.87
CA LEU C 74 -2.67 42.78 -4.47
C LEU C 74 -1.16 42.56 -4.43
N PHE C 75 -0.38 43.60 -4.73
CA PHE C 75 1.08 43.48 -4.64
C PHE C 75 1.53 43.34 -3.18
N GLU C 76 0.92 44.09 -2.26
CA GLU C 76 1.24 43.93 -0.85
C GLU C 76 1.01 42.49 -0.40
N TYR C 77 -0.05 41.86 -0.92
CA TYR C 77 -0.38 40.49 -0.57
C TYR C 77 0.57 39.51 -1.25
N GLY C 78 0.77 39.65 -2.55
CA GLY C 78 1.60 38.73 -3.31
C GLY C 78 3.06 39.06 -3.31
N GLY C 79 3.41 40.28 -2.90
CA GLY C 79 4.79 40.72 -2.95
C GLY C 79 5.04 41.59 -4.16
N PHE C 80 5.57 42.79 -3.92
CA PHE C 80 5.85 43.69 -5.03
C PHE C 80 6.98 43.12 -5.90
N PRO C 81 6.95 43.39 -7.21
CA PRO C 81 8.11 43.01 -8.03
C PRO C 81 9.36 43.61 -7.47
N PRO C 82 10.51 42.91 -7.57
CA PRO C 82 10.73 41.60 -8.18
C PRO C 82 10.65 40.46 -7.18
N GLU C 83 9.99 40.70 -6.05
CA GLU C 83 9.83 39.66 -5.04
C GLU C 83 9.08 38.47 -5.62
N SER C 84 8.10 38.73 -6.46
CA SER C 84 7.37 37.71 -7.20
C SER C 84 7.40 38.10 -8.68
N ASN C 85 7.36 37.09 -9.55
CA ASN C 85 7.13 37.28 -10.97
C ASN C 85 5.63 37.29 -11.23
N TYR C 86 5.20 38.07 -12.22
CA TYR C 86 3.78 38.32 -12.43
C TYR C 86 3.39 38.18 -13.89
N LEU C 87 2.20 37.62 -14.10
CA LEU C 87 1.52 37.63 -15.40
C LEU C 87 0.10 38.13 -15.17
N PHE C 88 -0.27 39.23 -15.81
CA PHE C 88 -1.62 39.74 -15.76
C PHE C 88 -2.33 39.37 -17.07
N LEU C 89 -3.64 39.18 -16.97
CA LEU C 89 -4.44 38.62 -18.06
C LEU C 89 -5.29 39.66 -18.77
N GLY C 90 -5.11 40.94 -18.48
CA GLY C 90 -5.73 42.01 -19.25
C GLY C 90 -6.78 42.76 -18.46
N ASP C 91 -7.44 43.68 -19.17
CA ASP C 91 -8.48 44.56 -18.63
C ASP C 91 -7.95 45.38 -17.46
N TYR C 92 -6.91 46.17 -17.77
CA TYR C 92 -6.30 47.08 -16.81
C TYR C 92 -7.07 48.39 -16.69
N VAL C 93 -7.78 48.79 -17.74
CA VAL C 93 -8.42 50.09 -17.80
C VAL C 93 -9.94 49.90 -17.90
N ASP C 94 -10.66 51.02 -17.76
CA ASP C 94 -12.11 51.15 -17.91
C ASP C 94 -12.88 50.84 -16.64
N ARG C 95 -14.04 51.49 -16.50
CA ARG C 95 -14.98 51.28 -15.41
CA ARG C 95 -14.99 51.27 -15.41
C ARG C 95 -14.47 51.85 -14.10
N GLY C 96 -13.25 51.48 -13.71
CA GLY C 96 -12.66 52.03 -12.51
C GLY C 96 -12.40 53.53 -12.64
N LYS C 97 -12.11 54.16 -11.50
CA LYS C 97 -11.88 55.59 -11.46
C LYS C 97 -10.45 55.98 -11.77
N GLN C 98 -9.48 55.09 -11.55
CA GLN C 98 -8.08 55.45 -11.73
C GLN C 98 -7.39 54.51 -12.72
N SER C 99 -7.83 54.55 -13.98
CA SER C 99 -7.24 53.71 -15.01
C SER C 99 -5.82 54.13 -15.33
N LEU C 100 -5.51 55.42 -15.22
CA LEU C 100 -4.17 55.90 -15.56
C LEU C 100 -3.13 55.43 -14.56
N GLU C 101 -3.43 55.54 -13.26
CA GLU C 101 -2.50 55.03 -12.24
C GLU C 101 -2.21 53.56 -12.47
N THR C 102 -3.26 52.76 -12.74
CA THR C 102 -3.10 51.32 -12.84
C THR C 102 -2.20 50.95 -14.02
N ILE C 103 -2.52 51.44 -15.21
CA ILE C 103 -1.77 51.04 -16.39
C ILE C 103 -0.35 51.61 -16.33
N CYS C 104 -0.19 52.82 -15.79
CA CYS C 104 1.16 53.39 -15.68
C CYS C 104 2.05 52.56 -14.78
N LEU C 105 1.53 52.12 -13.62
CA LEU C 105 2.35 51.27 -12.76
C LEU C 105 2.66 49.94 -13.42
N LEU C 106 1.68 49.38 -14.15
CA LEU C 106 1.93 48.12 -14.83
C LEU C 106 2.95 48.27 -15.95
N LEU C 107 2.83 49.32 -16.76
CA LEU C 107 3.82 49.56 -17.80
C LEU C 107 5.20 49.83 -17.21
N ALA C 108 5.25 50.58 -16.10
CA ALA C 108 6.55 50.89 -15.51
C ALA C 108 7.23 49.61 -15.03
N TYR C 109 6.47 48.69 -14.44
CA TYR C 109 7.06 47.44 -13.99
C TYR C 109 7.47 46.56 -15.16
N LYS C 110 6.77 46.66 -16.30
CA LYS C 110 7.21 45.93 -17.48
C LYS C 110 8.56 46.44 -17.97
N ILE C 111 8.76 47.75 -17.91
CA ILE C 111 10.04 48.32 -18.33
C ILE C 111 11.13 47.98 -17.32
N LYS C 112 10.77 47.98 -16.03
CA LYS C 112 11.76 47.75 -14.97
C LYS C 112 12.20 46.30 -14.93
N TYR C 113 11.26 45.36 -15.08
CA TYR C 113 11.52 43.93 -14.95
C TYR C 113 11.02 43.20 -16.18
N PRO C 114 11.58 43.50 -17.36
CA PRO C 114 11.01 42.98 -18.62
C PRO C 114 10.95 41.46 -18.71
N GLU C 115 11.82 40.74 -18.01
CA GLU C 115 11.85 39.28 -18.06
C GLU C 115 11.11 38.63 -16.91
N ASN C 116 10.52 39.42 -16.00
CA ASN C 116 9.90 38.90 -14.80
C ASN C 116 8.50 39.46 -14.56
N PHE C 117 7.94 40.18 -15.53
CA PHE C 117 6.68 40.88 -15.34
C PHE C 117 6.02 40.96 -16.72
N PHE C 118 4.81 40.43 -16.83
CA PHE C 118 4.19 40.29 -18.14
C PHE C 118 2.73 40.67 -18.12
N LEU C 119 2.29 41.27 -19.22
CA LEU C 119 0.95 41.81 -19.37
C LEU C 119 0.35 41.25 -20.65
N LEU C 120 -0.82 40.63 -20.54
CA LEU C 120 -1.58 40.21 -21.70
C LEU C 120 -2.63 41.26 -22.06
N ARG C 121 -3.12 41.15 -23.29
CA ARG C 121 -4.13 42.07 -23.79
C ARG C 121 -5.52 41.57 -23.42
N GLY C 122 -6.32 42.44 -22.82
CA GLY C 122 -7.72 42.16 -22.58
C GLY C 122 -8.60 42.83 -23.64
N ASN C 123 -9.89 42.52 -23.60
CA ASN C 123 -10.79 43.13 -24.57
C ASN C 123 -10.97 44.62 -24.35
N HIS C 124 -10.58 45.14 -23.19
CA HIS C 124 -10.65 46.59 -22.98
C HIS C 124 -9.37 47.31 -23.35
N GLU C 125 -8.33 46.59 -23.76
CA GLU C 125 -7.13 47.23 -24.31
C GLU C 125 -7.23 47.33 -25.83
N CYS C 126 -8.31 47.99 -26.28
CA CYS C 126 -8.49 48.29 -27.69
C CYS C 126 -9.32 49.55 -27.81
N ALA C 127 -9.12 50.27 -28.92
CA ALA C 127 -9.65 51.62 -29.06
C ALA C 127 -11.17 51.65 -28.95
N SER C 128 -11.86 50.74 -29.64
CA SER C 128 -13.32 50.87 -29.72
C SER C 128 -13.98 50.65 -28.37
N ILE C 129 -13.41 49.83 -27.51
CA ILE C 129 -14.03 49.55 -26.21
C ILE C 129 -13.66 50.60 -25.19
N ASN C 130 -12.36 50.89 -25.03
CA ASN C 130 -11.98 51.86 -24.02
C ASN C 130 -12.19 53.29 -24.47
N ARG C 131 -12.61 53.50 -25.73
CA ARG C 131 -13.19 54.78 -26.11
C ARG C 131 -14.49 55.05 -25.36
N ILE C 132 -15.19 53.99 -24.95
CA ILE C 132 -16.55 54.10 -24.46
C ILE C 132 -16.62 53.91 -22.94
N TYR C 133 -15.83 52.99 -22.39
CA TYR C 133 -16.05 52.53 -21.02
C TYR C 133 -15.17 53.25 -20.00
N GLY C 134 -14.60 54.40 -20.35
CA GLY C 134 -14.05 55.28 -19.34
C GLY C 134 -12.64 55.77 -19.56
N PHE C 135 -11.80 54.97 -20.24
CA PHE C 135 -10.38 55.31 -20.31
C PHE C 135 -10.16 56.57 -21.13
N TYR C 136 -10.82 56.66 -22.29
CA TYR C 136 -10.72 57.86 -23.10
C TYR C 136 -11.15 59.09 -22.31
N ASP C 137 -12.25 59.00 -21.56
CA ASP C 137 -12.70 60.13 -20.76
C ASP C 137 -11.65 60.50 -19.71
N GLU C 138 -11.02 59.51 -19.08
CA GLU C 138 -10.02 59.79 -18.07
C GLU C 138 -8.81 60.49 -18.69
N CYS C 139 -8.33 59.97 -19.82
CA CYS C 139 -7.23 60.63 -20.53
C CYS C 139 -7.60 62.05 -20.91
N LYS C 140 -8.78 62.23 -21.50
CA LYS C 140 -9.21 63.57 -21.93
C LYS C 140 -9.38 64.49 -20.74
N ARG C 141 -9.93 63.97 -19.63
CA ARG C 141 -10.16 64.81 -18.46
C ARG C 141 -8.85 65.27 -17.84
N ARG C 142 -7.90 64.36 -17.68
CA ARG C 142 -6.67 64.65 -16.95
C ARG C 142 -5.52 65.09 -17.84
N TYR C 143 -5.53 64.73 -19.13
CA TYR C 143 -4.44 65.12 -20.03
C TYR C 143 -5.02 65.57 -21.37
N ASN C 144 -5.07 64.71 -22.38
CA ASN C 144 -5.64 65.11 -23.66
C ASN C 144 -5.89 63.88 -24.53
N ILE C 145 -6.51 64.12 -25.68
CA ILE C 145 -6.86 63.03 -26.59
C ILE C 145 -5.62 62.38 -27.16
N LYS C 146 -4.59 63.17 -27.45
CA LYS C 146 -3.38 62.60 -28.05
C LYS C 146 -2.79 61.52 -27.17
N LEU C 147 -2.86 61.71 -25.84
CA LEU C 147 -2.33 60.70 -24.93
C LEU C 147 -3.12 59.40 -25.01
N TRP C 148 -4.44 59.50 -25.18
CA TRP C 148 -5.23 58.28 -25.36
C TRP C 148 -4.83 57.55 -26.64
N LYS C 149 -4.57 58.31 -27.71
CA LYS C 149 -4.10 57.69 -28.94
C LYS C 149 -2.72 57.07 -28.76
N THR C 150 -1.88 57.67 -27.92
CA THR C 150 -0.58 57.08 -27.62
C THR C 150 -0.73 55.76 -26.88
N PHE C 151 -1.67 55.71 -25.92
CA PHE C 151 -1.94 54.45 -25.24
C PHE C 151 -2.42 53.40 -26.22
N THR C 152 -3.23 53.81 -27.21
CA THR C 152 -3.73 52.87 -28.19
C THR C 152 -2.60 52.21 -28.97
N ASP C 153 -1.59 52.99 -29.38
CA ASP C 153 -0.43 52.41 -30.04
C ASP C 153 0.21 51.35 -29.15
N CYS C 154 0.25 51.60 -27.84
CA CYS C 154 0.86 50.65 -26.93
C CYS C 154 0.01 49.39 -26.76
N PHE C 155 -1.30 49.56 -26.57
CA PHE C 155 -2.18 48.40 -26.40
C PHE C 155 -2.18 47.52 -27.66
N ASN C 156 -2.05 48.12 -28.83
CA ASN C 156 -2.07 47.35 -30.06
C ASN C 156 -0.84 46.45 -30.21
N CYS C 157 0.12 46.55 -29.30
CA CYS C 157 1.32 45.70 -29.33
C CYS C 157 1.39 44.72 -28.17
N LEU C 158 0.36 44.65 -27.32
CA LEU C 158 0.39 43.73 -26.20
C LEU C 158 0.38 42.29 -26.70
N PRO C 159 1.08 41.37 -26.02
CA PRO C 159 0.93 39.96 -26.35
C PRO C 159 -0.47 39.48 -26.01
N ILE C 160 -0.86 38.37 -26.65
CA ILE C 160 -2.25 37.92 -26.61
C ILE C 160 -2.43 36.67 -25.76
N ALA C 161 -1.41 35.82 -25.62
CA ALA C 161 -1.54 34.61 -24.84
C ALA C 161 -0.17 34.23 -24.30
N ALA C 162 -0.18 33.29 -23.36
CA ALA C 162 1.06 32.81 -22.76
C ALA C 162 0.89 31.35 -22.39
N ILE C 163 1.96 30.58 -22.57
CA ILE C 163 2.04 29.21 -22.10
C ILE C 163 3.09 29.16 -21.00
N VAL C 164 2.69 28.68 -19.82
CA VAL C 164 3.59 28.54 -18.68
C VAL C 164 4.09 27.10 -18.63
N ASP C 165 5.40 26.92 -18.77
CA ASP C 165 6.03 25.60 -18.66
C ASP C 165 5.30 24.56 -19.52
N GLU C 166 4.88 24.97 -20.71
CA GLU C 166 4.29 24.08 -21.70
C GLU C 166 3.08 23.32 -21.18
N LYS C 167 2.41 23.83 -20.14
CA LYS C 167 1.26 23.13 -19.58
C LYS C 167 0.08 24.03 -19.20
N ILE C 168 0.26 25.34 -19.05
CA ILE C 168 -0.84 26.24 -18.70
C ILE C 168 -0.98 27.26 -19.81
N PHE C 169 -2.12 27.23 -20.50
CA PHE C 169 -2.42 28.19 -21.55
C PHE C 169 -3.20 29.37 -20.97
N CYS C 170 -2.69 30.57 -21.17
CA CYS C 170 -3.24 31.78 -20.55
C CYS C 170 -3.67 32.78 -21.61
N CYS C 171 -4.89 33.29 -21.47
CA CYS C 171 -5.38 34.39 -22.29
C CYS C 171 -6.52 35.04 -21.53
N HIS C 172 -6.96 36.21 -22.02
CA HIS C 172 -7.96 36.97 -21.28
C HIS C 172 -9.32 36.29 -21.33
N GLY C 173 -9.81 36.00 -22.53
CA GLY C 173 -11.16 35.50 -22.67
C GLY C 173 -11.26 33.99 -22.66
N GLY C 174 -10.85 33.36 -23.77
CA GLY C 174 -10.92 31.92 -23.83
C GLY C 174 -10.52 31.32 -25.17
N LEU C 175 -11.12 30.18 -25.50
CA LEU C 175 -10.77 29.46 -26.71
C LEU C 175 -11.52 30.03 -27.92
N SER C 176 -11.03 29.67 -29.11
CA SER C 176 -11.61 30.08 -30.36
C SER C 176 -11.92 28.87 -31.21
N PRO C 177 -13.06 28.84 -31.92
CA PRO C 177 -13.27 27.77 -32.89
C PRO C 177 -12.24 27.80 -34.01
N ASP C 178 -11.64 28.95 -34.27
CA ASP C 178 -10.62 29.10 -35.30
C ASP C 178 -9.22 28.74 -34.83
N LEU C 179 -9.05 28.32 -33.57
CA LEU C 179 -7.73 28.03 -33.02
C LEU C 179 -7.45 26.53 -33.16
N GLN C 180 -6.84 26.15 -34.29
CA GLN C 180 -6.39 24.79 -34.50
C GLN C 180 -4.91 24.59 -34.22
N SER C 181 -4.11 25.65 -34.27
CA SER C 181 -2.67 25.54 -34.08
C SER C 181 -2.16 26.78 -33.36
N MET C 182 -1.25 26.57 -32.40
CA MET C 182 -0.58 27.69 -31.74
C MET C 182 0.12 28.59 -32.76
N GLU C 183 0.53 28.05 -33.90
CA GLU C 183 1.18 28.87 -34.92
C GLU C 183 0.26 29.98 -35.41
N GLN C 184 -1.06 29.76 -35.35
CA GLN C 184 -1.99 30.80 -35.77
C GLN C 184 -1.92 32.02 -34.88
N ILE C 185 -1.65 31.83 -33.58
CA ILE C 185 -1.45 32.98 -32.70
C ILE C 185 -0.11 33.63 -32.99
N ARG C 186 0.94 32.83 -33.20
CA ARG C 186 2.27 33.37 -33.45
C ARG C 186 2.32 34.21 -34.71
N ARG C 187 1.49 33.89 -35.71
CA ARG C 187 1.52 34.59 -36.99
C ARG C 187 0.82 35.94 -36.94
N ILE C 188 0.12 36.27 -35.85
CA ILE C 188 -0.55 37.55 -35.76
C ILE C 188 0.49 38.65 -35.62
N MET C 189 0.39 39.66 -36.48
CA MET C 189 1.38 40.73 -36.53
C MET C 189 0.88 41.96 -35.79
N ARG C 190 1.81 42.66 -35.13
CA ARG C 190 1.52 43.83 -34.33
C ARG C 190 2.24 45.05 -34.91
N PRO C 191 1.69 46.25 -34.74
CA PRO C 191 0.45 46.56 -34.01
C PRO C 191 -0.80 46.12 -34.76
N THR C 192 -1.83 45.71 -34.00
CA THR C 192 -3.08 45.28 -34.57
C THR C 192 -4.22 45.73 -33.70
N ASP C 193 -5.36 45.99 -34.34
CA ASP C 193 -6.62 46.17 -33.66
C ASP C 193 -7.17 44.82 -33.22
N VAL C 194 -8.20 44.85 -32.39
CA VAL C 194 -8.98 43.65 -32.06
C VAL C 194 -10.17 43.60 -33.00
N PRO C 195 -10.33 42.57 -33.81
CA PRO C 195 -11.42 42.53 -34.79
C PRO C 195 -12.76 42.21 -34.13
N ASP C 196 -13.84 42.40 -34.90
CA ASP C 196 -15.16 42.13 -34.37
C ASP C 196 -15.51 40.65 -34.37
N GLN C 197 -14.71 39.82 -35.01
CA GLN C 197 -14.89 38.36 -34.96
C GLN C 197 -13.57 37.73 -35.39
N GLY C 198 -13.47 36.41 -35.17
CA GLY C 198 -12.27 35.68 -35.52
C GLY C 198 -11.40 35.38 -34.32
N LEU C 199 -10.24 34.78 -34.62
CA LEU C 199 -9.37 34.22 -33.58
C LEU C 199 -9.02 35.25 -32.51
N LEU C 200 -8.49 36.41 -32.91
CA LEU C 200 -8.05 37.40 -31.93
C LEU C 200 -9.21 37.94 -31.11
N CYS C 201 -10.39 38.05 -31.71
CA CYS C 201 -11.57 38.44 -30.96
C CYS C 201 -11.94 37.40 -29.91
N ASP C 202 -11.97 36.12 -30.31
CA ASP C 202 -12.39 35.06 -29.40
C ASP C 202 -11.43 34.95 -28.22
N LEU C 203 -10.13 35.03 -28.47
CA LEU C 203 -9.17 34.90 -27.38
C LEU C 203 -9.39 35.96 -26.31
N LEU C 204 -9.98 37.10 -26.67
CA LEU C 204 -10.20 38.21 -25.75
C LEU C 204 -11.63 38.33 -25.28
N TRP C 205 -12.57 37.55 -25.83
CA TRP C 205 -13.99 37.76 -25.55
C TRP C 205 -14.77 36.52 -25.13
N SER C 206 -14.31 35.31 -25.46
CA SER C 206 -15.14 34.14 -25.24
C SER C 206 -15.25 33.79 -23.75
N ASP C 207 -16.30 33.03 -23.42
CA ASP C 207 -16.61 32.60 -22.06
C ASP C 207 -16.88 31.11 -22.04
N PRO C 208 -16.47 30.40 -20.98
CA PRO C 208 -16.93 29.02 -20.79
C PRO C 208 -18.38 29.00 -20.33
N ASP C 209 -19.08 27.93 -20.69
CA ASP C 209 -20.46 27.76 -20.28
C ASP C 209 -20.76 26.27 -20.14
N LYS C 210 -21.13 25.85 -18.93
CA LYS C 210 -21.37 24.43 -18.67
C LYS C 210 -22.58 23.89 -19.43
N ASP C 211 -23.49 24.76 -19.85
CA ASP C 211 -24.69 24.32 -20.55
C ASP C 211 -24.47 24.07 -22.04
N VAL C 212 -23.27 24.36 -22.56
CA VAL C 212 -22.97 24.27 -23.98
C VAL C 212 -22.14 23.02 -24.24
N GLN C 213 -22.53 22.24 -25.25
CA GLN C 213 -21.75 21.06 -25.59
C GLN C 213 -20.48 21.43 -26.34
N GLY C 214 -20.62 22.20 -27.42
CA GLY C 214 -19.47 22.69 -28.16
C GLY C 214 -19.34 24.19 -28.04
N TRP C 215 -19.91 24.90 -29.00
CA TRP C 215 -19.95 26.36 -29.00
C TRP C 215 -21.39 26.83 -28.87
N GLY C 216 -21.55 28.03 -28.30
CA GLY C 216 -22.87 28.59 -28.06
C GLY C 216 -22.83 30.09 -28.16
N GLU C 217 -24.00 30.70 -27.94
CA GLU C 217 -24.12 32.15 -27.99
C GLU C 217 -23.53 32.77 -26.72
N ASN C 218 -22.90 33.93 -26.90
CA ASN C 218 -22.36 34.71 -25.79
C ASN C 218 -23.30 35.88 -25.52
N ASP C 219 -23.77 36.01 -24.28
CA ASP C 219 -24.71 37.08 -23.95
C ASP C 219 -24.12 38.46 -24.18
N ARG C 220 -22.79 38.55 -24.33
CA ARG C 220 -22.17 39.85 -24.59
C ARG C 220 -22.49 40.37 -25.98
N GLY C 221 -22.98 39.52 -26.88
CA GLY C 221 -23.13 39.90 -28.26
C GLY C 221 -21.84 39.90 -29.05
N VAL C 222 -20.78 39.32 -28.50
CA VAL C 222 -19.48 39.23 -29.15
C VAL C 222 -18.94 37.82 -28.92
N SER C 223 -18.31 37.26 -29.95
CA SER C 223 -17.64 35.96 -29.83
C SER C 223 -18.66 34.90 -29.42
N PHE C 224 -18.20 33.87 -28.70
CA PHE C 224 -18.97 32.66 -28.43
C PHE C 224 -18.79 32.24 -26.97
N THR C 225 -19.62 31.30 -26.53
CA THR C 225 -19.34 30.48 -25.36
C THR C 225 -18.83 29.11 -25.81
N PHE C 226 -18.17 28.41 -24.90
CA PHE C 226 -17.65 27.07 -25.19
C PHE C 226 -17.81 26.17 -23.98
N GLY C 227 -17.87 24.87 -24.25
CA GLY C 227 -18.19 23.88 -23.23
C GLY C 227 -16.97 23.09 -22.77
N ALA C 228 -17.23 22.20 -21.81
CA ALA C 228 -16.15 21.43 -21.20
C ALA C 228 -15.49 20.50 -22.20
N GLU C 229 -16.27 19.93 -23.13
CA GLU C 229 -15.69 19.03 -24.12
C GLU C 229 -14.67 19.74 -24.99
N VAL C 230 -14.91 21.02 -25.30
CA VAL C 230 -13.94 21.79 -26.08
C VAL C 230 -12.64 21.94 -25.29
N VAL C 231 -12.75 22.24 -23.99
CA VAL C 231 -11.56 22.37 -23.16
C VAL C 231 -10.78 21.06 -23.13
N ALA C 232 -11.49 19.94 -22.88
CA ALA C 232 -10.82 18.65 -22.76
C ALA C 232 -10.07 18.29 -24.04
N LYS C 233 -10.69 18.52 -25.20
CA LYS C 233 -10.04 18.15 -26.45
C LYS C 233 -8.88 19.08 -26.77
N PHE C 234 -9.03 20.38 -26.45
CA PHE C 234 -7.94 21.32 -26.67
C PHE C 234 -6.72 20.94 -25.84
N LEU C 235 -6.91 20.70 -24.54
CA LEU C 235 -5.79 20.35 -23.69
C LEU C 235 -5.14 19.04 -24.13
N HIS C 236 -5.95 18.07 -24.56
CA HIS C 236 -5.40 16.81 -25.04
C HIS C 236 -4.61 17.02 -26.33
N LYS C 237 -5.17 17.80 -27.26
CA LYS C 237 -4.51 18.03 -28.54
C LYS C 237 -3.11 18.62 -28.35
N HIS C 238 -2.99 19.60 -27.46
CA HIS C 238 -1.75 20.33 -27.28
C HIS C 238 -0.97 19.89 -26.05
N ASP C 239 -1.36 18.77 -25.44
CA ASP C 239 -0.69 18.23 -24.25
C ASP C 239 -0.52 19.32 -23.19
N LEU C 240 -1.59 20.08 -22.99
CA LEU C 240 -1.68 21.07 -21.92
C LEU C 240 -2.51 20.51 -20.77
N ASP C 241 -2.36 21.13 -19.60
CA ASP C 241 -3.05 20.68 -18.40
C ASP C 241 -4.13 21.63 -17.91
N LEU C 242 -4.08 22.92 -18.28
CA LEU C 242 -4.96 23.91 -17.69
C LEU C 242 -5.09 25.10 -18.62
N ILE C 243 -6.32 25.60 -18.76
CA ILE C 243 -6.56 26.93 -19.31
C ILE C 243 -6.78 27.90 -18.15
N CYS C 244 -6.00 28.98 -18.14
CA CYS C 244 -6.11 30.01 -17.13
C CYS C 244 -6.56 31.29 -17.81
N ARG C 245 -7.70 31.82 -17.41
CA ARG C 245 -8.29 32.97 -18.08
C ARG C 245 -8.97 33.85 -17.04
N ALA C 246 -9.46 34.99 -17.49
CA ALA C 246 -10.05 35.98 -16.60
C ALA C 246 -11.43 36.36 -17.11
N HIS C 247 -11.70 37.66 -17.25
CA HIS C 247 -12.80 38.13 -18.10
C HIS C 247 -14.16 38.14 -17.42
N GLN C 248 -14.39 37.28 -16.44
CA GLN C 248 -15.67 37.21 -15.75
C GLN C 248 -15.49 37.28 -14.24
N VAL C 249 -16.31 38.10 -13.59
CA VAL C 249 -16.29 38.17 -12.13
CA VAL C 249 -16.30 38.17 -12.12
C VAL C 249 -16.74 36.83 -11.56
N VAL C 250 -16.06 36.38 -10.50
CA VAL C 250 -16.41 35.13 -9.83
C VAL C 250 -16.31 35.37 -8.32
N GLU C 251 -17.21 34.71 -7.59
CA GLU C 251 -17.45 35.08 -6.20
C GLU C 251 -16.19 34.97 -5.35
N ASP C 252 -15.40 33.92 -5.55
CA ASP C 252 -14.19 33.71 -4.77
C ASP C 252 -12.94 34.27 -5.44
N GLY C 253 -13.09 34.96 -6.57
CA GLY C 253 -11.95 35.44 -7.34
C GLY C 253 -11.27 34.39 -8.17
N TYR C 254 -11.53 33.11 -7.90
CA TYR C 254 -11.11 32.02 -8.78
C TYR C 254 -12.25 31.02 -8.84
N GLU C 255 -12.46 30.44 -10.01
CA GLU C 255 -13.55 29.50 -10.19
C GLU C 255 -13.16 28.50 -11.27
N PHE C 256 -13.24 27.22 -10.93
CA PHE C 256 -12.83 26.16 -11.85
C PHE C 256 -13.97 25.80 -12.78
N PHE C 257 -13.60 25.19 -13.91
CA PHE C 257 -14.54 24.76 -14.93
C PHE C 257 -14.04 23.45 -15.52
N ALA C 258 -14.98 22.56 -15.84
CA ALA C 258 -14.68 21.32 -16.57
C ALA C 258 -13.66 20.47 -15.81
N LYS C 259 -14.05 20.04 -14.61
CA LYS C 259 -13.22 19.17 -13.79
C LYS C 259 -11.83 19.77 -13.59
N ARG C 260 -11.80 21.06 -13.29
CA ARG C 260 -10.58 21.80 -12.96
C ARG C 260 -9.59 21.83 -14.12
N GLN C 261 -10.06 21.61 -15.35
CA GLN C 261 -9.22 21.81 -16.52
C GLN C 261 -9.17 23.27 -16.98
N LEU C 262 -10.03 24.12 -16.44
CA LEU C 262 -10.01 25.55 -16.72
C LEU C 262 -10.31 26.29 -15.43
N VAL C 263 -9.60 27.39 -15.19
CA VAL C 263 -9.86 28.25 -14.04
C VAL C 263 -10.03 29.69 -14.54
N THR C 264 -11.00 30.38 -13.95
CA THR C 264 -11.18 31.81 -14.17
C THR C 264 -10.58 32.56 -12.98
N LEU C 265 -9.76 33.57 -13.26
CA LEU C 265 -9.19 34.43 -12.23
C LEU C 265 -9.74 35.84 -12.40
N PHE C 266 -10.09 36.47 -11.28
CA PHE C 266 -10.60 37.83 -11.28
C PHE C 266 -9.99 38.54 -10.07
N SER C 267 -9.36 39.69 -10.31
CA SER C 267 -8.52 40.33 -9.31
C SER C 267 -9.05 41.66 -8.80
N ALA C 268 -10.27 42.04 -9.17
CA ALA C 268 -10.88 43.26 -8.64
C ALA C 268 -11.94 42.90 -7.62
N PRO C 269 -11.64 42.92 -6.32
CA PRO C 269 -12.67 42.63 -5.33
C PRO C 269 -13.75 43.71 -5.34
N ASN C 270 -14.93 43.32 -4.86
CA ASN C 270 -16.05 44.25 -4.73
C ASN C 270 -16.26 45.01 -6.03
N TYR C 271 -16.18 44.27 -7.14
CA TYR C 271 -16.12 44.84 -8.49
C TYR C 271 -17.20 45.88 -8.71
N CYS C 272 -16.78 47.08 -9.12
CA CYS C 272 -17.65 48.22 -9.39
C CYS C 272 -18.54 48.58 -8.21
N GLY C 273 -18.20 48.12 -7.01
CA GLY C 273 -19.08 48.33 -5.88
C GLY C 273 -20.44 47.70 -6.05
N GLU C 274 -20.57 46.76 -6.98
CA GLU C 274 -21.84 46.10 -7.29
C GLU C 274 -21.87 44.63 -6.88
N PHE C 275 -20.72 43.97 -6.85
CA PHE C 275 -20.61 42.57 -6.45
C PHE C 275 -19.87 42.48 -5.13
N ASP C 276 -20.11 41.39 -4.41
CA ASP C 276 -19.41 41.08 -3.17
C ASP C 276 -18.34 40.02 -3.40
N ASN C 277 -17.64 40.11 -4.52
CA ASN C 277 -16.67 39.13 -4.94
C ASN C 277 -15.31 39.37 -4.28
N ALA C 278 -14.57 38.30 -4.09
CA ALA C 278 -13.16 38.41 -3.75
C ALA C 278 -12.32 38.57 -5.01
N GLY C 279 -11.10 39.07 -4.82
CA GLY C 279 -10.09 39.09 -5.87
C GLY C 279 -9.05 38.03 -5.56
N ALA C 280 -8.55 37.37 -6.60
CA ALA C 280 -7.67 36.23 -6.40
C ALA C 280 -6.47 36.29 -7.35
N MET C 281 -5.39 35.64 -6.93
CA MET C 281 -4.24 35.34 -7.76
C MET C 281 -4.00 33.84 -7.72
N MET C 282 -3.25 33.33 -8.68
CA MET C 282 -2.83 31.94 -8.68
C MET C 282 -1.31 31.89 -8.75
N SER C 283 -0.69 31.27 -7.74
CA SER C 283 0.74 31.06 -7.72
C SER C 283 1.09 29.72 -8.35
N VAL C 284 2.11 29.73 -9.19
CA VAL C 284 2.64 28.53 -9.83
C VAL C 284 4.09 28.41 -9.42
N ASP C 285 4.47 27.29 -8.80
CA ASP C 285 5.84 27.10 -8.37
C ASP C 285 6.57 26.20 -9.37
N GLU C 286 7.88 26.01 -9.13
CA GLU C 286 8.72 25.32 -10.11
C GLU C 286 8.32 23.87 -10.32
N THR C 287 7.53 23.29 -9.41
CA THR C 287 7.02 21.94 -9.60
C THR C 287 5.66 21.92 -10.27
N LEU C 288 5.15 23.08 -10.69
CA LEU C 288 3.82 23.21 -11.29
C LEU C 288 2.71 22.95 -10.27
N MET C 289 3.01 23.17 -8.99
CA MET C 289 1.98 23.17 -7.96
C MET C 289 1.32 24.54 -7.94
N CYS C 290 0.00 24.59 -8.12
CA CYS C 290 -0.74 25.84 -8.17
C CYS C 290 -1.56 26.02 -6.91
N SER C 291 -1.55 27.24 -6.38
CA SER C 291 -2.27 27.57 -5.17
C SER C 291 -2.93 28.94 -5.35
N PHE C 292 -3.97 29.17 -4.57
CA PHE C 292 -4.78 30.38 -4.71
C PHE C 292 -4.71 31.22 -3.44
N GLN C 293 -4.58 32.52 -3.62
CA GLN C 293 -4.57 33.49 -2.54
C GLN C 293 -5.58 34.59 -2.90
N ILE C 294 -6.55 34.82 -2.03
CA ILE C 294 -7.66 35.70 -2.36
C ILE C 294 -7.71 36.86 -1.38
N LEU C 295 -8.22 38.00 -1.86
CA LEU C 295 -8.51 39.17 -1.04
C LEU C 295 -10.02 39.31 -0.98
N LYS C 296 -10.59 39.03 0.18
CA LYS C 296 -12.03 38.92 0.39
C LYS C 296 -12.56 40.18 1.06
N PRO C 297 -13.59 40.83 0.52
CA PRO C 297 -14.18 41.97 1.23
C PRO C 297 -14.73 41.54 2.58
N ALA C 298 -14.69 42.46 3.53
CA ALA C 298 -15.18 42.18 4.88
C ALA C 298 -16.48 42.93 5.14
N SER D 5 45.00 41.45 -27.74
CA SER D 5 45.73 40.77 -28.81
C SER D 5 46.05 39.34 -28.43
N LEU D 6 45.15 38.42 -28.78
CA LEU D 6 45.38 36.99 -28.56
C LEU D 6 44.46 36.23 -29.51
N ASN D 7 45.05 35.66 -30.57
CA ASN D 7 44.29 34.90 -31.56
C ASN D 7 43.74 33.62 -30.95
N LEU D 8 42.77 33.75 -30.04
CA LEU D 8 42.33 32.60 -29.25
C LEU D 8 41.66 31.54 -30.11
N ASP D 9 40.76 31.94 -31.02
CA ASP D 9 40.05 30.94 -31.82
C ASP D 9 41.02 30.22 -32.76
N SER D 10 42.01 30.93 -33.30
CA SER D 10 43.05 30.26 -34.07
C SER D 10 43.80 29.25 -33.22
N ILE D 11 44.15 29.61 -31.99
CA ILE D 11 44.88 28.68 -31.12
C ILE D 11 44.03 27.45 -30.83
N ILE D 12 42.75 27.66 -30.50
CA ILE D 12 41.87 26.55 -30.17
C ILE D 12 41.69 25.63 -31.38
N GLY D 13 41.45 26.22 -32.56
CA GLY D 13 41.28 25.40 -33.75
C GLY D 13 42.49 24.54 -34.05
N ARG D 14 43.70 25.11 -33.89
CA ARG D 14 44.91 24.34 -34.15
C ARG D 14 45.06 23.19 -33.16
N LEU D 15 44.65 23.41 -31.90
CA LEU D 15 44.75 22.33 -30.92
C LEU D 15 43.74 21.23 -31.19
N LEU D 16 42.54 21.59 -31.65
CA LEU D 16 41.50 20.60 -31.91
C LEU D 16 41.66 19.90 -33.26
N GLU D 17 42.35 20.54 -34.22
CA GLU D 17 42.49 19.98 -35.56
C GLU D 17 43.12 18.61 -35.57
N VAL D 18 43.96 18.28 -34.57
CA VAL D 18 44.65 17.00 -34.58
C VAL D 18 43.74 15.84 -34.25
N GLN D 19 42.52 16.14 -33.80
CA GLN D 19 41.51 15.10 -33.59
C GLN D 19 41.42 14.20 -34.82
N GLY D 20 41.58 12.90 -34.60
CA GLY D 20 41.58 11.93 -35.67
C GLY D 20 42.95 11.56 -36.18
N SER D 21 43.97 12.37 -35.90
CA SER D 21 45.33 12.00 -36.25
C SER D 21 45.86 10.92 -35.33
N ARG D 22 47.00 10.35 -35.70
CA ARG D 22 47.63 9.34 -34.88
C ARG D 22 48.05 9.94 -33.54
N PRO D 23 47.57 9.44 -32.41
CA PRO D 23 47.99 9.99 -31.11
C PRO D 23 49.50 10.13 -31.03
N GLY D 24 49.94 11.27 -30.49
CA GLY D 24 51.34 11.63 -30.42
C GLY D 24 51.70 12.84 -31.28
N LYS D 25 50.98 13.05 -32.38
CA LYS D 25 51.26 14.19 -33.24
C LYS D 25 51.11 15.48 -32.45
N ASN D 26 52.07 16.38 -32.63
CA ASN D 26 52.11 17.61 -31.85
C ASN D 26 51.35 18.75 -32.53
N VAL D 27 50.90 19.67 -31.71
CA VAL D 27 50.37 20.95 -32.16
C VAL D 27 51.45 22.00 -31.96
N GLN D 28 51.73 22.77 -33.00
CA GLN D 28 52.82 23.75 -32.95
C GLN D 28 52.22 25.15 -32.79
N LEU D 29 52.11 25.58 -31.54
CA LEU D 29 51.87 26.98 -31.22
C LEU D 29 53.20 27.70 -31.11
N THR D 30 53.15 29.03 -31.24
CA THR D 30 54.37 29.80 -31.05
C THR D 30 54.58 30.09 -29.56
N GLU D 31 55.84 30.35 -29.21
CA GLU D 31 56.16 30.73 -27.84
C GLU D 31 55.29 31.87 -27.35
N ASN D 32 55.14 32.91 -28.18
CA ASN D 32 54.34 34.06 -27.76
C ASN D 32 52.88 33.69 -27.56
N GLU D 33 52.35 32.77 -28.37
CA GLU D 33 50.99 32.31 -28.16
C GLU D 33 50.85 31.58 -26.84
N ILE D 34 51.81 30.70 -26.52
CA ILE D 34 51.75 29.97 -25.25
C ILE D 34 51.89 30.95 -24.08
N ARG D 35 52.77 31.95 -24.22
CA ARG D 35 52.90 32.96 -23.17
C ARG D 35 51.60 33.76 -23.02
N GLY D 36 50.88 33.97 -24.13
CA GLY D 36 49.61 34.67 -24.05
C GLY D 36 48.54 33.86 -23.34
N LEU D 37 48.54 32.55 -23.53
CA LEU D 37 47.61 31.69 -22.80
C LEU D 37 47.89 31.75 -21.30
N CYS D 38 49.17 31.63 -20.90
CA CYS D 38 49.50 31.64 -19.48
C CYS D 38 49.16 32.97 -18.84
N LEU D 39 49.52 34.08 -19.49
CA LEU D 39 49.34 35.38 -18.88
C LEU D 39 47.87 35.75 -18.77
N LYS D 40 47.07 35.43 -19.79
CA LYS D 40 45.65 35.77 -19.73
C LYS D 40 44.90 34.87 -18.76
N SER D 41 45.15 33.55 -18.85
CA SER D 41 44.46 32.63 -17.95
C SER D 41 44.84 32.91 -16.49
N ARG D 42 46.11 33.22 -16.24
CA ARG D 42 46.53 33.60 -14.90
C ARG D 42 45.69 34.77 -14.37
N GLU D 43 45.43 35.76 -15.21
CA GLU D 43 44.63 36.90 -14.78
C GLU D 43 43.20 36.48 -14.45
N ILE D 44 42.66 35.53 -15.21
CA ILE D 44 41.31 35.04 -14.92
C ILE D 44 41.31 34.25 -13.62
N PHE D 45 42.29 33.36 -13.44
CA PHE D 45 42.37 32.60 -12.19
C PHE D 45 42.41 33.55 -10.98
N LEU D 46 43.18 34.63 -11.07
CA LEU D 46 43.29 35.57 -9.97
C LEU D 46 42.00 36.36 -9.77
N SER D 47 41.26 36.61 -10.85
CA SER D 47 40.01 37.35 -10.73
C SER D 47 38.91 36.52 -10.06
N GLN D 48 39.04 35.20 -10.07
CA GLN D 48 38.06 34.32 -9.47
C GLN D 48 38.58 33.79 -8.13
N PRO D 49 37.69 33.30 -7.28
CA PRO D 49 38.11 32.92 -5.91
C PRO D 49 38.95 31.66 -5.89
N ILE D 50 39.78 31.55 -4.85
CA ILE D 50 40.61 30.37 -4.68
C ILE D 50 39.76 29.17 -4.27
N LEU D 51 38.64 29.42 -3.62
CA LEU D 51 37.63 28.41 -3.32
C LEU D 51 36.43 28.73 -4.21
N LEU D 52 36.33 28.00 -5.33
CA LEU D 52 35.27 28.26 -6.28
C LEU D 52 33.92 27.87 -5.70
N GLU D 53 32.90 28.64 -6.04
CA GLU D 53 31.51 28.32 -5.72
C GLU D 53 30.77 28.21 -7.05
N LEU D 54 30.44 26.99 -7.43
CA LEU D 54 29.91 26.68 -8.75
C LEU D 54 28.50 26.12 -8.63
N GLU D 55 27.79 26.13 -9.76
CA GLU D 55 26.44 25.61 -9.85
C GLU D 55 26.36 24.54 -10.92
N ALA D 56 25.50 23.55 -10.68
CA ALA D 56 25.16 22.59 -11.72
C ALA D 56 24.36 23.31 -12.81
N PRO D 57 24.37 22.80 -14.05
CA PRO D 57 25.01 21.56 -14.52
C PRO D 57 26.52 21.66 -14.68
N LEU D 58 27.19 20.54 -14.44
CA LEU D 58 28.65 20.47 -14.43
C LEU D 58 29.05 19.04 -14.78
N LYS D 59 30.18 18.92 -15.49
CA LYS D 59 30.85 17.64 -15.66
C LYS D 59 32.22 17.73 -15.00
N ILE D 60 32.52 16.77 -14.15
CA ILE D 60 33.70 16.81 -13.27
C ILE D 60 34.65 15.69 -13.70
N CYS D 61 35.91 16.06 -13.97
CA CYS D 61 36.91 15.13 -14.46
C CYS D 61 38.14 15.12 -13.55
N GLY D 62 38.85 13.99 -13.56
CA GLY D 62 40.08 13.84 -12.81
C GLY D 62 41.33 13.88 -13.67
N ASP D 63 42.36 13.16 -13.24
CA ASP D 63 43.70 13.29 -13.79
C ASP D 63 43.73 13.06 -15.30
N ILE D 64 44.61 13.79 -15.98
CA ILE D 64 44.86 13.63 -17.41
C ILE D 64 46.32 13.27 -17.69
N HIS D 65 47.25 13.89 -16.98
CA HIS D 65 48.68 13.61 -17.06
C HIS D 65 49.18 13.54 -18.52
N GLY D 66 49.00 14.65 -19.22
CA GLY D 66 49.56 14.81 -20.56
C GLY D 66 49.04 13.86 -21.61
N GLN D 67 47.96 13.12 -21.31
CA GLN D 67 47.39 12.18 -22.27
C GLN D 67 46.40 12.94 -23.17
N TYR D 68 46.99 13.73 -24.08
CA TYR D 68 46.23 14.75 -24.78
C TYR D 68 45.11 14.14 -25.63
N TYR D 69 45.40 13.04 -26.32
CA TYR D 69 44.39 12.46 -27.18
C TYR D 69 43.28 11.76 -26.38
N ASP D 70 43.54 11.43 -25.11
CA ASP D 70 42.46 10.96 -24.25
C ASP D 70 41.59 12.11 -23.77
N LEU D 71 42.18 13.31 -23.56
CA LEU D 71 41.37 14.49 -23.27
C LEU D 71 40.44 14.80 -24.44
N LEU D 72 40.99 14.80 -25.66
CA LEU D 72 40.15 15.02 -26.84
C LEU D 72 39.02 14.01 -26.90
N ARG D 73 39.32 12.74 -26.63
CA ARG D 73 38.27 11.72 -26.61
C ARG D 73 37.27 12.00 -25.50
N LEU D 74 37.76 12.52 -24.36
CA LEU D 74 36.86 12.89 -23.27
C LEU D 74 35.89 13.99 -23.71
N PHE D 75 36.41 15.02 -24.38
CA PHE D 75 35.56 16.11 -24.84
C PHE D 75 34.58 15.64 -25.91
N GLU D 76 35.01 14.72 -26.80
CA GLU D 76 34.08 14.13 -27.76
C GLU D 76 32.91 13.46 -27.04
N TYR D 77 33.21 12.76 -25.95
CA TYR D 77 32.23 11.96 -25.23
C TYR D 77 31.27 12.84 -24.45
N GLY D 78 31.80 13.81 -23.70
CA GLY D 78 31.00 14.67 -22.86
C GLY D 78 30.52 15.94 -23.53
N GLY D 79 31.03 16.24 -24.72
CA GLY D 79 30.65 17.45 -25.42
C GLY D 79 31.72 18.50 -25.33
N PHE D 80 32.13 19.04 -26.46
CA PHE D 80 33.15 20.08 -26.44
C PHE D 80 32.58 21.37 -25.87
N PRO D 81 33.30 22.06 -24.99
CA PRO D 81 32.82 23.34 -24.48
C PRO D 81 32.38 24.23 -25.62
N PRO D 82 31.30 25.00 -25.45
CA PRO D 82 30.50 25.19 -24.25
C PRO D 82 29.28 24.27 -24.17
N GLU D 83 29.33 23.15 -24.89
CA GLU D 83 28.20 22.23 -24.90
C GLU D 83 27.95 21.67 -23.51
N SER D 84 29.01 21.34 -22.78
CA SER D 84 28.92 21.02 -21.37
C SER D 84 29.83 21.96 -20.58
N ASN D 85 29.46 22.19 -19.33
CA ASN D 85 30.34 22.87 -18.38
C ASN D 85 31.27 21.86 -17.74
N TYR D 86 32.50 22.28 -17.45
CA TYR D 86 33.52 21.36 -16.98
C TYR D 86 34.24 21.92 -15.76
N LEU D 87 34.52 21.01 -14.81
CA LEU D 87 35.43 21.26 -13.70
C LEU D 87 36.45 20.14 -13.71
N PHE D 88 37.72 20.48 -13.92
CA PHE D 88 38.80 19.50 -13.80
C PHE D 88 39.46 19.64 -12.43
N LEU D 89 39.97 18.51 -11.92
CA LEU D 89 40.44 18.43 -10.54
C LEU D 89 41.97 18.41 -10.43
N GLY D 90 42.70 18.61 -11.53
CA GLY D 90 44.13 18.82 -11.46
C GLY D 90 44.92 17.72 -12.13
N ASP D 91 46.25 17.84 -11.99
CA ASP D 91 47.21 16.92 -12.58
C ASP D 91 47.03 16.83 -14.10
N TYR D 92 47.20 18.00 -14.74
CA TYR D 92 47.11 18.09 -16.19
C TYR D 92 48.40 17.71 -16.87
N VAL D 93 49.54 17.95 -16.21
CA VAL D 93 50.84 17.78 -16.83
C VAL D 93 51.58 16.62 -16.16
N ASP D 94 52.72 16.26 -16.75
CA ASP D 94 53.65 15.23 -16.29
C ASP D 94 53.24 13.82 -16.69
N ARG D 95 54.24 12.94 -16.81
CA ARG D 95 54.09 11.51 -17.06
C ARG D 95 53.74 11.24 -18.52
N GLY D 96 52.65 11.82 -19.02
CA GLY D 96 52.32 11.69 -20.42
C GLY D 96 53.29 12.43 -21.31
N LYS D 97 53.19 12.17 -22.61
CA LYS D 97 54.12 12.72 -23.58
C LYS D 97 53.72 14.10 -24.10
N GLN D 98 52.47 14.54 -23.89
CA GLN D 98 51.97 15.77 -24.49
C GLN D 98 51.30 16.64 -23.42
N SER D 99 52.07 17.00 -22.39
CA SER D 99 51.56 17.90 -21.36
C SER D 99 51.27 19.29 -21.94
N LEU D 100 52.11 19.75 -22.87
CA LEU D 100 51.94 21.11 -23.40
C LEU D 100 50.61 21.25 -24.14
N GLU D 101 50.29 20.29 -25.02
CA GLU D 101 49.02 20.33 -25.72
C GLU D 101 47.86 20.31 -24.73
N THR D 102 47.94 19.46 -23.71
CA THR D 102 46.86 19.33 -22.74
C THR D 102 46.63 20.64 -21.99
N ILE D 103 47.69 21.21 -21.40
CA ILE D 103 47.48 22.39 -20.58
C ILE D 103 47.12 23.59 -21.45
N CYS D 104 47.67 23.66 -22.67
CA CYS D 104 47.34 24.78 -23.56
C CYS D 104 45.86 24.78 -23.95
N LEU D 105 45.30 23.61 -24.24
CA LEU D 105 43.87 23.55 -24.58
C LEU D 105 43.01 23.89 -23.37
N LEU D 106 43.40 23.40 -22.19
CA LEU D 106 42.63 23.68 -20.98
C LEU D 106 42.67 25.17 -20.65
N LEU D 107 43.84 25.81 -20.79
CA LEU D 107 43.92 27.24 -20.54
C LEU D 107 43.16 28.02 -21.61
N ALA D 108 43.24 27.58 -22.86
CA ALA D 108 42.49 28.25 -23.93
C ALA D 108 40.99 28.22 -23.64
N TYR D 109 40.48 27.08 -23.17
CA TYR D 109 39.06 27.00 -22.86
C TYR D 109 38.71 27.81 -21.62
N LYS D 110 39.66 27.96 -20.68
CA LYS D 110 39.40 28.83 -19.54
C LYS D 110 39.25 30.28 -19.99
N ILE D 111 40.07 30.72 -20.94
CA ILE D 111 39.97 32.09 -21.44
C ILE D 111 38.71 32.25 -22.27
N LYS D 112 38.36 31.21 -23.04
CA LYS D 112 37.23 31.29 -23.96
C LYS D 112 35.90 31.25 -23.23
N TYR D 113 35.78 30.41 -22.21
CA TYR D 113 34.54 30.20 -21.48
C TYR D 113 34.81 30.31 -19.98
N PRO D 114 35.16 31.50 -19.49
CA PRO D 114 35.63 31.61 -18.10
C PRO D 114 34.57 31.30 -17.05
N GLU D 115 33.29 31.49 -17.36
CA GLU D 115 32.23 31.19 -16.40
C GLU D 115 31.69 29.78 -16.54
N ASN D 116 32.23 28.98 -17.46
CA ASN D 116 31.69 27.65 -17.74
C ASN D 116 32.77 26.58 -17.79
N PHE D 117 34.02 26.92 -17.44
CA PHE D 117 35.13 26.00 -17.57
C PHE D 117 36.09 26.29 -16.44
N PHE D 118 36.41 25.28 -15.63
CA PHE D 118 37.14 25.49 -14.39
C PHE D 118 38.22 24.44 -14.20
N LEU D 119 39.35 24.88 -13.67
CA LEU D 119 40.53 24.05 -13.47
C LEU D 119 40.99 24.24 -12.03
N LEU D 120 41.10 23.14 -11.29
CA LEU D 120 41.70 23.15 -9.96
C LEU D 120 43.17 22.75 -10.05
N ARG D 121 43.90 23.05 -8.98
CA ARG D 121 45.32 22.74 -8.88
C ARG D 121 45.51 21.32 -8.38
N GLY D 122 46.34 20.54 -9.08
CA GLY D 122 46.79 19.26 -8.58
C GLY D 122 48.20 19.38 -8.03
N ASN D 123 48.67 18.29 -7.40
CA ASN D 123 50.02 18.32 -6.86
C ASN D 123 51.07 18.38 -7.97
N HIS D 124 50.72 18.04 -9.21
CA HIS D 124 51.67 18.17 -10.29
C HIS D 124 51.67 19.57 -10.92
N GLU D 125 50.77 20.45 -10.51
CA GLU D 125 50.86 21.87 -10.90
C GLU D 125 51.69 22.67 -9.89
N CYS D 126 52.90 22.20 -9.60
CA CYS D 126 53.82 22.95 -8.78
CA CYS D 126 53.84 22.87 -8.71
C CYS D 126 55.24 22.69 -9.26
N ALA D 127 56.08 23.71 -9.11
CA ALA D 127 57.40 23.69 -9.74
C ALA D 127 58.23 22.49 -9.28
N SER D 128 58.21 22.17 -7.99
CA SER D 128 59.10 21.11 -7.50
C SER D 128 58.73 19.76 -8.09
N ILE D 129 57.45 19.51 -8.32
CA ILE D 129 57.02 18.20 -8.82
C ILE D 129 57.17 18.12 -10.34
N ASN D 130 56.60 19.07 -11.08
CA ASN D 130 56.66 18.96 -12.54
C ASN D 130 58.02 19.37 -13.08
N ARG D 131 58.93 19.86 -12.24
CA ARG D 131 60.34 19.91 -12.60
C ARG D 131 60.88 18.51 -12.88
N ILE D 132 60.36 17.51 -12.17
CA ILE D 132 60.95 16.18 -12.15
C ILE D 132 60.19 15.21 -13.06
N TYR D 133 58.86 15.29 -13.08
CA TYR D 133 58.05 14.23 -13.67
C TYR D 133 57.67 14.49 -15.12
N GLY D 134 58.37 15.41 -15.80
CA GLY D 134 58.28 15.49 -17.24
C GLY D 134 58.01 16.85 -17.87
N PHE D 135 57.26 17.71 -17.19
CA PHE D 135 56.81 18.95 -17.83
C PHE D 135 57.99 19.87 -18.13
N TYR D 136 58.89 20.05 -17.16
CA TYR D 136 60.09 20.84 -17.40
C TYR D 136 60.86 20.31 -18.62
N ASP D 137 61.05 19.00 -18.68
CA ASP D 137 61.80 18.42 -19.80
C ASP D 137 61.12 18.75 -21.13
N GLU D 138 59.79 18.68 -21.16
CA GLU D 138 59.05 18.91 -22.39
C GLU D 138 59.14 20.38 -22.81
N CYS D 139 58.96 21.30 -21.86
CA CYS D 139 59.14 22.72 -22.16
C CYS D 139 60.55 23.00 -22.68
N LYS D 140 61.57 22.51 -21.97
CA LYS D 140 62.94 22.71 -22.43
C LYS D 140 63.14 22.08 -23.81
N ARG D 141 62.59 20.90 -24.03
CA ARG D 141 62.82 20.18 -25.28
C ARG D 141 62.21 20.93 -26.46
N ARG D 142 61.01 21.48 -26.30
CA ARG D 142 60.29 22.08 -27.41
C ARG D 142 60.38 23.59 -27.45
N TYR D 143 60.65 24.24 -26.32
CA TYR D 143 60.74 25.70 -26.28
C TYR D 143 61.97 26.13 -25.48
N ASN D 144 61.79 26.55 -24.24
CA ASN D 144 62.96 26.89 -23.42
C ASN D 144 62.57 26.81 -21.94
N ILE D 145 63.56 27.00 -21.07
CA ILE D 145 63.32 26.97 -19.63
C ILE D 145 62.41 28.13 -19.22
N LYS D 146 62.60 29.29 -19.85
CA LYS D 146 61.79 30.46 -19.51
C LYS D 146 60.31 30.16 -19.63
N LEU D 147 59.92 29.35 -20.61
CA LEU D 147 58.51 29.04 -20.78
C LEU D 147 57.98 28.22 -19.62
N TRP D 148 58.79 27.27 -19.12
CA TRP D 148 58.37 26.50 -17.96
C TRP D 148 58.17 27.41 -16.75
N LYS D 149 59.03 28.42 -16.60
CA LYS D 149 58.87 29.38 -15.52
C LYS D 149 57.59 30.19 -15.69
N THR D 150 57.24 30.52 -16.94
CA THR D 150 55.98 31.22 -17.18
C THR D 150 54.79 30.37 -16.77
N PHE D 151 54.80 29.08 -17.11
CA PHE D 151 53.74 28.19 -16.66
C PHE D 151 53.66 28.15 -15.14
N THR D 152 54.81 28.11 -14.45
CA THR D 152 54.80 28.08 -13.00
C THR D 152 54.01 29.25 -12.42
N ASP D 153 54.26 30.46 -12.93
CA ASP D 153 53.51 31.62 -12.48
C ASP D 153 52.01 31.38 -12.61
N CYS D 154 51.61 30.76 -13.72
CA CYS D 154 50.19 30.50 -13.97
C CYS D 154 49.64 29.47 -12.99
N PHE D 155 50.35 28.34 -12.84
CA PHE D 155 49.91 27.31 -11.90
C PHE D 155 49.80 27.85 -10.48
N ASN D 156 50.73 28.73 -10.09
CA ASN D 156 50.71 29.27 -8.72
C ASN D 156 49.45 30.07 -8.43
N CYS D 157 48.61 30.35 -9.44
CA CYS D 157 47.40 31.12 -9.25
C CYS D 157 46.13 30.31 -9.40
N LEU D 158 46.24 29.00 -9.62
CA LEU D 158 45.04 28.17 -9.76
C LEU D 158 44.25 28.12 -8.46
N PRO D 159 42.93 28.01 -8.55
CA PRO D 159 42.14 27.74 -7.34
C PRO D 159 42.41 26.33 -6.84
N ILE D 160 42.11 26.14 -5.56
CA ILE D 160 42.52 24.93 -4.84
C ILE D 160 41.35 23.99 -4.57
N ALA D 161 40.13 24.51 -4.48
CA ALA D 161 38.97 23.68 -4.20
C ALA D 161 37.75 24.33 -4.81
N ALA D 162 36.68 23.56 -4.88
CA ALA D 162 35.39 24.07 -5.36
C ALA D 162 34.28 23.40 -4.57
N ILE D 163 33.19 24.15 -4.37
CA ILE D 163 31.97 23.62 -3.77
C ILE D 163 30.85 23.83 -4.78
N VAL D 164 30.17 22.75 -5.14
CA VAL D 164 29.12 22.76 -6.17
C VAL D 164 27.77 22.74 -5.48
N ASP D 165 27.00 23.81 -5.67
CA ASP D 165 25.65 23.93 -5.13
C ASP D 165 25.62 23.64 -3.63
N GLU D 166 26.63 24.14 -2.93
CA GLU D 166 26.73 24.06 -1.47
C GLU D 166 26.65 22.62 -0.96
N LYS D 167 26.98 21.64 -1.79
CA LYS D 167 26.81 20.25 -1.39
C LYS D 167 27.94 19.32 -1.81
N ILE D 168 28.77 19.66 -2.79
CA ILE D 168 29.84 18.79 -3.27
C ILE D 168 31.15 19.55 -3.13
N PHE D 169 32.02 19.07 -2.23
CA PHE D 169 33.35 19.65 -2.03
C PHE D 169 34.34 18.95 -2.94
N CYS D 170 35.06 19.72 -3.75
CA CYS D 170 35.98 19.19 -4.75
C CYS D 170 37.39 19.69 -4.53
N CYS D 171 38.35 18.78 -4.54
CA CYS D 171 39.77 19.11 -4.55
C CYS D 171 40.52 17.93 -5.14
N HIS D 172 41.80 18.14 -5.44
CA HIS D 172 42.56 17.07 -6.10
C HIS D 172 42.77 15.88 -5.17
N GLY D 173 43.27 16.14 -3.96
CA GLY D 173 43.68 15.05 -3.09
C GLY D 173 42.63 14.65 -2.07
N GLY D 174 42.38 15.53 -1.11
CA GLY D 174 41.39 15.21 -0.09
C GLY D 174 41.49 16.14 1.11
N LEU D 175 41.12 15.61 2.26
CA LEU D 175 40.96 16.43 3.45
C LEU D 175 42.30 16.65 4.15
N SER D 176 42.30 17.62 5.07
CA SER D 176 43.44 17.99 5.87
C SER D 176 43.04 17.98 7.34
N PRO D 177 43.91 17.48 8.24
CA PRO D 177 43.63 17.67 9.65
C PRO D 177 43.55 19.14 10.02
N ASP D 178 44.21 20.00 9.25
CA ASP D 178 44.26 21.43 9.53
C ASP D 178 43.08 22.19 8.91
N LEU D 179 42.14 21.51 8.27
CA LEU D 179 40.99 22.18 7.65
C LEU D 179 39.85 22.20 8.67
N GLN D 180 39.72 23.32 9.38
CA GLN D 180 38.65 23.51 10.35
C GLN D 180 37.53 24.39 9.82
N SER D 181 37.86 25.33 8.93
CA SER D 181 36.89 26.28 8.39
C SER D 181 37.24 26.58 6.95
N MET D 182 36.20 26.73 6.10
CA MET D 182 36.44 27.07 4.71
C MET D 182 37.21 28.38 4.57
N GLU D 183 37.07 29.28 5.56
CA GLU D 183 37.81 30.54 5.50
C GLU D 183 39.31 30.32 5.46
N GLN D 184 39.78 29.19 5.97
CA GLN D 184 41.20 28.88 5.92
C GLN D 184 41.67 28.69 4.47
N ILE D 185 40.81 28.13 3.62
CA ILE D 185 41.13 28.05 2.20
C ILE D 185 41.04 29.42 1.56
N ARG D 186 39.97 30.16 1.86
CA ARG D 186 39.74 31.45 1.22
C ARG D 186 40.85 32.45 1.50
N ARG D 187 41.48 32.36 2.67
CA ARG D 187 42.47 33.36 3.04
C ARG D 187 43.85 33.10 2.47
N ILE D 188 44.06 31.96 1.79
CA ILE D 188 45.32 31.71 1.12
C ILE D 188 45.49 32.69 -0.02
N MET D 189 46.65 33.32 -0.08
CA MET D 189 46.90 34.38 -1.04
C MET D 189 47.77 33.86 -2.18
N ARG D 190 47.42 34.25 -3.40
CA ARG D 190 48.10 33.84 -4.62
C ARG D 190 48.80 35.02 -5.26
N PRO D 191 49.89 34.79 -6.01
CA PRO D 191 50.50 33.49 -6.32
C PRO D 191 51.16 32.82 -5.11
N THR D 192 51.04 31.50 -5.03
CA THR D 192 51.65 30.76 -3.94
C THR D 192 52.17 29.42 -4.43
N ASP D 193 53.27 28.98 -3.81
CA ASP D 193 53.76 27.63 -3.98
C ASP D 193 52.93 26.67 -3.13
N VAL D 194 53.15 25.37 -3.32
CA VAL D 194 52.53 24.33 -2.52
C VAL D 194 53.52 23.89 -1.46
N PRO D 195 53.21 24.01 -0.17
CA PRO D 195 54.19 23.73 0.88
C PRO D 195 54.40 22.23 1.06
N ASP D 196 55.47 21.90 1.81
CA ASP D 196 55.80 20.50 2.05
C ASP D 196 54.89 19.84 3.08
N GLN D 197 54.06 20.62 3.78
CA GLN D 197 53.12 20.06 4.74
C GLN D 197 52.08 21.15 5.03
N GLY D 198 51.01 20.73 5.70
CA GLY D 198 49.96 21.65 6.08
C GLY D 198 48.79 21.64 5.12
N LEU D 199 47.86 22.56 5.37
CA LEU D 199 46.55 22.53 4.70
C LEU D 199 46.69 22.47 3.18
N LEU D 200 47.40 23.41 2.58
CA LEU D 200 47.50 23.46 1.13
C LEU D 200 48.16 22.20 0.58
N CYS D 201 49.15 21.67 1.30
CA CYS D 201 49.74 20.39 0.92
C CYS D 201 48.70 19.27 0.98
N ASP D 202 47.99 19.17 2.11
CA ASP D 202 47.07 18.06 2.30
C ASP D 202 45.94 18.08 1.26
N LEU D 203 45.45 19.27 0.89
CA LEU D 203 44.36 19.34 -0.07
C LEU D 203 44.77 18.76 -1.42
N LEU D 204 46.06 18.78 -1.74
CA LEU D 204 46.55 18.29 -3.02
C LEU D 204 47.21 16.92 -2.94
N TRP D 205 47.43 16.37 -1.76
CA TRP D 205 48.22 15.15 -1.61
C TRP D 205 47.56 14.01 -0.87
N SER D 206 46.58 14.26 0.01
CA SER D 206 46.09 13.21 0.89
C SER D 206 45.23 12.20 0.13
N ASP D 207 45.12 11.01 0.70
CA ASP D 207 44.34 9.91 0.14
C ASP D 207 43.42 9.31 1.18
N PRO D 208 42.26 8.82 0.78
CA PRO D 208 41.42 8.03 1.68
C PRO D 208 41.95 6.63 1.84
N ASP D 209 41.72 6.04 3.01
CA ASP D 209 42.15 4.68 3.31
C ASP D 209 41.11 4.01 4.18
N LYS D 210 40.60 2.87 3.72
CA LYS D 210 39.61 2.13 4.50
C LYS D 210 40.22 1.60 5.80
N ASP D 211 41.50 1.24 5.79
CA ASP D 211 42.15 0.63 6.95
C ASP D 211 42.55 1.63 8.02
N VAL D 212 42.09 2.88 7.94
CA VAL D 212 42.47 3.93 8.88
C VAL D 212 41.21 4.49 9.51
N GLN D 213 41.19 4.55 10.85
CA GLN D 213 40.02 5.08 11.54
C GLN D 213 39.95 6.60 11.41
N GLY D 214 41.02 7.29 11.79
CA GLY D 214 41.08 8.73 11.69
C GLY D 214 42.07 9.17 10.64
N TRP D 215 43.32 9.40 11.05
CA TRP D 215 44.39 9.75 10.14
C TRP D 215 45.49 8.69 10.21
N GLY D 216 46.19 8.51 9.10
CA GLY D 216 47.17 7.46 8.99
C GLY D 216 48.34 7.90 8.13
N GLU D 217 49.31 6.99 7.98
CA GLU D 217 50.48 7.28 7.18
C GLU D 217 50.14 7.16 5.69
N ASN D 218 50.77 8.00 4.89
CA ASN D 218 50.59 8.01 3.45
C ASN D 218 51.82 7.42 2.78
N ASP D 219 51.64 6.29 2.08
CA ASP D 219 52.74 5.64 1.39
C ASP D 219 53.46 6.56 0.40
N ARG D 220 52.89 7.72 0.05
CA ARG D 220 53.58 8.62 -0.84
C ARG D 220 54.75 9.34 -0.16
N GLY D 221 54.84 9.29 1.16
CA GLY D 221 55.82 10.08 1.87
C GLY D 221 55.44 11.53 1.99
N VAL D 222 54.18 11.86 1.73
CA VAL D 222 53.67 13.22 1.75
C VAL D 222 52.29 13.19 2.37
N SER D 223 52.01 14.15 3.25
CA SER D 223 50.65 14.33 3.78
C SER D 223 50.25 13.08 4.57
N PHE D 224 48.94 12.81 4.61
CA PHE D 224 48.34 11.76 5.41
C PHE D 224 47.37 10.94 4.56
N THR D 225 46.93 9.83 5.14
CA THR D 225 45.68 9.19 4.76
C THR D 225 44.60 9.51 5.79
N PHE D 226 43.35 9.47 5.36
CA PHE D 226 42.22 9.73 6.23
C PHE D 226 41.17 8.63 6.07
N GLY D 227 40.39 8.43 7.13
CA GLY D 227 39.39 7.38 7.16
C GLY D 227 37.98 7.89 6.89
N ALA D 228 37.05 6.93 6.83
CA ALA D 228 35.67 7.24 6.49
C ALA D 228 35.00 8.09 7.56
N GLU D 229 35.34 7.85 8.83
CA GLU D 229 34.75 8.64 9.91
C GLU D 229 35.14 10.11 9.78
N VAL D 230 36.36 10.38 9.32
CA VAL D 230 36.78 11.75 9.05
C VAL D 230 35.92 12.36 7.95
N VAL D 231 35.55 11.55 6.95
CA VAL D 231 34.69 12.06 5.88
C VAL D 231 33.29 12.36 6.41
N ALA D 232 32.76 11.48 7.25
CA ALA D 232 31.41 11.65 7.76
C ALA D 232 31.29 12.90 8.62
N LYS D 233 32.26 13.12 9.51
CA LYS D 233 32.19 14.30 10.38
C LYS D 233 32.40 15.58 9.60
N PHE D 234 33.23 15.55 8.55
CA PHE D 234 33.45 16.74 7.74
C PHE D 234 32.18 17.12 6.99
N LEU D 235 31.51 16.15 6.38
CA LEU D 235 30.29 16.45 5.64
C LEU D 235 29.19 16.95 6.57
N HIS D 236 29.03 16.31 7.73
CA HIS D 236 28.03 16.77 8.69
C HIS D 236 28.34 18.18 9.16
N LYS D 237 29.60 18.43 9.53
CA LYS D 237 29.96 19.72 10.10
C LYS D 237 29.63 20.88 9.16
N HIS D 238 29.88 20.70 7.87
CA HIS D 238 29.67 21.76 6.89
C HIS D 238 28.41 21.54 6.06
N ASP D 239 27.58 20.55 6.42
CA ASP D 239 26.33 20.26 5.71
C ASP D 239 26.58 20.04 4.21
N LEU D 240 27.56 19.21 3.91
CA LEU D 240 27.85 18.78 2.56
C LEU D 240 27.40 17.33 2.37
N ASP D 241 27.27 16.93 1.11
CA ASP D 241 26.80 15.59 0.79
C ASP D 241 27.87 14.69 0.18
N LEU D 242 28.95 15.26 -0.37
CA LEU D 242 29.90 14.45 -1.12
C LEU D 242 31.24 15.18 -1.22
N ILE D 243 32.32 14.42 -1.06
CA ILE D 243 33.65 14.87 -1.42
C ILE D 243 33.99 14.27 -2.77
N CYS D 244 34.42 15.11 -3.70
CA CYS D 244 34.78 14.68 -5.04
C CYS D 244 36.26 14.99 -5.25
N ARG D 245 37.06 13.95 -5.46
CA ARG D 245 38.50 14.11 -5.59
C ARG D 245 39.02 13.15 -6.65
N ALA D 246 40.31 13.30 -6.93
CA ALA D 246 40.97 12.49 -7.96
C ALA D 246 42.22 11.84 -7.37
N HIS D 247 43.38 12.02 -8.01
CA HIS D 247 44.66 11.78 -7.35
C HIS D 247 45.07 10.31 -7.33
N GLN D 248 44.12 9.38 -7.42
CA GLN D 248 44.44 7.95 -7.42
C GLN D 248 43.74 7.25 -8.57
N VAL D 249 44.47 6.39 -9.28
CA VAL D 249 43.88 5.59 -10.34
CA VAL D 249 43.90 5.58 -10.34
C VAL D 249 42.90 4.59 -9.74
N VAL D 250 41.75 4.44 -10.39
CA VAL D 250 40.73 3.50 -9.95
C VAL D 250 40.24 2.72 -11.17
N GLU D 251 39.74 1.52 -10.92
CA GLU D 251 39.50 0.55 -11.99
CA GLU D 251 39.51 0.56 -12.00
C GLU D 251 38.48 1.06 -13.00
N ASP D 252 37.30 1.49 -12.51
CA ASP D 252 36.23 1.93 -13.39
C ASP D 252 36.26 3.42 -13.67
N GLY D 253 37.39 4.10 -13.43
CA GLY D 253 37.47 5.53 -13.56
C GLY D 253 36.82 6.31 -12.44
N TYR D 254 35.95 5.67 -11.67
CA TYR D 254 35.36 6.28 -10.47
C TYR D 254 35.24 5.19 -9.41
N GLU D 255 35.24 5.60 -8.14
CA GLU D 255 35.19 4.65 -7.05
C GLU D 255 34.74 5.35 -5.79
N PHE D 256 33.75 4.76 -5.11
CA PHE D 256 33.17 5.35 -3.92
C PHE D 256 33.94 4.94 -2.67
N PHE D 257 33.78 5.75 -1.63
CA PHE D 257 34.41 5.51 -0.34
C PHE D 257 33.48 6.01 0.74
N ALA D 258 33.52 5.36 1.90
CA ALA D 258 32.77 5.81 3.07
C ALA D 258 31.27 5.86 2.79
N LYS D 259 30.73 4.75 2.30
CA LYS D 259 29.31 4.64 1.98
C LYS D 259 28.87 5.78 1.04
N ARG D 260 29.60 5.92 -0.05
CA ARG D 260 29.27 6.86 -1.13
C ARG D 260 29.33 8.32 -0.69
N GLN D 261 30.01 8.60 0.42
CA GLN D 261 30.21 9.98 0.87
C GLN D 261 31.43 10.63 0.25
N LEU D 262 32.29 9.85 -0.40
CA LEU D 262 33.43 10.37 -1.14
C LEU D 262 33.56 9.55 -2.41
N VAL D 263 33.98 10.20 -3.49
CA VAL D 263 34.21 9.52 -4.74
C VAL D 263 35.53 9.99 -5.33
N THR D 264 36.29 9.03 -5.86
CA THR D 264 37.51 9.31 -6.59
C THR D 264 37.22 9.29 -8.08
N LEU D 265 37.59 10.35 -8.79
CA LEU D 265 37.50 10.41 -10.23
C LEU D 265 38.90 10.40 -10.85
N PHE D 266 39.05 9.64 -11.92
CA PHE D 266 40.32 9.52 -12.63
C PHE D 266 40.01 9.40 -14.11
N SER D 267 40.57 10.28 -14.93
CA SER D 267 40.13 10.45 -16.31
C SER D 267 41.16 9.98 -17.34
N ALA D 268 42.25 9.37 -16.91
CA ALA D 268 43.25 8.87 -17.84
C ALA D 268 43.13 7.35 -17.98
N PRO D 269 42.38 6.86 -18.96
CA PRO D 269 42.24 5.41 -19.11
C PRO D 269 43.56 4.76 -19.48
N ASN D 270 43.70 3.49 -19.11
CA ASN D 270 44.92 2.72 -19.41
C ASN D 270 46.14 3.50 -18.94
N TYR D 271 46.06 4.00 -17.71
CA TYR D 271 47.00 5.00 -17.19
C TYR D 271 48.44 4.55 -17.33
N CYS D 272 49.27 5.41 -17.92
CA CYS D 272 50.69 5.15 -18.17
C CYS D 272 50.91 3.85 -18.93
N GLY D 273 49.86 3.30 -19.56
CA GLY D 273 50.00 2.02 -20.21
C GLY D 273 50.39 0.90 -19.27
N GLU D 274 50.23 1.11 -17.96
CA GLU D 274 50.54 0.10 -16.96
C GLU D 274 49.30 -0.47 -16.29
N PHE D 275 48.20 0.27 -16.25
CA PHE D 275 46.94 -0.17 -15.69
C PHE D 275 45.92 -0.36 -16.79
N ASP D 276 44.92 -1.19 -16.51
CA ASP D 276 43.81 -1.39 -17.44
C ASP D 276 42.55 -0.75 -16.86
N ASN D 277 42.65 0.53 -16.52
CA ASN D 277 41.57 1.28 -15.90
C ASN D 277 40.76 2.04 -16.94
N ALA D 278 39.50 2.28 -16.63
CA ALA D 278 38.69 3.23 -17.37
C ALA D 278 38.99 4.65 -16.89
N GLY D 279 38.68 5.61 -17.76
CA GLY D 279 38.59 7.00 -17.36
C GLY D 279 37.13 7.38 -17.21
N ALA D 280 36.84 8.27 -16.27
CA ALA D 280 35.47 8.60 -15.96
C ALA D 280 35.31 10.09 -15.73
N MET D 281 34.07 10.55 -15.90
CA MET D 281 33.65 11.88 -15.49
C MET D 281 32.30 11.75 -14.80
N MET D 282 31.99 12.71 -13.93
CA MET D 282 30.73 12.70 -13.19
C MET D 282 29.92 13.91 -13.59
N SER D 283 28.72 13.68 -14.11
CA SER D 283 27.80 14.74 -14.46
C SER D 283 26.93 15.07 -13.25
N VAL D 284 26.76 16.36 -12.98
CA VAL D 284 25.84 16.84 -11.95
C VAL D 284 24.82 17.73 -12.68
N ASP D 285 23.54 17.37 -12.58
CA ASP D 285 22.50 18.18 -13.20
C ASP D 285 21.90 19.13 -12.16
N GLU D 286 20.86 19.86 -12.56
CA GLU D 286 20.34 20.95 -11.73
C GLU D 286 19.69 20.46 -10.44
N THR D 287 19.26 19.20 -10.38
CA THR D 287 18.64 18.64 -9.19
C THR D 287 19.63 17.91 -8.31
N LEU D 288 20.93 18.09 -8.55
CA LEU D 288 21.98 17.42 -7.80
C LEU D 288 21.97 15.91 -8.00
N MET D 289 21.38 15.46 -9.10
CA MET D 289 21.46 14.06 -9.51
C MET D 289 22.80 13.84 -10.21
N CYS D 290 23.60 12.91 -9.71
CA CYS D 290 24.93 12.66 -10.23
C CYS D 290 24.96 11.35 -10.99
N SER D 291 25.67 11.35 -12.11
CA SER D 291 25.80 10.16 -12.95
C SER D 291 27.21 10.11 -13.52
N PHE D 292 27.61 8.90 -13.92
CA PHE D 292 28.97 8.64 -14.38
C PHE D 292 28.97 8.16 -15.82
N GLN D 293 29.93 8.68 -16.58
CA GLN D 293 30.20 8.25 -17.95
CA GLN D 293 30.20 8.26 -17.95
C GLN D 293 31.67 7.88 -18.02
N ILE D 294 31.96 6.67 -18.50
CA ILE D 294 33.32 6.15 -18.46
C ILE D 294 33.78 5.75 -19.86
N LEU D 295 35.07 5.98 -20.13
CA LEU D 295 35.73 5.51 -21.34
C LEU D 295 36.60 4.32 -20.94
N LYS D 296 36.23 3.15 -21.42
CA LYS D 296 36.84 1.89 -21.01
C LYS D 296 37.76 1.36 -22.10
N PRO D 297 38.95 0.87 -21.75
CA PRO D 297 39.79 0.22 -22.76
C PRO D 297 39.17 -1.08 -23.23
N ALA D 298 39.31 -1.36 -24.52
CA ALA D 298 38.77 -2.57 -25.11
C ALA D 298 39.88 -3.57 -25.45
N SER E 5 -49.66 30.68 -1.52
CA SER E 5 -50.14 29.37 -1.97
C SER E 5 -49.14 28.74 -2.93
N LEU E 6 -49.24 27.43 -3.11
CA LEU E 6 -48.25 26.68 -3.88
C LEU E 6 -48.75 26.44 -5.30
N ASN E 7 -47.83 26.48 -6.25
CA ASN E 7 -48.14 26.30 -7.67
C ASN E 7 -47.55 24.98 -8.16
N LEU E 8 -48.06 23.87 -7.62
CA LEU E 8 -47.38 22.59 -7.76
C LEU E 8 -47.29 22.16 -9.22
N ASP E 9 -48.39 22.26 -9.96
CA ASP E 9 -48.37 21.85 -11.36
C ASP E 9 -47.35 22.66 -12.15
N SER E 10 -47.13 23.92 -11.78
CA SER E 10 -46.13 24.73 -12.46
C SER E 10 -44.72 24.24 -12.16
N ILE E 11 -44.45 23.89 -10.90
CA ILE E 11 -43.14 23.37 -10.53
C ILE E 11 -42.86 22.07 -11.26
N ILE E 12 -43.77 21.09 -11.13
CA ILE E 12 -43.59 19.81 -11.82
C ILE E 12 -43.38 20.04 -13.31
N GLY E 13 -44.19 20.92 -13.91
CA GLY E 13 -44.05 21.20 -15.32
C GLY E 13 -42.68 21.74 -15.67
N ARG E 14 -42.25 22.80 -14.98
CA ARG E 14 -40.90 23.32 -15.21
C ARG E 14 -39.85 22.24 -14.98
N LEU E 15 -40.02 21.42 -13.94
CA LEU E 15 -39.04 20.38 -13.65
C LEU E 15 -39.00 19.32 -14.75
N LEU E 16 -40.17 18.97 -15.31
CA LEU E 16 -40.21 17.97 -16.36
C LEU E 16 -39.89 18.55 -17.74
N GLU E 17 -39.95 19.88 -17.88
CA GLU E 17 -39.76 20.51 -19.19
C GLU E 17 -38.37 20.23 -19.76
N VAL E 18 -37.35 20.22 -18.91
CA VAL E 18 -36.00 19.99 -19.39
C VAL E 18 -35.82 18.61 -19.98
N GLN E 19 -36.78 17.72 -19.75
CA GLN E 19 -36.78 16.43 -20.43
C GLN E 19 -36.59 16.65 -21.93
N GLY E 20 -35.57 15.99 -22.48
CA GLY E 20 -35.20 16.19 -23.86
C GLY E 20 -34.10 17.21 -24.09
N SER E 21 -33.82 18.07 -23.09
CA SER E 21 -32.70 18.99 -23.20
C SER E 21 -31.40 18.25 -22.89
N ARG E 22 -30.29 18.97 -23.02
CA ARG E 22 -28.98 18.37 -22.74
C ARG E 22 -28.84 18.15 -21.24
N PRO E 23 -28.47 16.95 -20.79
CA PRO E 23 -28.27 16.74 -19.35
C PRO E 23 -27.34 17.78 -18.76
N GLY E 24 -27.69 18.26 -17.57
CA GLY E 24 -26.97 19.31 -16.89
C GLY E 24 -27.71 20.63 -16.86
N LYS E 25 -28.68 20.83 -17.74
CA LYS E 25 -29.42 22.09 -17.76
C LYS E 25 -30.24 22.24 -16.49
N ASN E 26 -30.19 23.42 -15.89
CA ASN E 26 -30.82 23.66 -14.61
C ASN E 26 -32.27 24.07 -14.78
N VAL E 27 -33.14 23.43 -14.01
CA VAL E 27 -34.50 23.92 -13.80
C VAL E 27 -34.43 25.05 -12.79
N GLN E 28 -35.03 26.20 -13.12
CA GLN E 28 -34.91 27.38 -12.27
C GLN E 28 -36.23 27.57 -11.52
N LEU E 29 -36.30 26.98 -10.33
CA LEU E 29 -37.36 27.31 -9.40
C LEU E 29 -36.95 28.53 -8.57
N THR E 30 -37.94 29.19 -7.99
CA THR E 30 -37.66 30.29 -7.09
C THR E 30 -37.35 29.76 -5.70
N GLU E 31 -36.66 30.59 -4.92
CA GLU E 31 -36.40 30.23 -3.53
C GLU E 31 -37.70 29.88 -2.80
N ASN E 32 -38.72 30.73 -2.94
CA ASN E 32 -39.97 30.51 -2.23
C ASN E 32 -40.65 29.22 -2.68
N GLU E 33 -40.55 28.89 -3.97
CA GLU E 33 -41.13 27.64 -4.45
C GLU E 33 -40.46 26.43 -3.80
N ILE E 34 -39.13 26.46 -3.66
CA ILE E 34 -38.43 25.32 -3.09
C ILE E 34 -38.82 25.14 -1.63
N ARG E 35 -38.86 26.24 -0.87
CA ARG E 35 -39.30 26.17 0.52
C ARG E 35 -40.74 25.67 0.62
N GLY E 36 -41.57 25.99 -0.37
CA GLY E 36 -42.92 25.45 -0.38
C GLY E 36 -42.95 23.95 -0.53
N LEU E 37 -42.12 23.41 -1.43
CA LEU E 37 -42.01 21.97 -1.57
C LEU E 37 -41.56 21.33 -0.26
N CYS E 38 -40.57 21.92 0.40
CA CYS E 38 -40.02 21.32 1.61
C CYS E 38 -41.03 21.35 2.75
N LEU E 39 -41.77 22.45 2.88
CA LEU E 39 -42.71 22.58 3.99
C LEU E 39 -43.94 21.69 3.79
N LYS E 40 -44.51 21.67 2.58
CA LYS E 40 -45.70 20.86 2.37
C LYS E 40 -45.38 19.38 2.41
N SER E 41 -44.26 18.95 1.81
CA SER E 41 -43.90 17.54 1.83
C SER E 41 -43.56 17.09 3.24
N ARG E 42 -42.86 17.93 4.01
CA ARG E 42 -42.59 17.62 5.40
C ARG E 42 -43.89 17.30 6.14
N GLU E 43 -44.88 18.16 5.98
CA GLU E 43 -46.19 17.95 6.60
C GLU E 43 -46.72 16.56 6.28
N ILE E 44 -46.59 16.13 5.02
CA ILE E 44 -47.14 14.83 4.62
C ILE E 44 -46.35 13.70 5.25
N PHE E 45 -45.02 13.77 5.20
CA PHE E 45 -44.18 12.78 5.87
C PHE E 45 -44.63 12.60 7.32
N LEU E 46 -44.86 13.71 8.03
CA LEU E 46 -45.22 13.62 9.44
C LEU E 46 -46.63 13.09 9.65
N SER E 47 -47.50 13.17 8.65
CA SER E 47 -48.86 12.65 8.77
C SER E 47 -48.94 11.16 8.45
N GLN E 48 -47.88 10.57 7.91
CA GLN E 48 -47.84 9.14 7.62
C GLN E 48 -46.87 8.45 8.56
N PRO E 49 -47.07 7.15 8.84
CA PRO E 49 -46.22 6.48 9.83
C PRO E 49 -44.75 6.52 9.42
N ILE E 50 -43.88 6.42 10.43
CA ILE E 50 -42.44 6.36 10.16
C ILE E 50 -42.09 4.99 9.59
N LEU E 51 -42.86 3.97 9.93
CA LEU E 51 -42.76 2.64 9.31
C LEU E 51 -43.98 2.51 8.39
N LEU E 52 -43.76 2.68 7.10
CA LEU E 52 -44.86 2.68 6.15
C LEU E 52 -45.45 1.29 5.98
N GLU E 53 -46.77 1.22 5.88
CA GLU E 53 -47.50 0.00 5.53
C GLU E 53 -48.12 0.23 4.16
N LEU E 54 -47.54 -0.40 3.15
CA LEU E 54 -47.90 -0.15 1.76
C LEU E 54 -48.47 -1.40 1.12
N GLU E 55 -49.10 -1.22 -0.04
CA GLU E 55 -49.78 -2.29 -0.77
C GLU E 55 -49.36 -2.24 -2.23
N ALA E 56 -49.05 -3.42 -2.79
CA ALA E 56 -48.86 -3.52 -4.23
C ALA E 56 -50.18 -3.21 -4.94
N PRO E 57 -50.13 -2.79 -6.23
CA PRO E 57 -48.98 -2.62 -7.11
C PRO E 57 -48.02 -1.50 -6.66
N LEU E 58 -46.74 -1.70 -6.91
CA LEU E 58 -45.73 -0.75 -6.47
C LEU E 58 -44.44 -1.03 -7.23
N LYS E 59 -43.72 0.04 -7.58
CA LYS E 59 -42.39 -0.05 -8.15
C LYS E 59 -41.39 0.54 -7.15
N ILE E 60 -40.34 -0.21 -6.85
CA ILE E 60 -39.38 0.16 -5.81
C ILE E 60 -38.04 0.49 -6.47
N CYS E 61 -37.48 1.63 -6.10
CA CYS E 61 -36.26 2.14 -6.71
C CYS E 61 -35.21 2.43 -5.65
N GLY E 62 -33.95 2.43 -6.06
CA GLY E 62 -32.85 2.72 -5.15
C GLY E 62 -32.18 4.06 -5.37
N ASP E 63 -30.87 4.10 -5.14
CA ASP E 63 -30.13 5.36 -5.10
C ASP E 63 -30.21 6.11 -6.43
N ILE E 64 -30.35 7.42 -6.33
CA ILE E 64 -30.35 8.31 -7.49
C ILE E 64 -29.13 9.22 -7.50
N HIS E 65 -28.73 9.72 -6.33
CA HIS E 65 -27.54 10.56 -6.16
C HIS E 65 -27.46 11.65 -7.24
N GLY E 66 -28.50 12.47 -7.27
CA GLY E 66 -28.47 13.73 -8.01
C GLY E 66 -28.24 13.59 -9.50
N GLN E 67 -28.37 12.38 -10.03
CA GLN E 67 -28.32 12.17 -11.48
C GLN E 67 -29.70 12.44 -12.05
N TYR E 68 -30.03 13.75 -12.10
CA TYR E 68 -31.42 14.15 -12.33
C TYR E 68 -31.96 13.61 -13.65
N TYR E 69 -31.13 13.58 -14.69
CA TYR E 69 -31.62 13.12 -15.98
C TYR E 69 -31.75 11.60 -16.03
N ASP E 70 -31.06 10.89 -15.14
CA ASP E 70 -31.32 9.46 -14.98
C ASP E 70 -32.63 9.21 -14.25
N LEU E 71 -33.03 10.14 -13.37
CA LEU E 71 -34.33 10.03 -12.72
C LEU E 71 -35.46 10.26 -13.72
N LEU E 72 -35.33 11.28 -14.57
CA LEU E 72 -36.34 11.51 -15.59
C LEU E 72 -36.52 10.29 -16.48
N ARG E 73 -35.40 9.65 -16.87
CA ARG E 73 -35.49 8.44 -17.67
C ARG E 73 -36.15 7.31 -16.89
N LEU E 74 -35.84 7.19 -15.61
CA LEU E 74 -36.48 6.18 -14.78
C LEU E 74 -38.00 6.32 -14.84
N PHE E 75 -38.50 7.55 -14.73
CA PHE E 75 -39.94 7.78 -14.81
C PHE E 75 -40.46 7.52 -16.22
N GLU E 76 -39.68 7.87 -17.26
CA GLU E 76 -40.04 7.45 -18.61
C GLU E 76 -40.21 5.94 -18.67
N TYR E 77 -39.29 5.20 -18.04
CA TYR E 77 -39.27 3.75 -18.16
C TYR E 77 -40.46 3.11 -17.47
N GLY E 78 -40.76 3.54 -16.24
CA GLY E 78 -41.77 2.89 -15.45
C GLY E 78 -43.10 3.61 -15.44
N GLY E 79 -43.12 4.82 -16.00
CA GLY E 79 -44.33 5.63 -16.02
C GLY E 79 -44.25 6.80 -15.06
N PHE E 80 -44.49 8.00 -15.58
CA PHE E 80 -44.53 9.17 -14.71
C PHE E 80 -45.71 9.03 -13.73
N PRO E 81 -45.49 9.33 -12.45
CA PRO E 81 -46.61 9.29 -11.51
C PRO E 81 -47.82 10.03 -12.07
N PRO E 82 -49.04 9.52 -11.88
CA PRO E 82 -49.42 8.34 -11.09
C PRO E 82 -49.61 7.10 -11.94
N GLU E 83 -48.97 7.05 -13.12
CA GLU E 83 -49.09 5.88 -13.98
C GLU E 83 -48.69 4.62 -13.22
N SER E 84 -47.68 4.73 -12.36
CA SER E 84 -47.27 3.65 -11.46
C SER E 84 -47.09 4.21 -10.07
N ASN E 85 -47.19 3.32 -9.07
CA ASN E 85 -46.87 3.67 -7.69
C ASN E 85 -45.39 3.44 -7.45
N TYR E 86 -44.79 4.33 -6.65
CA TYR E 86 -43.35 4.32 -6.47
C TYR E 86 -42.98 4.29 -4.99
N LEU E 87 -41.91 3.57 -4.68
CA LEU E 87 -41.26 3.63 -3.38
C LEU E 87 -39.76 3.79 -3.63
N PHE E 88 -39.19 4.90 -3.19
CA PHE E 88 -37.76 5.14 -3.28
C PHE E 88 -37.11 4.83 -1.93
N LEU E 89 -35.88 4.33 -2.00
CA LEU E 89 -35.20 3.80 -0.81
C LEU E 89 -34.11 4.72 -0.27
N GLY E 90 -34.02 5.96 -0.76
CA GLY E 90 -33.14 6.95 -0.19
C GLY E 90 -31.98 7.30 -1.11
N ASP E 91 -31.12 8.17 -0.57
CA ASP E 91 -29.94 8.67 -1.27
C ASP E 91 -30.32 9.37 -2.57
N TYR E 92 -31.08 10.45 -2.41
CA TYR E 92 -31.50 11.28 -3.53
C TYR E 92 -30.48 12.35 -3.88
N VAL E 93 -29.71 12.83 -2.90
CA VAL E 93 -28.81 13.96 -3.09
C VAL E 93 -27.37 13.48 -2.97
N ASP E 94 -26.44 14.41 -3.27
CA ASP E 94 -24.99 14.25 -3.14
C ASP E 94 -24.34 13.55 -4.33
N ARG E 95 -23.06 13.89 -4.55
CA ARG E 95 -22.24 13.29 -5.60
CA ARG E 95 -22.23 13.29 -5.60
C ARG E 95 -22.67 13.76 -6.98
N GLY E 96 -23.93 13.53 -7.33
CA GLY E 96 -24.45 14.01 -8.60
C GLY E 96 -24.37 15.53 -8.68
N LYS E 97 -24.61 16.03 -9.90
CA LYS E 97 -24.49 17.46 -10.14
C LYS E 97 -25.80 18.23 -9.96
N GLN E 98 -26.94 17.53 -9.95
CA GLN E 98 -28.24 18.18 -9.91
C GLN E 98 -29.10 17.54 -8.83
N SER E 99 -28.63 17.65 -7.58
CA SER E 99 -29.39 17.12 -6.46
C SER E 99 -30.64 17.94 -6.19
N LEU E 100 -30.62 19.24 -6.49
CA LEU E 100 -31.80 20.07 -6.28
C LEU E 100 -32.94 19.64 -7.20
N GLU E 101 -32.67 19.53 -8.50
CA GLU E 101 -33.71 19.09 -9.42
C GLU E 101 -34.25 17.72 -9.01
N THR E 102 -33.36 16.83 -8.57
CA THR E 102 -33.79 15.49 -8.19
C THR E 102 -34.74 15.53 -7.01
N ILE E 103 -34.34 16.18 -5.92
CA ILE E 103 -35.14 16.14 -4.70
C ILE E 103 -36.41 16.96 -4.89
N CYS E 104 -36.36 18.04 -5.67
CA CYS E 104 -37.56 18.84 -5.89
C CYS E 104 -38.63 18.06 -6.64
N LEU E 105 -38.25 17.35 -7.71
CA LEU E 105 -39.22 16.51 -8.40
C LEU E 105 -39.79 15.44 -7.48
N LEU E 106 -38.94 14.85 -6.65
CA LEU E 106 -39.40 13.78 -5.77
C LEU E 106 -40.35 14.33 -4.71
N LEU E 107 -39.98 15.43 -4.06
CA LEU E 107 -40.89 16.06 -3.11
C LEU E 107 -42.20 16.46 -3.80
N ALA E 108 -42.10 17.08 -4.97
CA ALA E 108 -43.30 17.53 -5.67
C ALA E 108 -44.23 16.35 -5.98
N TYR E 109 -43.67 15.22 -6.39
CA TYR E 109 -44.50 14.04 -6.64
C TYR E 109 -45.10 13.50 -5.35
N LYS E 110 -44.40 13.66 -4.23
CA LYS E 110 -44.95 13.25 -2.95
C LYS E 110 -46.17 14.08 -2.58
N ILE E 111 -46.12 15.38 -2.87
CA ILE E 111 -47.27 16.24 -2.60
C ILE E 111 -48.38 15.95 -3.61
N LYS E 112 -48.00 15.64 -4.85
CA LYS E 112 -48.99 15.41 -5.90
C LYS E 112 -49.76 14.11 -5.69
N TYR E 113 -49.05 13.04 -5.32
CA TYR E 113 -49.65 11.72 -5.18
C TYR E 113 -49.27 11.11 -3.84
N PRO E 114 -49.73 11.71 -2.74
CA PRO E 114 -49.22 11.30 -1.41
C PRO E 114 -49.58 9.87 -1.02
N GLU E 115 -50.60 9.27 -1.63
CA GLU E 115 -50.96 7.90 -1.32
C GLU E 115 -50.38 6.90 -2.32
N ASN E 116 -49.72 7.38 -3.38
CA ASN E 116 -49.18 6.52 -4.42
C ASN E 116 -47.71 6.79 -4.71
N PHE E 117 -47.03 7.53 -3.84
CA PHE E 117 -45.65 7.93 -4.09
C PHE E 117 -44.98 8.08 -2.74
N PHE E 118 -43.89 7.36 -2.50
CA PHE E 118 -43.29 7.29 -1.18
C PHE E 118 -41.77 7.35 -1.27
N LEU E 119 -41.18 8.01 -0.27
CA LEU E 119 -39.75 8.24 -0.19
C LEU E 119 -39.26 7.79 1.18
N LEU E 120 -38.26 6.92 1.18
CA LEU E 120 -37.58 6.56 2.43
C LEU E 120 -36.30 7.38 2.56
N ARG E 121 -35.82 7.46 3.80
CA ARG E 121 -34.63 8.24 4.10
C ARG E 121 -33.37 7.42 3.83
N GLY E 122 -32.41 8.01 3.11
CA GLY E 122 -31.11 7.44 2.92
C GLY E 122 -30.10 8.03 3.90
N ASN E 123 -28.91 7.44 3.93
CA ASN E 123 -27.87 7.97 4.81
C ASN E 123 -27.34 9.31 4.32
N HIS E 124 -27.62 9.67 3.07
CA HIS E 124 -27.25 10.99 2.56
C HIS E 124 -28.34 12.03 2.80
N GLU E 125 -29.51 11.62 3.23
CA GLU E 125 -30.55 12.57 3.66
C GLU E 125 -30.39 12.92 5.14
N CYS E 126 -29.17 13.30 5.52
CA CYS E 126 -28.89 13.79 6.86
C CYS E 126 -27.85 14.90 6.77
N ALA E 127 -27.86 15.78 7.77
CA ALA E 127 -27.06 17.00 7.70
C ALA E 127 -25.58 16.70 7.50
N SER E 128 -25.00 15.91 8.41
CA SER E 128 -23.54 15.77 8.44
C SER E 128 -23.00 15.20 7.14
N ILE E 129 -23.75 14.31 6.47
CA ILE E 129 -23.25 13.66 5.27
C ILE E 129 -23.39 14.58 4.05
N ASN E 130 -24.58 15.14 3.84
CA ASN E 130 -24.78 15.99 2.68
C ASN E 130 -24.25 17.39 2.88
N ARG E 131 -23.68 17.68 4.06
CA ARG E 131 -22.86 18.87 4.22
C ARG E 131 -21.56 18.76 3.45
N ILE E 132 -21.05 17.54 3.26
CA ILE E 132 -19.73 17.32 2.72
C ILE E 132 -19.77 16.84 1.27
N TYR E 133 -20.74 16.01 0.91
CA TYR E 133 -20.69 15.28 -0.34
C TYR E 133 -21.43 15.96 -1.49
N GLY E 134 -21.69 17.26 -1.38
CA GLY E 134 -22.16 18.02 -2.52
C GLY E 134 -23.41 18.85 -2.33
N PHE E 135 -24.44 18.27 -1.68
CA PHE E 135 -25.74 18.92 -1.69
C PHE E 135 -25.69 20.29 -1.02
N TYR E 136 -24.95 20.41 0.08
CA TYR E 136 -24.77 21.72 0.69
C TYR E 136 -24.13 22.70 -0.28
N ASP E 137 -23.02 22.29 -0.89
CA ASP E 137 -22.36 23.15 -1.88
C ASP E 137 -23.31 23.54 -3.00
N GLU E 138 -24.13 22.59 -3.47
CA GLU E 138 -25.08 22.89 -4.52
C GLU E 138 -26.11 23.92 -4.08
N CYS E 139 -26.56 23.83 -2.82
CA CYS E 139 -27.54 24.80 -2.31
C CYS E 139 -26.92 26.18 -2.18
N LYS E 140 -25.67 26.26 -1.70
CA LYS E 140 -25.03 27.56 -1.51
C LYS E 140 -24.76 28.24 -2.84
N ARG E 141 -24.24 27.50 -3.81
CA ARG E 141 -23.91 28.08 -5.11
C ARG E 141 -25.14 28.67 -5.79
N ARG E 142 -26.24 27.91 -5.81
CA ARG E 142 -27.42 28.30 -6.57
C ARG E 142 -28.40 29.14 -5.77
N TYR E 143 -28.38 29.05 -4.44
CA TYR E 143 -29.30 29.81 -3.61
C TYR E 143 -28.58 30.34 -2.37
N ASN E 144 -28.88 29.79 -1.19
CA ASN E 144 -28.27 30.28 0.03
C ASN E 144 -28.18 29.15 1.04
N ILE E 145 -27.44 29.41 2.13
CA ILE E 145 -27.28 28.42 3.19
C ILE E 145 -28.61 28.08 3.84
N LYS E 146 -29.52 29.06 3.95
CA LYS E 146 -30.78 28.81 4.63
C LYS E 146 -31.60 27.74 3.90
N LEU E 147 -31.48 27.67 2.58
CA LEU E 147 -32.23 26.66 1.84
C LEU E 147 -31.76 25.26 2.21
N TRP E 148 -30.48 25.10 2.52
CA TRP E 148 -29.98 23.79 2.95
C TRP E 148 -30.50 23.43 4.33
N LYS E 149 -30.63 24.41 5.22
CA LYS E 149 -31.24 24.15 6.52
C LYS E 149 -32.71 23.80 6.38
N THR E 150 -33.38 24.35 5.37
CA THR E 150 -34.78 24.02 5.13
C THR E 150 -34.92 22.59 4.62
N PHE E 151 -34.06 22.18 3.68
CA PHE E 151 -34.06 20.78 3.25
C PHE E 151 -33.77 19.85 4.41
N THR E 152 -32.89 20.25 5.33
CA THR E 152 -32.54 19.39 6.45
C THR E 152 -33.77 19.08 7.30
N ASP E 153 -34.56 20.10 7.61
CA ASP E 153 -35.78 19.86 8.38
C ASP E 153 -36.73 18.93 7.65
N CYS E 154 -36.67 18.92 6.32
CA CYS E 154 -37.50 18.01 5.55
C CYS E 154 -36.97 16.58 5.60
N PHE E 155 -35.65 16.42 5.45
CA PHE E 155 -35.05 15.09 5.53
C PHE E 155 -35.20 14.48 6.92
N ASN E 156 -35.15 15.31 7.98
CA ASN E 156 -35.29 14.78 9.32
C ASN E 156 -36.69 14.22 9.59
N CYS E 157 -37.63 14.38 8.66
CA CYS E 157 -38.99 13.87 8.81
C CYS E 157 -39.33 12.73 7.88
N LEU E 158 -38.39 12.29 7.05
CA LEU E 158 -38.66 11.20 6.14
C LEU E 158 -38.97 9.91 6.92
N PRO E 159 -39.83 9.04 6.38
CA PRO E 159 -39.97 7.71 6.97
C PRO E 159 -38.72 6.89 6.73
N ILE E 160 -38.54 5.89 7.60
CA ILE E 160 -37.29 5.14 7.63
C ILE E 160 -37.42 3.75 7.00
N ALA E 161 -38.60 3.15 7.06
CA ALA E 161 -38.77 1.77 6.59
C ALA E 161 -40.19 1.60 6.10
N ALA E 162 -40.44 0.50 5.41
CA ALA E 162 -41.73 0.26 4.82
C ALA E 162 -41.93 -1.24 4.67
N ILE E 163 -43.16 -1.69 4.91
CA ILE E 163 -43.54 -3.09 4.74
C ILE E 163 -44.64 -3.13 3.69
N VAL E 164 -44.42 -3.91 2.64
CA VAL E 164 -45.36 -4.03 1.54
C VAL E 164 -46.12 -5.34 1.70
N ASP E 165 -47.44 -5.24 1.83
CA ASP E 165 -48.31 -6.41 1.96
C ASP E 165 -47.80 -7.38 3.03
N GLU E 166 -47.31 -6.82 4.14
CA GLU E 166 -46.88 -7.58 5.30
C GLU E 166 -45.84 -8.65 4.96
N LYS E 167 -45.08 -8.47 3.88
CA LYS E 167 -44.13 -9.49 3.44
C LYS E 167 -42.81 -8.96 2.93
N ILE E 168 -42.70 -7.69 2.53
CA ILE E 168 -41.45 -7.13 2.02
C ILE E 168 -41.06 -5.96 2.93
N PHE E 169 -39.96 -6.11 3.66
CA PHE E 169 -39.46 -5.06 4.55
C PHE E 169 -38.44 -4.22 3.78
N CYS E 170 -38.67 -2.91 3.74
CA CYS E 170 -37.88 -2.01 2.92
C CYS E 170 -37.18 -0.96 3.79
N CYS E 171 -35.90 -0.72 3.50
CA CYS E 171 -35.12 0.33 4.13
C CYS E 171 -33.88 0.52 3.27
N HIS E 172 -33.11 1.57 3.58
CA HIS E 172 -32.00 1.94 2.72
C HIS E 172 -30.81 0.99 2.91
N GLY E 173 -30.30 0.89 4.12
CA GLY E 173 -29.11 0.10 4.39
C GLY E 173 -29.39 -1.36 4.62
N GLY E 174 -30.01 -1.66 5.75
CA GLY E 174 -30.28 -3.06 6.08
C GLY E 174 -30.68 -3.23 7.53
N LEU E 175 -30.25 -4.36 8.10
CA LEU E 175 -30.70 -4.78 9.42
C LEU E 175 -29.81 -4.17 10.50
N SER E 176 -30.26 -4.32 11.74
CA SER E 176 -29.57 -3.79 12.91
C SER E 176 -29.52 -4.87 13.99
N PRO E 177 -28.43 -4.96 14.75
CA PRO E 177 -28.45 -5.83 15.93
C PRO E 177 -29.43 -5.36 16.99
N ASP E 178 -29.77 -4.07 17.00
CA ASP E 178 -30.69 -3.50 17.98
C ASP E 178 -32.15 -3.62 17.56
N LEU E 179 -32.42 -4.18 16.38
CA LEU E 179 -33.79 -4.32 15.87
C LEU E 179 -34.34 -5.67 16.31
N GLN E 180 -35.06 -5.68 17.43
CA GLN E 180 -35.77 -6.87 17.88
C GLN E 180 -37.28 -6.80 17.66
N SER E 181 -37.83 -5.61 17.46
CA SER E 181 -39.27 -5.46 17.28
C SER E 181 -39.56 -4.30 16.33
N MET E 182 -40.51 -4.50 15.42
CA MET E 182 -40.95 -3.40 14.56
C MET E 182 -41.40 -2.20 15.38
N GLU E 183 -41.92 -2.43 16.58
CA GLU E 183 -42.34 -1.34 17.45
C GLU E 183 -41.18 -0.41 17.80
N GLN E 184 -39.94 -0.91 17.76
CA GLN E 184 -38.79 -0.04 18.00
C GLN E 184 -38.63 1.00 16.89
N ILE E 185 -39.02 0.65 15.66
CA ILE E 185 -39.00 1.65 14.59
C ILE E 185 -40.16 2.61 14.73
N ARG E 186 -41.34 2.09 15.10
CA ARG E 186 -42.53 2.93 15.20
C ARG E 186 -42.39 3.97 16.31
N ARG E 187 -41.59 3.69 17.33
CA ARG E 187 -41.40 4.61 18.44
C ARG E 187 -40.34 5.68 18.16
N ILE E 188 -39.69 5.63 17.00
CA ILE E 188 -38.75 6.68 16.63
C ILE E 188 -39.55 7.94 16.27
N MET E 189 -39.29 9.03 16.98
CA MET E 189 -40.05 10.27 16.81
C MET E 189 -39.32 11.19 15.84
N ARG E 190 -40.11 11.89 15.00
CA ARG E 190 -39.58 12.85 14.05
C ARG E 190 -40.05 14.27 14.40
N PRO E 191 -39.29 15.30 14.00
CA PRO E 191 -38.02 15.24 13.28
C PRO E 191 -36.87 14.70 14.12
N THR E 192 -35.91 14.05 13.47
CA THR E 192 -34.76 13.49 14.16
C THR E 192 -33.56 13.48 13.23
N ASP E 193 -32.37 13.55 13.82
CA ASP E 193 -31.12 13.35 13.09
C ASP E 193 -30.85 11.85 12.97
N VAL E 194 -29.89 11.51 12.12
CA VAL E 194 -29.36 10.15 12.04
C VAL E 194 -28.16 10.07 12.97
N PRO E 195 -28.14 9.17 13.95
CA PRO E 195 -27.05 9.13 14.92
C PRO E 195 -25.81 8.44 14.35
N ASP E 196 -24.71 8.54 15.11
CA ASP E 196 -23.48 7.90 14.66
C ASP E 196 -23.46 6.40 14.94
N GLN E 197 -24.44 5.89 15.69
CA GLN E 197 -24.56 4.46 15.95
C GLN E 197 -25.95 4.19 16.48
N GLY E 198 -26.34 2.93 16.48
CA GLY E 198 -27.64 2.52 16.97
C GLY E 198 -28.60 2.14 15.85
N LEU E 199 -29.86 1.93 16.26
CA LEU E 199 -30.86 1.36 15.34
C LEU E 199 -30.99 2.21 14.08
N LEU E 200 -31.33 3.49 14.24
CA LEU E 200 -31.58 4.33 13.07
C LEU E 200 -30.34 4.43 12.19
N CYS E 201 -29.14 4.42 12.80
CA CYS E 201 -27.92 4.41 12.01
C CYS E 201 -27.83 3.14 11.17
N ASP E 202 -28.01 1.98 11.79
CA ASP E 202 -27.86 0.72 11.06
C ASP E 202 -28.89 0.60 9.94
N LEU E 203 -30.11 1.07 10.18
CA LEU E 203 -31.15 0.96 9.16
C LEU E 203 -30.77 1.70 7.88
N LEU E 204 -29.89 2.70 7.98
CA LEU E 204 -29.47 3.48 6.84
C LEU E 204 -28.06 3.17 6.34
N TRP E 205 -27.30 2.34 7.06
CA TRP E 205 -25.88 2.19 6.74
C TRP E 205 -25.40 0.74 6.57
N SER E 206 -26.03 -0.22 7.24
CA SER E 206 -25.47 -1.57 7.23
C SER E 206 -25.44 -2.15 5.82
N ASP E 207 -24.60 -3.15 5.63
CA ASP E 207 -24.42 -3.83 4.36
C ASP E 207 -24.47 -5.33 4.55
N PRO E 208 -25.07 -6.07 3.63
CA PRO E 208 -24.92 -7.52 3.65
C PRO E 208 -23.50 -7.92 3.28
N ASP E 209 -23.07 -9.07 3.79
CA ASP E 209 -21.75 -9.60 3.46
C ASP E 209 -21.79 -11.11 3.65
N LYS E 210 -21.56 -11.85 2.56
CA LYS E 210 -21.63 -13.30 2.62
C LYS E 210 -20.56 -13.91 3.51
N ASP E 211 -19.49 -13.15 3.80
CA ASP E 211 -18.36 -13.68 4.56
C ASP E 211 -18.58 -13.65 6.07
N VAL E 212 -19.68 -13.05 6.53
CA VAL E 212 -19.91 -12.79 7.95
C VAL E 212 -21.02 -13.71 8.45
N GLN E 213 -20.74 -14.46 9.52
CA GLN E 213 -21.73 -15.37 10.06
C GLN E 213 -22.90 -14.60 10.68
N GLY E 214 -22.60 -13.64 11.55
CA GLY E 214 -23.61 -12.82 12.19
C GLY E 214 -23.42 -11.36 11.84
N TRP E 215 -22.61 -10.67 12.63
CA TRP E 215 -22.27 -9.28 12.40
C TRP E 215 -20.76 -9.14 12.21
N GLY E 216 -20.36 -8.11 11.48
CA GLY E 216 -18.96 -7.90 11.17
C GLY E 216 -18.67 -6.44 10.95
N GLU E 217 -17.43 -6.16 10.58
CA GLU E 217 -17.01 -4.78 10.35
C GLU E 217 -17.50 -4.30 8.99
N ASN E 218 -17.78 -2.99 8.93
CA ASN E 218 -18.21 -2.34 7.70
C ASN E 218 -17.06 -1.48 7.18
N ASP E 219 -16.66 -1.72 5.92
CA ASP E 219 -15.57 -0.95 5.33
C ASP E 219 -15.82 0.55 5.41
N ARG E 220 -17.09 0.96 5.47
CA ARG E 220 -17.41 2.37 5.53
C ARG E 220 -16.95 3.03 6.82
N GLY E 221 -16.62 2.25 7.85
CA GLY E 221 -16.32 2.80 9.15
C GLY E 221 -17.53 3.26 9.92
N VAL E 222 -18.73 2.88 9.48
CA VAL E 222 -19.98 3.17 10.17
C VAL E 222 -20.80 1.89 10.20
N SER E 223 -21.55 1.71 11.28
CA SER E 223 -22.49 0.59 11.40
C SER E 223 -21.73 -0.72 11.17
N PHE E 224 -22.43 -1.74 10.66
CA PHE E 224 -21.93 -3.10 10.60
C PHE E 224 -22.25 -3.72 9.24
N THR E 225 -21.70 -4.91 9.03
CA THR E 225 -22.17 -5.85 8.02
C THR E 225 -22.97 -6.96 8.70
N PHE E 226 -23.75 -7.70 7.91
CA PHE E 226 -24.56 -8.78 8.45
C PHE E 226 -24.65 -9.89 7.41
N GLY E 227 -24.96 -11.11 7.91
CA GLY E 227 -24.89 -12.30 7.11
C GLY E 227 -26.25 -12.90 6.77
N ALA E 228 -26.18 -13.97 5.98
CA ALA E 228 -27.40 -14.66 5.57
C ALA E 228 -28.15 -15.22 6.76
N GLU E 229 -27.42 -15.71 7.78
CA GLU E 229 -28.08 -16.27 8.95
C GLU E 229 -28.94 -15.22 9.65
N VAL E 230 -28.42 -13.99 9.79
CA VAL E 230 -29.22 -12.92 10.38
C VAL E 230 -30.49 -12.70 9.57
N VAL E 231 -30.34 -12.59 8.24
CA VAL E 231 -31.50 -12.35 7.38
C VAL E 231 -32.52 -13.47 7.54
N ALA E 232 -32.04 -14.71 7.60
CA ALA E 232 -32.97 -15.85 7.67
C ALA E 232 -33.81 -15.81 8.94
N LYS E 233 -33.16 -15.63 10.09
CA LYS E 233 -33.91 -15.60 11.35
C LYS E 233 -34.79 -14.36 11.45
N PHE E 234 -34.42 -13.29 10.76
CA PHE E 234 -35.24 -12.07 10.78
C PHE E 234 -36.55 -12.29 10.04
N LEU E 235 -36.48 -12.76 8.81
CA LEU E 235 -37.69 -13.02 8.04
C LEU E 235 -38.58 -14.04 8.74
N HIS E 236 -38.00 -15.10 9.29
CA HIS E 236 -38.80 -16.08 10.02
C HIS E 236 -39.43 -15.46 11.25
N LYS E 237 -38.69 -14.61 11.96
CA LYS E 237 -39.20 -14.02 13.19
C LYS E 237 -40.46 -13.22 12.92
N HIS E 238 -40.44 -12.35 11.90
CA HIS E 238 -41.53 -11.45 11.62
C HIS E 238 -42.43 -11.92 10.49
N ASP E 239 -42.28 -13.18 10.06
CA ASP E 239 -43.13 -13.77 9.02
C ASP E 239 -43.08 -12.93 7.74
N LEU E 240 -41.89 -12.46 7.40
CA LEU E 240 -41.63 -11.76 6.14
C LEU E 240 -41.06 -12.73 5.13
N ASP E 241 -41.05 -12.30 3.86
CA ASP E 241 -40.49 -13.10 2.79
C ASP E 241 -39.26 -12.49 2.14
N LEU E 242 -39.02 -11.19 2.34
CA LEU E 242 -37.96 -10.51 1.61
C LEU E 242 -37.58 -9.23 2.32
N ILE E 243 -36.29 -8.88 2.22
CA ILE E 243 -35.79 -7.56 2.56
C ILE E 243 -35.40 -6.87 1.27
N CYS E 244 -35.89 -5.64 1.08
CA CYS E 244 -35.54 -4.84 -0.09
C CYS E 244 -34.79 -3.61 0.40
N ARG E 245 -33.54 -3.47 -0.04
CA ARG E 245 -32.69 -2.35 0.37
C ARG E 245 -31.88 -1.89 -0.83
N ALA E 246 -31.13 -0.81 -0.63
CA ALA E 246 -30.31 -0.22 -1.69
C ALA E 246 -28.88 -0.02 -1.18
N HIS E 247 -28.37 1.21 -1.29
CA HIS E 247 -27.19 1.62 -0.53
C HIS E 247 -25.87 1.26 -1.21
N GLN E 248 -25.85 0.18 -1.99
CA GLN E 248 -24.64 -0.30 -2.63
C GLN E 248 -24.82 -0.42 -4.13
N VAL E 249 -23.79 -0.07 -4.90
CA VAL E 249 -23.85 -0.21 -6.35
CA VAL E 249 -23.84 -0.20 -6.35
C VAL E 249 -23.70 -1.67 -6.72
N VAL E 250 -24.58 -2.15 -7.60
CA VAL E 250 -24.54 -3.53 -8.06
C VAL E 250 -24.65 -3.54 -9.58
N GLU E 251 -24.00 -4.53 -10.20
CA GLU E 251 -23.76 -4.49 -11.63
C GLU E 251 -25.06 -4.34 -12.43
N ASP E 252 -26.07 -5.14 -12.10
CA ASP E 252 -27.29 -5.22 -12.89
C ASP E 252 -28.40 -4.31 -12.38
N GLY E 253 -28.09 -3.41 -11.44
CA GLY E 253 -29.10 -2.62 -10.77
C GLY E 253 -29.84 -3.35 -9.67
N TYR E 254 -29.87 -4.68 -9.70
CA TYR E 254 -30.42 -5.48 -8.62
C TYR E 254 -29.51 -6.69 -8.40
N GLU E 255 -29.50 -7.19 -7.17
CA GLU E 255 -28.63 -8.31 -6.82
C GLU E 255 -29.18 -8.98 -5.58
N PHE E 256 -29.29 -10.30 -5.61
CA PHE E 256 -29.88 -11.05 -4.51
C PHE E 256 -28.81 -11.52 -3.53
N PHE E 257 -29.26 -11.86 -2.33
CA PHE E 257 -28.38 -12.26 -1.23
C PHE E 257 -29.14 -13.23 -0.36
N ALA E 258 -28.43 -14.24 0.15
CA ALA E 258 -29.00 -15.23 1.06
C ALA E 258 -30.18 -15.95 0.42
N LYS E 259 -29.93 -16.52 -0.76
CA LYS E 259 -30.95 -17.25 -1.52
C LYS E 259 -32.21 -16.39 -1.70
N ARG E 260 -32.02 -15.19 -2.25
CA ARG E 260 -33.10 -14.29 -2.62
C ARG E 260 -33.95 -13.88 -1.44
N GLN E 261 -33.45 -14.06 -0.21
CA GLN E 261 -34.15 -13.53 0.96
C GLN E 261 -33.92 -12.03 1.14
N LEU E 262 -32.90 -11.49 0.49
CA LEU E 262 -32.67 -10.05 0.45
C LEU E 262 -32.29 -9.66 -0.97
N VAL E 263 -32.64 -8.44 -1.35
CA VAL E 263 -32.28 -7.89 -2.65
C VAL E 263 -31.76 -6.47 -2.45
N THR E 264 -30.68 -6.15 -3.14
CA THR E 264 -30.15 -4.79 -3.22
C THR E 264 -30.62 -4.15 -4.52
N LEU E 265 -31.17 -2.94 -4.42
CA LEU E 265 -31.59 -2.17 -5.58
C LEU E 265 -30.73 -0.92 -5.71
N PHE E 266 -30.31 -0.61 -6.93
CA PHE E 266 -29.53 0.59 -7.21
C PHE E 266 -30.00 1.13 -8.55
N SER E 267 -30.45 2.39 -8.56
CA SER E 267 -31.15 2.96 -9.71
C SER E 267 -30.34 4.01 -10.46
N ALA E 268 -29.12 4.33 -10.03
CA ALA E 268 -28.29 5.30 -10.72
C ALA E 268 -27.34 4.58 -11.67
N PRO E 269 -27.65 4.47 -12.96
CA PRO E 269 -26.74 3.79 -13.88
C PRO E 269 -25.44 4.56 -14.06
N ASN E 270 -24.40 3.83 -14.42
CA ASN E 270 -23.10 4.43 -14.75
C ASN E 270 -22.66 5.36 -13.61
N TYR E 271 -22.85 4.87 -12.39
CA TYR E 271 -22.73 5.68 -11.18
C TYR E 271 -21.42 6.46 -11.13
N CYS E 272 -21.55 7.78 -10.94
CA CYS E 272 -20.42 8.70 -10.86
C CYS E 272 -19.51 8.62 -12.09
N GLY E 273 -20.00 8.02 -13.18
CA GLY E 273 -19.14 7.78 -14.32
C GLY E 273 -17.94 6.93 -14.01
N GLU E 274 -17.98 6.19 -12.90
CA GLU E 274 -16.87 5.35 -12.46
C GLU E 274 -17.17 3.86 -12.58
N PHE E 275 -18.44 3.47 -12.52
CA PHE E 275 -18.87 2.10 -12.67
C PHE E 275 -19.68 1.96 -13.96
N ASP E 276 -19.73 0.75 -14.50
CA ASP E 276 -20.54 0.48 -15.68
C ASP E 276 -21.76 -0.33 -15.27
N ASN E 277 -22.47 0.15 -14.26
CA ASN E 277 -23.62 -0.53 -13.69
C ASN E 277 -24.90 -0.06 -14.35
N ALA E 278 -25.91 -0.93 -14.31
CA ALA E 278 -27.26 -0.55 -14.67
C ALA E 278 -28.01 -0.04 -13.45
N GLY E 279 -29.09 0.68 -13.70
CA GLY E 279 -30.03 1.09 -12.66
C GLY E 279 -31.31 0.29 -12.82
N ALA E 280 -31.89 -0.13 -11.70
CA ALA E 280 -33.01 -1.07 -11.72
C ALA E 280 -34.15 -0.59 -10.85
N MET E 281 -35.35 -1.07 -11.18
CA MET E 281 -36.52 -0.97 -10.34
C MET E 281 -37.11 -2.36 -10.14
N MET E 282 -37.85 -2.53 -9.05
CA MET E 282 -38.52 -3.79 -8.75
C MET E 282 -40.02 -3.53 -8.72
N SER E 283 -40.76 -4.22 -9.60
CA SER E 283 -42.21 -4.14 -9.63
C SER E 283 -42.80 -5.28 -8.81
N VAL E 284 -43.74 -4.94 -7.93
CA VAL E 284 -44.50 -5.91 -7.15
C VAL E 284 -45.98 -5.68 -7.45
N ASP E 285 -46.65 -6.72 -7.95
CA ASP E 285 -48.05 -6.62 -8.31
C ASP E 285 -48.93 -7.20 -7.20
N GLU E 286 -50.24 -7.16 -7.42
CA GLU E 286 -51.19 -7.62 -6.40
C GLU E 286 -50.93 -9.06 -6.00
N THR E 287 -50.47 -9.89 -6.93
CA THR E 287 -50.13 -11.28 -6.62
C THR E 287 -48.90 -11.40 -5.74
N LEU E 288 -48.23 -10.29 -5.43
CA LEU E 288 -46.92 -10.32 -4.77
C LEU E 288 -45.88 -10.97 -5.68
N MET E 289 -46.10 -10.89 -6.98
CA MET E 289 -45.15 -11.34 -7.98
C MET E 289 -44.19 -10.20 -8.27
N CYS E 290 -42.89 -10.45 -8.13
CA CYS E 290 -41.86 -9.43 -8.29
C CYS E 290 -41.14 -9.59 -9.61
N SER E 291 -40.92 -8.47 -10.29
CA SER E 291 -40.16 -8.43 -11.53
C SER E 291 -39.24 -7.22 -11.51
N PHE E 292 -38.15 -7.30 -12.29
CA PHE E 292 -37.12 -6.28 -12.31
C PHE E 292 -37.04 -5.63 -13.68
N GLN E 293 -37.01 -4.30 -13.70
CA GLN E 293 -36.85 -3.51 -14.91
C GLN E 293 -35.59 -2.67 -14.75
N ILE E 294 -34.67 -2.76 -15.72
CA ILE E 294 -33.36 -2.13 -15.57
C ILE E 294 -33.10 -1.21 -16.75
N LEU E 295 -32.33 -0.15 -16.47
CA LEU E 295 -31.80 0.77 -17.47
C LEU E 295 -30.29 0.54 -17.55
N LYS E 296 -29.83 -0.06 -18.64
CA LYS E 296 -28.42 -0.38 -18.74
C LYS E 296 -27.69 0.66 -19.60
N PRO E 297 -26.44 1.00 -19.26
CA PRO E 297 -25.68 1.91 -20.11
C PRO E 297 -25.30 1.23 -21.42
N ALA E 298 -25.56 1.92 -22.53
CA ALA E 298 -25.25 1.37 -23.85
C ALA E 298 -23.81 1.70 -24.24
N SER F 5 -11.62 10.13 17.52
CA SER F 5 -12.69 9.51 18.31
C SER F 5 -12.81 8.02 17.97
N LEU F 6 -13.57 7.30 18.78
CA LEU F 6 -13.56 5.84 18.78
C LEU F 6 -14.51 5.27 17.74
N ASN F 7 -14.00 4.38 16.89
CA ASN F 7 -14.81 3.68 15.90
C ASN F 7 -15.33 2.38 16.53
N LEU F 8 -16.34 2.54 17.38
CA LEU F 8 -16.78 1.44 18.23
C LEU F 8 -17.33 0.28 17.41
N ASP F 9 -18.24 0.56 16.47
CA ASP F 9 -18.85 -0.51 15.69
C ASP F 9 -17.83 -1.23 14.83
N SER F 10 -16.81 -0.52 14.34
CA SER F 10 -15.76 -1.18 13.57
C SER F 10 -14.97 -2.15 14.45
N ILE F 11 -14.64 -1.73 15.67
CA ILE F 11 -13.92 -2.61 16.59
C ILE F 11 -14.74 -3.85 16.90
N ILE F 12 -15.98 -3.65 17.36
CA ILE F 12 -16.87 -4.78 17.62
C ILE F 12 -16.99 -5.66 16.38
N GLY F 13 -17.23 -5.03 15.22
CA GLY F 13 -17.39 -5.79 13.99
C GLY F 13 -16.18 -6.67 13.69
N ARG F 14 -14.98 -6.08 13.79
CA ARG F 14 -13.77 -6.85 13.52
C ARG F 14 -13.61 -7.98 14.52
N LEU F 15 -13.98 -7.73 15.78
CA LEU F 15 -13.84 -8.77 16.81
C LEU F 15 -14.80 -9.92 16.55
N LEU F 16 -16.00 -9.64 16.03
CA LEU F 16 -16.96 -10.68 15.72
C LEU F 16 -16.64 -11.41 14.43
N GLU F 17 -15.90 -10.79 13.51
CA GLU F 17 -15.66 -11.35 12.19
C GLU F 17 -14.98 -12.71 12.21
N VAL F 18 -14.41 -13.14 13.35
CA VAL F 18 -13.78 -14.46 13.40
C VAL F 18 -14.78 -15.56 13.70
N GLN F 19 -16.04 -15.22 13.95
CA GLN F 19 -17.09 -16.21 14.06
C GLN F 19 -17.10 -17.11 12.84
N GLY F 20 -17.10 -18.42 13.09
CA GLY F 20 -17.06 -19.39 12.02
C GLY F 20 -15.67 -19.81 11.59
N SER F 21 -14.64 -19.12 12.08
CA SER F 21 -13.27 -19.54 11.84
C SER F 21 -12.86 -20.58 12.88
N ARG F 22 -11.74 -21.25 12.60
CA ARG F 22 -11.21 -22.22 13.55
C ARG F 22 -10.63 -21.50 14.77
N PRO F 23 -10.92 -21.95 15.98
CA PRO F 23 -10.38 -21.26 17.16
C PRO F 23 -8.87 -21.07 17.06
N GLY F 24 -8.42 -19.91 17.53
CA GLY F 24 -7.02 -19.53 17.49
C GLY F 24 -6.73 -18.34 16.58
N LYS F 25 -7.59 -18.08 15.61
CA LYS F 25 -7.38 -16.95 14.71
C LYS F 25 -7.48 -15.64 15.49
N ASN F 26 -6.47 -14.79 15.33
CA ASN F 26 -6.39 -13.55 16.09
C ASN F 26 -7.15 -12.42 15.40
N VAL F 27 -7.60 -11.47 16.21
CA VAL F 27 -8.17 -10.21 15.74
C VAL F 27 -7.12 -9.12 15.89
N GLN F 28 -6.94 -8.33 14.85
CA GLN F 28 -5.90 -7.30 14.82
C GLN F 28 -6.55 -5.92 14.95
N LEU F 29 -6.80 -5.50 16.18
CA LEU F 29 -7.12 -4.11 16.48
C LEU F 29 -5.83 -3.31 16.56
N THR F 30 -5.96 -2.00 16.43
CA THR F 30 -4.80 -1.12 16.54
C THR F 30 -4.57 -0.76 18.00
N GLU F 31 -3.37 -0.23 18.27
CA GLU F 31 -3.03 0.19 19.63
C GLU F 31 -4.01 1.25 20.12
N ASN F 32 -4.28 2.26 19.29
CA ASN F 32 -5.16 3.35 19.71
C ASN F 32 -6.60 2.88 19.86
N GLU F 33 -7.04 1.92 19.05
CA GLU F 33 -8.37 1.34 19.25
C GLU F 33 -8.48 0.72 20.64
N ILE F 34 -7.47 -0.05 21.04
CA ILE F 34 -7.53 -0.72 22.34
C ILE F 34 -7.47 0.30 23.47
N ARG F 35 -6.53 1.24 23.38
CA ARG F 35 -6.48 2.33 24.36
C ARG F 35 -7.83 3.03 24.45
N GLY F 36 -8.44 3.33 23.30
CA GLY F 36 -9.75 3.96 23.33
C GLY F 36 -10.79 3.13 24.07
N LEU F 37 -10.77 1.81 23.87
CA LEU F 37 -11.66 0.94 24.63
C LEU F 37 -11.42 1.08 26.13
N CYS F 38 -10.15 1.07 26.54
CA CYS F 38 -9.84 1.17 27.96
C CYS F 38 -10.33 2.48 28.54
N LEU F 39 -10.02 3.59 27.87
CA LEU F 39 -10.33 4.90 28.43
C LEU F 39 -11.84 5.09 28.57
N LYS F 40 -12.61 4.77 27.52
CA LYS F 40 -14.04 5.03 27.57
C LYS F 40 -14.75 4.08 28.53
N SER F 41 -14.38 2.80 28.53
CA SER F 41 -14.98 1.86 29.46
C SER F 41 -14.69 2.27 30.90
N ARG F 42 -13.42 2.56 31.20
CA ARG F 42 -13.05 3.08 32.52
C ARG F 42 -13.96 4.22 32.94
N GLU F 43 -14.12 5.22 32.08
CA GLU F 43 -15.00 6.34 32.38
C GLU F 43 -16.39 5.86 32.78
N ILE F 44 -16.92 4.86 32.08
CA ILE F 44 -18.26 4.37 32.39
C ILE F 44 -18.27 3.68 33.75
N PHE F 45 -17.33 2.75 33.96
CA PHE F 45 -17.24 2.08 35.26
C PHE F 45 -17.28 3.09 36.41
N LEU F 46 -16.56 4.21 36.27
CA LEU F 46 -16.54 5.19 37.35
C LEU F 46 -17.85 5.97 37.44
N SER F 47 -18.58 6.09 36.33
CA SER F 47 -19.87 6.77 36.37
C SER F 47 -20.95 5.92 37.05
N GLN F 48 -20.74 4.62 37.19
CA GLN F 48 -21.70 3.72 37.78
C GLN F 48 -21.21 3.25 39.15
N PRO F 49 -22.13 2.85 40.04
CA PRO F 49 -21.72 2.51 41.40
C PRO F 49 -20.79 1.31 41.44
N ILE F 50 -19.96 1.25 42.50
CA ILE F 50 -19.05 0.13 42.67
C ILE F 50 -19.82 -1.11 43.12
N LEU F 51 -20.93 -0.93 43.83
CA LEU F 51 -21.88 -2.00 44.11
C LEU F 51 -23.09 -1.78 43.19
N LEU F 52 -23.14 -2.53 42.09
CA LEU F 52 -24.18 -2.35 41.10
C LEU F 52 -25.54 -2.78 41.63
N GLU F 53 -26.59 -2.05 41.25
CA GLU F 53 -27.98 -2.40 41.54
C GLU F 53 -28.65 -2.71 40.20
N LEU F 54 -28.85 -3.99 39.90
CA LEU F 54 -29.31 -4.42 38.60
C LEU F 54 -30.71 -5.02 38.70
N GLU F 55 -31.36 -5.14 37.53
CA GLU F 55 -32.71 -5.65 37.43
C GLU F 55 -32.79 -6.75 36.38
N ALA F 56 -33.58 -7.78 36.67
CA ALA F 56 -33.90 -8.78 35.67
C ALA F 56 -34.78 -8.15 34.59
N PRO F 57 -34.78 -8.71 33.37
CA PRO F 57 -34.10 -9.93 32.90
C PRO F 57 -32.60 -9.75 32.73
N LEU F 58 -31.85 -10.84 32.94
CA LEU F 58 -30.40 -10.77 32.97
C LEU F 58 -29.84 -12.17 32.86
N LYS F 59 -28.71 -12.30 32.18
CA LYS F 59 -27.95 -13.54 32.11
C LYS F 59 -26.59 -13.31 32.77
N ILE F 60 -26.19 -14.24 33.64
CA ILE F 60 -25.00 -14.08 34.47
C ILE F 60 -24.00 -15.17 34.12
N CYS F 61 -22.75 -14.77 33.88
CA CYS F 61 -21.70 -15.66 33.40
C CYS F 61 -20.47 -15.54 34.29
N GLY F 62 -19.68 -16.62 34.34
CA GLY F 62 -18.48 -16.70 35.14
C GLY F 62 -17.20 -16.62 34.32
N ASP F 63 -16.17 -17.29 34.82
CA ASP F 63 -14.82 -17.17 34.28
C ASP F 63 -14.74 -17.46 32.78
N ILE F 64 -13.90 -16.69 32.09
CA ILE F 64 -13.61 -16.91 30.68
C ILE F 64 -12.13 -17.22 30.45
N HIS F 65 -11.24 -16.52 31.14
CA HIS F 65 -9.80 -16.75 31.05
C HIS F 65 -9.33 -16.84 29.60
N GLY F 66 -9.63 -15.80 28.84
CA GLY F 66 -9.07 -15.65 27.51
C GLY F 66 -9.41 -16.77 26.55
N GLN F 67 -10.43 -17.57 26.84
CA GLN F 67 -10.92 -18.56 25.89
C GLN F 67 -11.93 -17.88 24.97
N TYR F 68 -11.38 -17.01 24.12
CA TYR F 68 -12.20 -16.08 23.35
C TYR F 68 -13.27 -16.81 22.54
N TYR F 69 -12.92 -17.91 21.89
CA TYR F 69 -13.90 -18.58 21.04
C TYR F 69 -14.98 -19.27 21.86
N ASP F 70 -14.71 -19.59 23.13
CA ASP F 70 -15.79 -20.07 23.98
C ASP F 70 -16.71 -18.94 24.40
N LEU F 71 -16.21 -17.71 24.46
CA LEU F 71 -17.07 -16.57 24.74
C LEU F 71 -18.00 -16.30 23.57
N LEU F 72 -17.50 -16.42 22.34
CA LEU F 72 -18.34 -16.25 21.17
C LEU F 72 -19.47 -17.28 21.16
N ARG F 73 -19.14 -18.56 21.38
CA ARG F 73 -20.18 -19.58 21.47
C ARG F 73 -21.18 -19.24 22.55
N LEU F 74 -20.69 -18.78 23.70
CA LEU F 74 -21.59 -18.41 24.80
C LEU F 74 -22.58 -17.34 24.36
N PHE F 75 -22.11 -16.33 23.63
CA PHE F 75 -23.01 -15.32 23.10
C PHE F 75 -23.97 -15.93 22.06
N GLU F 76 -23.44 -16.77 21.16
CA GLU F 76 -24.31 -17.44 20.20
C GLU F 76 -25.42 -18.19 20.92
N TYR F 77 -25.09 -18.77 22.07
CA TYR F 77 -26.02 -19.63 22.81
C TYR F 77 -27.11 -18.82 23.50
N GLY F 78 -26.71 -17.77 24.22
CA GLY F 78 -27.65 -17.01 25.04
C GLY F 78 -28.14 -15.74 24.39
N GLY F 79 -27.60 -15.41 23.24
CA GLY F 79 -28.01 -14.20 22.54
C GLY F 79 -26.98 -13.11 22.65
N PHE F 80 -26.48 -12.64 21.51
CA PHE F 80 -25.53 -11.52 21.53
C PHE F 80 -26.23 -10.27 22.07
N PRO F 81 -25.50 -9.40 22.76
CA PRO F 81 -26.07 -8.10 23.13
C PRO F 81 -26.58 -7.38 21.89
N PRO F 82 -27.73 -6.67 21.98
CA PRO F 82 -28.61 -6.45 23.13
C PRO F 82 -29.79 -7.41 23.20
N GLU F 83 -29.66 -8.57 22.57
CA GLU F 83 -30.72 -9.57 22.64
C GLU F 83 -30.94 -10.05 24.06
N SER F 84 -29.88 -10.11 24.86
CA SER F 84 -29.97 -10.39 26.28
C SER F 84 -29.09 -9.39 27.03
N ASN F 85 -29.47 -9.12 28.26
CA ASN F 85 -28.63 -8.34 29.17
C ASN F 85 -27.67 -9.29 29.89
N TYR F 86 -26.46 -8.80 30.16
CA TYR F 86 -25.40 -9.65 30.66
C TYR F 86 -24.72 -9.04 31.87
N LEU F 87 -24.32 -9.91 32.80
CA LEU F 87 -23.49 -9.56 33.94
C LEU F 87 -22.40 -10.62 34.06
N PHE F 88 -21.15 -10.20 33.90
CA PHE F 88 -20.03 -11.11 34.03
C PHE F 88 -19.38 -10.94 35.40
N LEU F 89 -18.83 -12.05 35.91
CA LEU F 89 -18.36 -12.11 37.29
C LEU F 89 -16.84 -12.08 37.41
N GLY F 90 -16.12 -11.78 36.33
CA GLY F 90 -14.70 -11.52 36.41
C GLY F 90 -13.87 -12.64 35.80
N ASP F 91 -12.55 -12.46 35.92
CA ASP F 91 -11.55 -13.39 35.40
C ASP F 91 -11.70 -13.55 33.89
N TYR F 92 -11.51 -12.42 33.20
CA TYR F 92 -11.56 -12.36 31.75
C TYR F 92 -10.24 -12.73 31.10
N VAL F 93 -9.12 -12.42 31.76
CA VAL F 93 -7.80 -12.58 31.16
C VAL F 93 -7.03 -13.70 31.85
N ASP F 94 -5.80 -13.94 31.39
CA ASP F 94 -4.85 -14.91 31.95
C ASP F 94 -5.14 -16.35 31.56
N ARG F 95 -4.07 -17.15 31.49
CA ARG F 95 -4.12 -18.59 31.21
C ARG F 95 -4.48 -18.87 29.76
N GLY F 96 -5.57 -18.28 29.27
CA GLY F 96 -5.96 -18.49 27.90
C GLY F 96 -4.99 -17.85 26.92
N LYS F 97 -5.11 -18.28 25.67
CA LYS F 97 -4.21 -17.81 24.62
C LYS F 97 -4.68 -16.52 23.95
N GLN F 98 -5.89 -16.04 24.26
CA GLN F 98 -6.45 -14.87 23.59
C GLN F 98 -7.18 -14.01 24.61
N SER F 99 -6.44 -13.51 25.60
CA SER F 99 -7.03 -12.63 26.61
C SER F 99 -7.40 -11.28 26.02
N LEU F 100 -6.62 -10.80 25.04
CA LEU F 100 -6.88 -9.47 24.47
C LEU F 100 -8.21 -9.45 23.70
N GLU F 101 -8.45 -10.44 22.86
CA GLU F 101 -9.73 -10.49 22.14
C GLU F 101 -10.88 -10.53 23.14
N THR F 102 -10.77 -11.38 24.17
CA THR F 102 -11.85 -11.53 25.13
C THR F 102 -12.18 -10.20 25.81
N ILE F 103 -11.18 -9.55 26.40
CA ILE F 103 -11.46 -8.36 27.19
C ILE F 103 -11.87 -7.20 26.30
N CYS F 104 -11.30 -7.11 25.10
CA CYS F 104 -11.67 -6.04 24.19
C CYS F 104 -13.14 -6.13 23.78
N LEU F 105 -13.63 -7.33 23.46
CA LEU F 105 -15.04 -7.48 23.13
C LEU F 105 -15.91 -7.13 24.32
N LEU F 106 -15.50 -7.56 25.52
CA LEU F 106 -16.29 -7.27 26.72
C LEU F 106 -16.34 -5.78 27.00
N LEU F 107 -15.18 -5.11 26.93
CA LEU F 107 -15.17 -3.65 27.12
C LEU F 107 -16.00 -2.95 26.05
N ALA F 108 -15.89 -3.41 24.79
CA ALA F 108 -16.62 -2.75 23.71
C ALA F 108 -18.12 -2.84 23.92
N TYR F 109 -18.61 -3.98 24.42
CA TYR F 109 -20.03 -4.10 24.69
C TYR F 109 -20.45 -3.26 25.89
N LYS F 110 -19.55 -3.10 26.87
CA LYS F 110 -19.85 -2.19 27.97
C LYS F 110 -20.11 -0.78 27.45
N ILE F 111 -19.31 -0.33 26.47
CA ILE F 111 -19.47 1.00 25.95
C ILE F 111 -20.70 1.08 25.04
N LYS F 112 -20.95 0.02 24.27
CA LYS F 112 -22.09 0.02 23.36
C LYS F 112 -23.41 0.00 24.14
N TYR F 113 -23.50 -0.83 25.18
CA TYR F 113 -24.74 -1.03 25.93
C TYR F 113 -24.47 -0.85 27.42
N PRO F 114 -24.16 0.37 27.86
CA PRO F 114 -23.73 0.57 29.25
C PRO F 114 -24.81 0.29 30.28
N GLU F 115 -26.09 0.39 29.93
CA GLU F 115 -27.17 0.10 30.86
C GLU F 115 -27.64 -1.35 30.78
N ASN F 116 -27.09 -2.15 29.87
CA ASN F 116 -27.56 -3.51 29.64
C ASN F 116 -26.44 -4.54 29.64
N PHE F 117 -25.23 -4.16 30.07
CA PHE F 117 -24.07 -5.04 29.97
C PHE F 117 -23.11 -4.61 31.07
N PHE F 118 -22.75 -5.55 31.95
CA PHE F 118 -21.96 -5.21 33.12
C PHE F 118 -20.88 -6.25 33.36
N LEU F 119 -19.74 -5.77 33.88
CA LEU F 119 -18.58 -6.59 34.15
C LEU F 119 -18.15 -6.36 35.59
N LEU F 120 -17.96 -7.44 36.34
CA LEU F 120 -17.38 -7.36 37.67
C LEU F 120 -15.89 -7.67 37.62
N ARG F 121 -15.19 -7.28 38.68
CA ARG F 121 -13.75 -7.48 38.76
C ARG F 121 -13.46 -8.85 39.34
N GLY F 122 -12.63 -9.63 38.63
CA GLY F 122 -12.12 -10.87 39.16
C GLY F 122 -10.76 -10.68 39.82
N ASN F 123 -10.30 -11.73 40.49
CA ASN F 123 -8.97 -11.66 41.10
C ASN F 123 -7.86 -11.66 40.07
N HIS F 124 -8.17 -11.93 38.80
CA HIS F 124 -7.18 -11.80 37.74
C HIS F 124 -7.22 -10.45 37.05
N GLU F 125 -8.17 -9.58 37.41
CA GLU F 125 -8.17 -8.19 36.94
C GLU F 125 -7.39 -7.27 37.88
N CYS F 126 -6.15 -7.65 38.19
CA CYS F 126 -5.27 -6.79 38.97
CA CYS F 126 -5.26 -6.79 38.96
C CYS F 126 -3.83 -7.01 38.50
N ALA F 127 -3.00 -5.99 38.74
CA ALA F 127 -1.65 -5.97 38.17
C ALA F 127 -0.83 -7.17 38.61
N SER F 128 -0.75 -7.42 39.92
CA SER F 128 0.18 -8.43 40.42
C SER F 128 -0.14 -9.81 39.86
N ILE F 129 -1.42 -10.12 39.69
CA ILE F 129 -1.81 -11.47 39.27
C ILE F 129 -1.62 -11.65 37.77
N ASN F 130 -2.27 -10.80 36.98
CA ASN F 130 -2.14 -10.94 35.52
C ASN F 130 -0.81 -10.42 35.01
N ARG F 131 0.08 -9.98 35.91
CA ARG F 131 1.47 -9.78 35.53
C ARG F 131 2.17 -11.10 35.27
N ILE F 132 1.72 -12.17 35.92
CA ILE F 132 2.41 -13.45 35.92
C ILE F 132 1.70 -14.49 35.06
N TYR F 133 0.36 -14.47 35.05
CA TYR F 133 -0.41 -15.58 34.51
C TYR F 133 -0.79 -15.42 33.05
N GLY F 134 -0.15 -14.49 32.32
CA GLY F 134 -0.28 -14.47 30.87
C GLY F 134 -0.62 -13.15 30.23
N PHE F 135 -1.50 -12.35 30.86
CA PHE F 135 -2.00 -11.17 30.17
C PHE F 135 -0.87 -10.19 29.87
N TYR F 136 -0.01 -9.93 30.84
CA TYR F 136 1.16 -9.10 30.60
C TYR F 136 1.94 -9.61 29.40
N ASP F 137 2.27 -10.91 29.40
CA ASP F 137 3.03 -11.49 28.31
C ASP F 137 2.32 -11.30 26.97
N GLU F 138 0.99 -11.37 26.98
CA GLU F 138 0.24 -11.19 25.74
C GLU F 138 0.24 -9.74 25.29
N CYS F 139 0.18 -8.80 26.24
CA CYS F 139 0.25 -7.39 25.88
C CYS F 139 1.63 -7.01 25.35
N LYS F 140 2.69 -7.48 26.02
CA LYS F 140 4.04 -7.16 25.59
C LYS F 140 4.36 -7.77 24.24
N ARG F 141 3.82 -8.96 23.96
CA ARG F 141 4.17 -9.66 22.72
C ARG F 141 3.55 -8.97 21.51
N ARG F 142 2.24 -8.71 21.56
CA ARG F 142 1.50 -8.20 20.42
C ARG F 142 1.48 -6.68 20.33
N TYR F 143 1.84 -5.96 21.39
CA TYR F 143 1.85 -4.51 21.35
C TYR F 143 3.04 -3.96 22.17
N ASN F 144 2.84 -3.76 23.47
CA ASN F 144 3.91 -3.26 24.32
C ASN F 144 3.50 -3.17 25.78
N ILE F 145 4.44 -2.78 26.65
CA ILE F 145 4.18 -2.76 28.09
C ILE F 145 3.16 -1.68 28.44
N LYS F 146 3.25 -0.52 27.79
CA LYS F 146 2.36 0.59 28.14
C LYS F 146 0.91 0.17 28.04
N LEU F 147 0.57 -0.65 27.04
CA LEU F 147 -0.82 -1.10 26.89
C LEU F 147 -1.28 -1.88 28.12
N TRP F 148 -0.38 -2.69 28.70
CA TRP F 148 -0.75 -3.43 29.90
C TRP F 148 -0.99 -2.49 31.07
N LYS F 149 -0.19 -1.43 31.17
CA LYS F 149 -0.42 -0.44 32.21
C LYS F 149 -1.74 0.30 31.97
N THR F 150 -2.10 0.52 30.71
CA THR F 150 -3.39 1.14 30.41
C THR F 150 -4.55 0.24 30.82
N PHE F 151 -4.44 -1.06 30.51
CA PHE F 151 -5.45 -2.00 30.98
C PHE F 151 -5.56 -1.99 32.50
N THR F 152 -4.43 -1.82 33.19
CA THR F 152 -4.45 -1.85 34.65
C THR F 152 -5.29 -0.70 35.20
N ASP F 153 -5.14 0.50 34.63
CA ASP F 153 -5.96 1.62 35.07
C ASP F 153 -7.44 1.32 34.88
N CYS F 154 -7.78 0.61 33.80
CA CYS F 154 -9.17 0.24 33.56
C CYS F 154 -9.64 -0.81 34.56
N PHE F 155 -8.84 -1.86 34.76
CA PHE F 155 -9.20 -2.90 35.73
C PHE F 155 -9.38 -2.32 37.13
N ASN F 156 -8.53 -1.35 37.50
CA ASN F 156 -8.62 -0.77 38.84
C ASN F 156 -9.91 0.01 39.06
N CYS F 157 -10.74 0.18 38.03
CA CYS F 157 -12.00 0.90 38.16
C CYS F 157 -13.21 -0.02 37.98
N LEU F 158 -13.00 -1.33 37.86
CA LEU F 158 -14.13 -2.24 37.68
C LEU F 158 -14.97 -2.29 38.95
N PRO F 159 -16.29 -2.42 38.82
CA PRO F 159 -17.12 -2.63 40.02
C PRO F 159 -16.86 -4.00 40.62
N ILE F 160 -17.18 -4.13 41.91
CA ILE F 160 -16.77 -5.28 42.69
C ILE F 160 -17.90 -6.25 42.98
N ALA F 161 -19.15 -5.77 43.06
CA ALA F 161 -20.26 -6.65 43.36
C ALA F 161 -21.53 -6.06 42.76
N ALA F 162 -22.60 -6.86 42.79
CA ALA F 162 -23.87 -6.44 42.25
C ALA F 162 -24.99 -7.17 42.98
N ILE F 163 -26.10 -6.47 43.16
CA ILE F 163 -27.32 -7.05 43.71
C ILE F 163 -28.40 -6.95 42.64
N VAL F 164 -28.98 -8.08 42.28
CA VAL F 164 -30.02 -8.15 41.26
C VAL F 164 -31.38 -8.17 41.96
N ASP F 165 -32.20 -7.16 41.68
CA ASP F 165 -33.56 -7.07 42.22
C ASP F 165 -33.58 -7.35 43.72
N GLU F 166 -32.60 -6.81 44.43
CA GLU F 166 -32.56 -6.84 45.90
C GLU F 166 -32.55 -8.26 46.47
N LYS F 167 -32.19 -9.27 45.66
CA LYS F 167 -32.25 -10.65 46.14
C LYS F 167 -31.07 -11.52 45.75
N ILE F 168 -30.27 -11.17 44.74
CA ILE F 168 -29.15 -12.00 44.30
C ILE F 168 -27.88 -11.16 44.42
N PHE F 169 -27.02 -11.53 45.38
CA PHE F 169 -25.74 -10.87 45.57
C PHE F 169 -24.66 -11.56 44.75
N CYS F 170 -23.96 -10.79 43.92
CA CYS F 170 -23.01 -11.33 42.96
C CYS F 170 -21.62 -10.74 43.19
N CYS F 171 -20.61 -11.59 43.18
CA CYS F 171 -19.22 -11.18 43.23
C CYS F 171 -18.40 -12.34 42.66
N HIS F 172 -17.11 -12.10 42.46
CA HIS F 172 -16.28 -13.14 41.85
C HIS F 172 -15.97 -14.26 42.83
N GLY F 173 -15.40 -13.92 43.99
CA GLY F 173 -14.98 -14.93 44.94
C GLY F 173 -16.05 -15.33 45.93
N GLY F 174 -16.34 -14.46 46.90
CA GLY F 174 -17.40 -14.78 47.85
C GLY F 174 -17.43 -13.81 49.01
N LEU F 175 -17.85 -14.34 50.16
CA LEU F 175 -18.07 -13.52 51.34
C LEU F 175 -16.76 -13.22 52.07
N SER F 176 -16.82 -12.22 52.93
CA SER F 176 -15.68 -11.77 53.73
C SER F 176 -16.09 -11.73 55.19
N PRO F 177 -15.21 -12.15 56.10
CA PRO F 177 -15.49 -11.88 57.52
C PRO F 177 -15.61 -10.41 57.82
N ASP F 178 -15.03 -9.56 56.97
CA ASP F 178 -15.02 -8.12 57.14
C ASP F 178 -16.25 -7.44 56.55
N LEU F 179 -17.18 -8.20 55.97
CA LEU F 179 -18.37 -7.64 55.33
C LEU F 179 -19.54 -7.69 56.30
N GLN F 180 -19.75 -6.60 57.03
CA GLN F 180 -20.90 -6.47 57.90
C GLN F 180 -22.00 -5.58 57.34
N SER F 181 -21.66 -4.65 56.44
CA SER F 181 -22.65 -3.75 55.85
C SER F 181 -22.32 -3.52 54.38
N MET F 182 -23.36 -3.47 53.55
CA MET F 182 -23.16 -3.18 52.14
C MET F 182 -22.48 -1.84 51.93
N GLU F 183 -22.68 -0.90 52.87
CA GLU F 183 -22.03 0.41 52.73
C GLU F 183 -20.51 0.26 52.72
N GLN F 184 -19.97 -0.77 53.38
CA GLN F 184 -18.54 -1.02 53.34
C GLN F 184 -18.05 -1.24 51.90
N ILE F 185 -18.86 -1.92 51.08
CA ILE F 185 -18.51 -2.06 49.68
C ILE F 185 -18.70 -0.73 48.95
N ARG F 186 -19.84 -0.06 49.21
CA ARG F 186 -20.12 1.20 48.54
C ARG F 186 -19.05 2.25 48.82
N ARG F 187 -18.43 2.21 49.99
CA ARG F 187 -17.48 3.23 50.38
C ARG F 187 -16.09 3.03 49.77
N ILE F 188 -15.86 1.92 49.06
CA ILE F 188 -14.57 1.68 48.45
C ILE F 188 -14.40 2.61 47.25
N MET F 189 -13.28 3.35 47.22
CA MET F 189 -13.03 4.35 46.21
C MET F 189 -12.15 3.80 45.10
N ARG F 190 -12.45 4.20 43.87
CA ARG F 190 -11.70 3.78 42.69
C ARG F 190 -11.00 4.98 42.05
N PRO F 191 -9.89 4.77 41.33
CA PRO F 191 -9.24 3.48 41.08
C PRO F 191 -8.55 2.91 42.32
N THR F 192 -8.51 1.58 42.42
CA THR F 192 -7.87 0.91 43.55
C THR F 192 -7.22 -0.38 43.11
N ASP F 193 -6.20 -0.79 43.84
CA ASP F 193 -5.62 -2.11 43.70
C ASP F 193 -6.46 -3.13 44.49
N VAL F 194 -6.18 -4.40 44.28
CA VAL F 194 -6.72 -5.47 45.11
C VAL F 194 -5.71 -5.75 46.23
N PRO F 195 -6.09 -5.61 47.49
CA PRO F 195 -5.12 -5.84 48.57
C PRO F 195 -4.86 -7.32 48.81
N ASP F 196 -3.77 -7.60 49.53
CA ASP F 196 -3.42 -8.97 49.87
C ASP F 196 -4.27 -9.53 51.00
N GLN F 197 -5.09 -8.71 51.64
CA GLN F 197 -6.05 -9.17 52.62
C GLN F 197 -7.10 -8.08 52.81
N GLY F 198 -8.19 -8.43 53.46
CA GLY F 198 -9.26 -7.48 53.73
C GLY F 198 -10.48 -7.71 52.84
N LEU F 199 -11.41 -6.76 52.95
CA LEU F 199 -12.73 -6.94 52.35
C LEU F 199 -12.63 -7.16 50.84
N LEU F 200 -11.95 -6.26 50.14
CA LEU F 200 -11.87 -6.35 48.69
C LEU F 200 -11.19 -7.65 48.26
N CYS F 201 -10.15 -8.06 49.00
CA CYS F 201 -9.49 -9.32 48.70
C CYS F 201 -10.46 -10.49 48.79
N ASP F 202 -11.22 -10.59 49.88
CA ASP F 202 -12.10 -11.73 50.06
C ASP F 202 -13.21 -11.77 49.01
N LEU F 203 -13.70 -10.59 48.60
CA LEU F 203 -14.75 -10.55 47.58
C LEU F 203 -14.30 -11.18 46.28
N LEU F 204 -12.98 -11.23 46.03
CA LEU F 204 -12.43 -11.72 44.79
C LEU F 204 -11.76 -13.09 44.92
N TRP F 205 -11.53 -13.58 46.14
CA TRP F 205 -10.70 -14.75 46.35
C TRP F 205 -11.36 -15.88 47.16
N SER F 206 -12.28 -15.57 48.07
CA SER F 206 -12.76 -16.58 49.00
C SER F 206 -13.53 -17.69 48.27
N ASP F 207 -13.56 -18.88 48.88
CA ASP F 207 -14.19 -20.06 48.34
C ASP F 207 -15.14 -20.68 49.35
N PRO F 208 -16.27 -21.25 48.91
CA PRO F 208 -17.06 -22.08 49.82
C PRO F 208 -16.42 -23.44 50.03
N ASP F 209 -16.60 -23.98 51.23
CA ASP F 209 -16.09 -25.30 51.56
C ASP F 209 -17.08 -25.99 52.50
N LYS F 210 -17.54 -27.17 52.09
CA LYS F 210 -18.51 -27.91 52.90
C LYS F 210 -17.90 -28.33 54.24
N ASP F 211 -16.59 -28.56 54.28
CA ASP F 211 -15.94 -29.08 55.47
C ASP F 211 -15.61 -27.99 56.49
N VAL F 212 -16.04 -26.76 56.25
CA VAL F 212 -15.73 -25.62 57.11
C VAL F 212 -17.00 -25.14 57.78
N GLN F 213 -16.98 -25.03 59.10
CA GLN F 213 -18.15 -24.52 59.83
C GLN F 213 -18.34 -23.03 59.54
N GLY F 214 -17.37 -22.21 59.95
CA GLY F 214 -17.40 -20.79 59.67
C GLY F 214 -16.37 -20.44 58.62
N TRP F 215 -15.19 -20.02 59.06
CA TRP F 215 -14.09 -19.69 58.17
C TRP F 215 -12.97 -20.71 58.33
N GLY F 216 -12.19 -20.88 57.27
CA GLY F 216 -11.11 -21.84 57.24
C GLY F 216 -9.99 -21.38 56.34
N GLU F 217 -8.96 -22.22 56.23
CA GLU F 217 -7.84 -21.91 55.36
C GLU F 217 -8.21 -22.14 53.90
N ASN F 218 -7.58 -21.36 53.02
CA ASN F 218 -7.78 -21.46 51.58
C ASN F 218 -6.52 -22.05 50.95
N ASP F 219 -6.68 -23.16 50.24
CA ASP F 219 -5.56 -23.80 49.57
C ASP F 219 -4.84 -22.85 48.63
N ARG F 220 -5.50 -21.78 48.17
CA ARG F 220 -4.88 -20.83 47.27
C ARG F 220 -3.73 -20.06 47.92
N GLY F 221 -3.66 -20.05 49.25
CA GLY F 221 -2.73 -19.16 49.92
C GLY F 221 -3.17 -17.72 49.94
N VAL F 222 -4.45 -17.45 49.71
CA VAL F 222 -5.01 -16.10 49.76
C VAL F 222 -6.42 -16.20 50.34
N SER F 223 -6.78 -15.25 51.18
CA SER F 223 -8.17 -15.13 51.66
C SER F 223 -8.56 -16.35 52.48
N PHE F 224 -9.86 -16.68 52.48
CA PHE F 224 -10.38 -17.73 53.34
C PHE F 224 -11.37 -18.61 52.59
N THR F 225 -11.67 -19.76 53.19
CA THR F 225 -12.87 -20.52 52.87
C THR F 225 -13.98 -20.15 53.86
N PHE F 226 -15.22 -20.43 53.46
CA PHE F 226 -16.37 -20.18 54.32
C PHE F 226 -17.42 -21.27 54.14
N GLY F 227 -18.21 -21.49 55.19
CA GLY F 227 -19.16 -22.58 55.24
C GLY F 227 -20.59 -22.14 55.04
N ALA F 228 -21.48 -23.14 55.08
CA ALA F 228 -22.89 -22.90 54.79
C ALA F 228 -23.54 -21.98 55.82
N GLU F 229 -23.13 -22.10 57.08
CA GLU F 229 -23.71 -21.22 58.11
C GLU F 229 -23.45 -19.77 57.78
N VAL F 230 -22.25 -19.45 57.30
CA VAL F 230 -21.95 -18.08 56.90
C VAL F 230 -22.95 -17.60 55.85
N VAL F 231 -23.21 -18.42 54.84
CA VAL F 231 -24.13 -18.02 53.78
C VAL F 231 -25.52 -17.77 54.34
N ALA F 232 -26.05 -18.74 55.09
CA ALA F 232 -27.41 -18.60 55.63
C ALA F 232 -27.53 -17.33 56.47
N LYS F 233 -26.57 -17.09 57.36
CA LYS F 233 -26.58 -15.87 58.15
C LYS F 233 -26.62 -14.64 57.26
N PHE F 234 -25.74 -14.60 56.26
CA PHE F 234 -25.66 -13.45 55.37
C PHE F 234 -27.00 -13.17 54.69
N LEU F 235 -27.57 -14.19 54.04
CA LEU F 235 -28.82 -14.00 53.32
C LEU F 235 -29.92 -13.52 54.25
N HIS F 236 -30.04 -14.11 55.44
CA HIS F 236 -31.04 -13.68 56.41
C HIS F 236 -30.81 -12.22 56.80
N LYS F 237 -29.56 -11.86 57.11
CA LYS F 237 -29.26 -10.52 57.59
C LYS F 237 -29.72 -9.46 56.60
N HIS F 238 -29.36 -9.62 55.33
CA HIS F 238 -29.64 -8.62 54.31
C HIS F 238 -30.91 -8.94 53.52
N ASP F 239 -31.69 -9.91 53.96
CA ASP F 239 -32.90 -10.32 53.26
C ASP F 239 -32.62 -10.56 51.78
N LEU F 240 -31.51 -11.24 51.50
CA LEU F 240 -31.18 -11.74 50.17
C LEU F 240 -31.62 -13.19 50.07
N ASP F 241 -31.69 -13.69 48.83
CA ASP F 241 -32.10 -15.06 48.59
C ASP F 241 -31.00 -15.94 48.01
N LEU F 242 -29.93 -15.37 47.48
CA LEU F 242 -28.94 -16.17 46.77
C LEU F 242 -27.64 -15.41 46.67
N ILE F 243 -26.53 -16.12 46.83
CA ILE F 243 -25.21 -15.64 46.44
C ILE F 243 -24.84 -16.32 45.13
N CYS F 244 -24.45 -15.53 44.14
CA CYS F 244 -24.03 -16.01 42.83
C CYS F 244 -22.58 -15.60 42.61
N ARG F 245 -21.68 -16.58 42.55
CA ARG F 245 -20.26 -16.30 42.43
C ARG F 245 -19.67 -17.23 41.38
N ALA F 246 -18.36 -17.09 41.15
CA ALA F 246 -17.66 -17.88 40.15
C ALA F 246 -16.38 -18.47 40.75
N HIS F 247 -15.24 -18.27 40.07
CA HIS F 247 -13.93 -18.41 40.69
C HIS F 247 -13.41 -19.85 40.73
N GLN F 248 -14.30 -20.83 40.74
CA GLN F 248 -13.90 -22.23 40.82
C GLN F 248 -14.54 -23.03 39.69
N VAL F 249 -13.75 -23.93 39.09
CA VAL F 249 -14.27 -24.79 38.02
CA VAL F 249 -14.26 -24.80 38.03
C VAL F 249 -15.18 -25.84 38.64
N VAL F 250 -16.34 -26.05 38.03
CA VAL F 250 -17.31 -27.02 38.49
C VAL F 250 -17.81 -27.83 37.29
N GLU F 251 -18.20 -29.08 37.55
CA GLU F 251 -18.34 -30.05 36.48
C GLU F 251 -19.42 -29.65 35.49
N ASP F 252 -20.57 -29.20 35.97
CA ASP F 252 -21.69 -28.87 35.11
C ASP F 252 -21.74 -27.40 34.73
N GLY F 253 -20.68 -26.64 35.02
CA GLY F 253 -20.69 -25.21 34.83
C GLY F 253 -21.41 -24.43 35.91
N TYR F 254 -22.30 -25.08 36.65
CA TYR F 254 -22.93 -24.50 37.83
C TYR F 254 -22.95 -25.55 38.94
N GLU F 255 -22.98 -25.09 40.17
CA GLU F 255 -22.92 -26.02 41.31
C GLU F 255 -23.41 -25.31 42.55
N PHE F 256 -24.46 -25.85 43.18
CA PHE F 256 -25.08 -25.20 44.32
C PHE F 256 -24.32 -25.51 45.60
N PHE F 257 -24.57 -24.68 46.61
CA PHE F 257 -23.96 -24.81 47.93
C PHE F 257 -24.96 -24.40 48.99
N ALA F 258 -24.85 -25.01 50.16
CA ALA F 258 -25.63 -24.62 51.33
C ALA F 258 -27.12 -24.56 51.02
N LYS F 259 -27.67 -25.70 50.61
CA LYS F 259 -29.10 -25.84 50.35
C LYS F 259 -29.57 -24.82 49.32
N ARG F 260 -28.86 -24.77 48.19
CA ARG F 260 -29.17 -23.87 47.08
C ARG F 260 -29.20 -22.41 47.49
N GLN F 261 -28.50 -22.05 48.57
CA GLN F 261 -28.37 -20.65 48.94
C GLN F 261 -27.22 -19.95 48.23
N LEU F 262 -26.30 -20.71 47.63
CA LEU F 262 -25.21 -20.17 46.83
C LEU F 262 -25.05 -21.02 45.58
N VAL F 263 -24.64 -20.37 44.50
CA VAL F 263 -24.34 -21.07 43.26
C VAL F 263 -23.00 -20.57 42.73
N THR F 264 -22.16 -21.50 42.29
CA THR F 264 -20.91 -21.19 41.60
C THR F 264 -21.14 -21.31 40.09
N LEU F 265 -20.69 -20.30 39.34
CA LEU F 265 -20.82 -20.28 37.89
C LEU F 265 -19.44 -20.26 37.26
N PHE F 266 -19.25 -21.09 36.23
CA PHE F 266 -18.00 -21.17 35.50
C PHE F 266 -18.33 -21.33 34.02
N SER F 267 -17.79 -20.46 33.18
CA SER F 267 -18.21 -20.36 31.79
C SER F 267 -17.15 -20.79 30.79
N ALA F 268 -15.99 -21.27 31.25
CA ALA F 268 -14.96 -21.75 30.34
C ALA F 268 -14.97 -23.27 30.29
N PRO F 269 -15.69 -23.88 29.35
CA PRO F 269 -15.69 -25.34 29.27
C PRO F 269 -14.31 -25.88 28.90
N ASN F 270 -14.09 -27.15 29.25
CA ASN F 270 -12.83 -27.83 28.94
C ASN F 270 -11.64 -26.95 29.38
N TYR F 271 -11.76 -26.43 30.60
CA TYR F 271 -10.87 -25.39 31.11
C TYR F 271 -9.40 -25.79 30.98
N CYS F 272 -8.63 -24.94 30.31
CA CYS F 272 -7.20 -25.12 30.05
C CYS F 272 -6.89 -26.42 29.32
N GLY F 273 -7.90 -27.07 28.74
CA GLY F 273 -7.69 -28.40 28.21
C GLY F 273 -7.19 -29.37 29.25
N GLU F 274 -7.47 -29.12 30.53
CA GLU F 274 -7.12 -30.01 31.61
C GLU F 274 -8.32 -30.61 32.34
N PHE F 275 -9.49 -29.99 32.26
CA PHE F 275 -10.70 -30.48 32.89
C PHE F 275 -11.74 -30.82 31.84
N ASP F 276 -12.73 -31.62 32.23
CA ASP F 276 -13.82 -32.05 31.36
C ASP F 276 -15.12 -31.35 31.75
N ASN F 277 -15.05 -30.06 32.03
CA ASN F 277 -16.15 -29.32 32.60
C ASN F 277 -16.98 -28.64 31.53
N ALA F 278 -18.28 -28.51 31.80
CA ALA F 278 -19.13 -27.65 31.00
C ALA F 278 -19.01 -26.21 31.47
N GLY F 279 -19.42 -25.30 30.59
CA GLY F 279 -19.55 -23.89 30.92
C GLY F 279 -21.03 -23.54 31.00
N ALA F 280 -21.38 -22.67 31.94
CA ALA F 280 -22.78 -22.38 32.21
C ALA F 280 -23.01 -20.89 32.34
N MET F 281 -24.29 -20.51 32.24
CA MET F 281 -24.76 -19.18 32.55
C MET F 281 -26.12 -19.32 33.21
N MET F 282 -26.46 -18.38 34.09
CA MET F 282 -27.74 -18.38 34.77
C MET F 282 -28.60 -17.22 34.27
N SER F 283 -29.81 -17.54 33.81
CA SER F 283 -30.77 -16.54 33.35
C SER F 283 -31.74 -16.21 34.46
N VAL F 284 -31.95 -14.92 34.71
CA VAL F 284 -32.92 -14.41 35.67
C VAL F 284 -33.99 -13.65 34.92
N ASP F 285 -35.26 -14.01 35.14
CA ASP F 285 -36.36 -13.33 34.46
C ASP F 285 -37.05 -12.34 35.41
N GLU F 286 -37.98 -11.58 34.84
CA GLU F 286 -38.61 -10.48 35.58
C GLU F 286 -39.29 -10.94 36.86
N THR F 287 -39.64 -12.22 36.96
CA THR F 287 -40.27 -12.77 38.16
C THR F 287 -39.25 -13.42 39.09
N LEU F 288 -37.97 -13.27 38.82
CA LEU F 288 -36.89 -13.83 39.63
C LEU F 288 -36.83 -15.36 39.54
N MET F 289 -37.29 -15.91 38.42
CA MET F 289 -37.14 -17.33 38.13
C MET F 289 -35.79 -17.55 37.46
N CYS F 290 -34.97 -18.42 38.04
CA CYS F 290 -33.60 -18.64 37.59
C CYS F 290 -33.49 -19.98 36.89
N SER F 291 -32.84 -20.00 35.74
CA SER F 291 -32.61 -21.20 34.96
C SER F 291 -31.16 -21.22 34.49
N PHE F 292 -30.67 -22.42 34.20
CA PHE F 292 -29.29 -22.62 33.79
C PHE F 292 -29.23 -23.19 32.38
N GLN F 293 -28.30 -22.67 31.57
CA GLN F 293 -28.01 -23.19 30.25
C GLN F 293 -26.51 -23.42 30.17
N ILE F 294 -26.11 -24.60 29.71
CA ILE F 294 -24.70 -24.99 29.77
C ILE F 294 -24.20 -25.40 28.39
N LEU F 295 -22.90 -25.21 28.18
CA LEU F 295 -22.19 -25.64 26.99
C LEU F 295 -21.27 -26.79 27.38
N LYS F 296 -21.62 -27.99 26.97
CA LYS F 296 -20.91 -29.17 27.46
C LYS F 296 -19.94 -29.69 26.41
N PRO F 297 -18.76 -30.17 26.79
CA PRO F 297 -17.85 -30.75 25.81
C PRO F 297 -18.37 -32.05 25.24
N ALA F 298 -18.03 -32.31 23.99
CA ALA F 298 -18.44 -33.54 23.32
C ALA F 298 -17.27 -34.51 23.23
N LEU G 11 -16.95 -66.26 -17.58
CA LEU G 11 -17.35 -65.12 -16.76
C LEU G 11 -17.16 -65.42 -15.28
N ARG G 12 -17.17 -66.71 -14.94
CA ARG G 12 -17.15 -67.14 -13.55
C ARG G 12 -15.74 -67.36 -13.01
N GLU G 13 -14.82 -67.86 -13.84
CA GLU G 13 -13.51 -68.31 -13.36
C GLU G 13 -12.36 -67.40 -13.79
N ARG G 14 -12.65 -66.21 -14.32
CA ARG G 14 -11.58 -65.27 -14.63
C ARG G 14 -10.96 -64.76 -13.34
N LYS G 15 -9.64 -64.89 -13.22
CA LYS G 15 -8.97 -64.53 -11.97
C LYS G 15 -8.99 -63.03 -11.77
N ILE G 16 -9.11 -62.62 -10.51
CA ILE G 16 -9.31 -61.21 -10.14
C ILE G 16 -8.17 -60.80 -9.22
N LEU G 17 -7.54 -59.66 -9.52
CA LEU G 17 -6.44 -59.15 -8.71
C LEU G 17 -6.91 -58.19 -7.63
N ILE G 18 -7.95 -57.41 -7.90
CA ILE G 18 -8.36 -56.35 -6.97
C ILE G 18 -8.91 -56.96 -5.71
N ARG G 19 -8.64 -56.30 -4.58
CA ARG G 19 -9.20 -56.66 -3.29
C ARG G 19 -9.68 -55.40 -2.60
N PHE G 20 -10.63 -55.56 -1.69
CA PHE G 20 -11.18 -54.44 -0.93
C PHE G 20 -10.95 -54.68 0.56
N SER G 21 -10.46 -53.67 1.25
CA SER G 21 -10.26 -53.76 2.69
C SER G 21 -11.58 -53.64 3.43
N ASP G 22 -11.71 -54.39 4.53
CA ASP G 22 -12.93 -54.35 5.33
C ASP G 22 -13.00 -53.13 6.25
N TYR G 23 -11.90 -52.40 6.42
CA TYR G 23 -11.86 -51.27 7.34
C TYR G 23 -12.14 -49.98 6.57
N VAL G 24 -13.26 -49.35 6.87
CA VAL G 24 -13.61 -48.04 6.33
C VAL G 24 -13.33 -47.01 7.42
N GLU G 25 -12.48 -46.05 7.11
CA GLU G 25 -12.14 -44.99 8.04
C GLU G 25 -13.18 -43.87 7.94
N VAL G 26 -13.58 -43.34 9.09
CA VAL G 26 -14.63 -42.33 9.16
C VAL G 26 -14.09 -41.12 9.89
N ALA G 27 -14.33 -39.93 9.32
CA ALA G 27 -14.01 -38.67 9.96
C ALA G 27 -15.20 -37.74 9.77
N ASP G 28 -15.14 -36.58 10.42
CA ASP G 28 -16.22 -35.61 10.36
C ASP G 28 -15.98 -34.63 9.22
N ALA G 29 -16.98 -34.47 8.36
CA ALA G 29 -16.93 -33.41 7.37
C ALA G 29 -17.14 -32.07 8.05
N GLN G 30 -16.70 -31.01 7.37
CA GLN G 30 -16.92 -29.66 7.88
C GLN G 30 -18.41 -29.41 8.03
N ASP G 31 -18.78 -28.63 9.05
CA ASP G 31 -20.17 -28.31 9.33
C ASP G 31 -20.44 -26.85 8.97
N TYR G 32 -21.03 -26.66 7.79
CA TYR G 32 -21.42 -25.32 7.35
C TYR G 32 -22.61 -25.45 6.40
N ASP G 33 -23.28 -24.34 6.16
CA ASP G 33 -24.47 -24.31 5.32
C ASP G 33 -24.07 -24.39 3.86
N ARG G 34 -24.35 -25.52 3.21
CA ARG G 34 -23.97 -25.73 1.83
C ARG G 34 -25.07 -25.40 0.83
N ARG G 35 -26.26 -25.05 1.31
CA ARG G 35 -27.34 -24.69 0.39
C ARG G 35 -26.95 -23.44 -0.40
N ALA G 36 -27.29 -23.47 -1.69
CA ALA G 36 -26.88 -22.41 -2.61
C ALA G 36 -28.00 -22.15 -3.61
N ASP G 37 -28.09 -20.90 -4.05
CA ASP G 37 -29.12 -20.51 -5.00
C ASP G 37 -28.89 -21.21 -6.33
N LYS G 38 -30.00 -21.54 -7.02
CA LYS G 38 -29.98 -22.27 -8.28
C LYS G 38 -30.70 -21.42 -9.32
N PRO G 39 -30.05 -20.37 -9.84
CA PRO G 39 -30.75 -19.44 -10.75
C PRO G 39 -31.08 -20.06 -12.09
N TRP G 40 -30.39 -21.11 -12.52
CA TRP G 40 -30.69 -21.70 -13.83
C TRP G 40 -32.10 -22.26 -13.89
N THR G 41 -32.72 -22.55 -12.75
CA THR G 41 -34.12 -22.93 -12.72
C THR G 41 -35.04 -21.74 -12.97
N ARG G 42 -34.48 -20.55 -13.19
CA ARG G 42 -35.24 -19.33 -13.42
C ARG G 42 -34.95 -18.74 -14.80
N LEU G 43 -34.65 -19.61 -15.77
CA LEU G 43 -34.37 -19.18 -17.14
C LEU G 43 -35.66 -19.15 -17.95
N THR G 44 -35.99 -17.98 -18.49
CA THR G 44 -37.12 -17.88 -19.40
C THR G 44 -36.78 -18.49 -20.75
N ALA G 45 -37.84 -18.80 -21.52
CA ALA G 45 -37.62 -19.23 -22.89
C ALA G 45 -36.83 -18.19 -23.67
N ALA G 46 -37.06 -16.91 -23.39
CA ALA G 46 -36.26 -15.86 -23.99
C ALA G 46 -34.82 -15.93 -23.52
N ASP G 47 -34.62 -16.11 -22.21
CA ASP G 47 -33.26 -16.28 -21.69
C ASP G 47 -32.57 -17.47 -22.37
N LYS G 48 -33.24 -18.62 -22.40
CA LYS G 48 -32.61 -19.82 -22.96
C LYS G 48 -32.35 -19.66 -24.46
N ALA G 49 -33.21 -18.92 -25.16
CA ALA G 49 -32.95 -18.62 -26.57
C ALA G 49 -31.73 -17.73 -26.71
N ALA G 50 -31.64 -16.69 -25.88
CA ALA G 50 -30.49 -15.79 -25.94
C ALA G 50 -29.19 -16.52 -25.60
N ILE G 51 -29.25 -17.43 -24.61
CA ILE G 51 -28.05 -18.20 -24.27
C ILE G 51 -27.70 -19.16 -25.39
N ARG G 52 -28.70 -19.79 -26.00
CA ARG G 52 -28.43 -20.69 -27.13
C ARG G 52 -27.73 -19.96 -28.26
N LYS G 53 -28.16 -18.73 -28.55
CA LYS G 53 -27.48 -17.94 -29.59
C LYS G 53 -26.05 -17.61 -29.18
N GLU G 54 -25.84 -17.20 -27.93
CA GLU G 54 -24.49 -16.90 -27.46
C GLU G 54 -23.59 -18.12 -27.61
N LEU G 55 -24.04 -19.28 -27.12
CA LEU G 55 -23.23 -20.48 -27.21
C LEU G 55 -22.91 -20.81 -28.66
N ASN G 56 -23.87 -20.61 -29.56
CA ASN G 56 -23.64 -20.94 -30.97
C ASN G 56 -22.61 -20.02 -31.60
N GLU G 57 -22.67 -18.72 -31.31
CA GLU G 57 -21.68 -17.80 -31.85
C GLU G 57 -20.30 -18.07 -31.27
N PHE G 58 -20.23 -18.25 -29.95
CA PHE G 58 -18.95 -18.50 -29.30
C PHE G 58 -18.29 -19.76 -29.83
N LYS G 59 -19.03 -20.87 -29.84
CA LYS G 59 -18.46 -22.13 -30.30
C LYS G 59 -18.09 -22.08 -31.78
N SER G 60 -18.82 -21.30 -32.57
CA SER G 60 -18.58 -21.30 -34.02
C SER G 60 -17.48 -20.35 -34.45
N THR G 61 -17.23 -19.28 -33.70
CA THR G 61 -16.29 -18.25 -34.12
C THR G 61 -15.10 -18.04 -33.18
N GLU G 62 -15.13 -18.57 -31.96
CA GLU G 62 -14.08 -18.31 -31.00
C GLU G 62 -13.49 -19.55 -30.36
N MET G 63 -14.32 -20.53 -30.00
CA MET G 63 -13.84 -21.69 -29.27
C MET G 63 -12.97 -22.55 -30.17
N GLU G 64 -11.70 -22.71 -29.82
CA GLU G 64 -10.80 -23.55 -30.60
C GLU G 64 -11.21 -25.01 -30.47
N VAL G 65 -11.19 -25.71 -31.59
CA VAL G 65 -11.53 -27.13 -31.64
C VAL G 65 -10.65 -27.79 -32.70
N HIS G 66 -10.04 -28.92 -32.34
CA HIS G 66 -9.25 -29.68 -33.30
C HIS G 66 -10.06 -29.95 -34.55
N GLU G 67 -9.39 -29.86 -35.71
CA GLU G 67 -10.09 -29.99 -36.98
C GLU G 67 -10.83 -31.33 -37.07
N LEU G 68 -10.26 -32.38 -36.49
CA LEU G 68 -10.88 -33.70 -36.53
C LEU G 68 -11.99 -33.91 -35.51
N SER G 69 -12.34 -32.88 -34.74
CA SER G 69 -13.36 -33.02 -33.70
C SER G 69 -14.47 -31.98 -33.81
N ARG G 70 -14.50 -31.20 -34.90
CA ARG G 70 -15.55 -30.20 -35.06
C ARG G 70 -16.92 -30.82 -35.19
N HIS G 71 -17.00 -32.06 -35.66
CA HIS G 71 -18.28 -32.77 -35.71
C HIS G 71 -18.81 -33.11 -34.31
N LEU G 72 -17.99 -32.98 -33.27
CA LEU G 72 -18.45 -33.21 -31.90
C LEU G 72 -18.98 -31.95 -31.25
N THR G 73 -18.76 -30.78 -31.85
CA THR G 73 -19.15 -29.52 -31.23
C THR G 73 -20.67 -29.49 -31.04
N ARG G 74 -21.09 -29.21 -29.80
CA ARG G 74 -22.50 -29.28 -29.42
C ARG G 74 -23.15 -27.93 -29.65
N PHE G 75 -23.77 -27.77 -30.81
CA PHE G 75 -24.53 -26.57 -31.12
C PHE G 75 -25.97 -26.72 -30.65
N HIS G 76 -26.64 -25.58 -30.49
CA HIS G 76 -27.97 -25.52 -29.92
C HIS G 76 -28.97 -25.03 -30.95
N ARG G 77 -30.21 -25.49 -30.82
CA ARG G 77 -31.29 -25.03 -31.70
C ARG G 77 -31.41 -23.51 -31.65
N PRO G 78 -31.92 -22.89 -32.72
CA PRO G 78 -32.21 -21.45 -32.62
C PRO G 78 -33.35 -21.17 -31.65
N LEU H 11 -35.27 -18.19 60.83
CA LEU H 11 -34.43 -18.45 59.67
C LEU H 11 -35.14 -19.41 58.70
N ARG H 12 -36.44 -19.55 58.88
CA ARG H 12 -37.29 -20.35 58.00
C ARG H 12 -38.57 -19.62 57.65
N GLU H 13 -39.17 -18.89 58.59
CA GLU H 13 -40.34 -18.08 58.27
C GLU H 13 -40.02 -17.02 57.22
N ARG H 14 -38.75 -16.62 57.11
CA ARG H 14 -38.36 -15.61 56.15
C ARG H 14 -38.78 -16.03 54.75
N LYS H 15 -39.82 -15.38 54.21
CA LYS H 15 -40.31 -15.73 52.89
C LYS H 15 -39.21 -15.55 51.86
N ILE H 16 -39.05 -16.55 51.00
CA ILE H 16 -38.05 -16.52 49.93
C ILE H 16 -38.77 -16.18 48.64
N LEU H 17 -38.13 -15.36 47.81
CA LEU H 17 -38.72 -14.90 46.56
C LEU H 17 -38.16 -15.61 45.33
N ILE H 18 -36.87 -15.96 45.37
CA ILE H 18 -36.24 -16.57 44.20
C ILE H 18 -36.80 -17.97 43.97
N ARG H 19 -36.84 -18.38 42.70
CA ARG H 19 -37.23 -19.72 42.32
C ARG H 19 -36.29 -20.21 41.23
N PHE H 20 -36.09 -21.52 41.19
CA PHE H 20 -35.20 -22.15 40.21
C PHE H 20 -36.02 -23.07 39.31
N SER H 21 -35.80 -22.95 38.00
CA SER H 21 -36.47 -23.81 37.05
C SER H 21 -35.79 -25.17 37.01
N ASP H 22 -36.60 -26.22 36.94
CA ASP H 22 -36.10 -27.59 36.89
C ASP H 22 -35.67 -27.99 35.48
N TYR H 23 -35.78 -27.11 34.50
CA TYR H 23 -35.34 -27.38 33.14
C TYR H 23 -33.97 -26.75 32.93
N VAL H 24 -32.99 -27.57 32.56
CA VAL H 24 -31.62 -27.14 32.33
C VAL H 24 -31.31 -27.42 30.86
N GLU H 25 -31.11 -26.35 30.09
CA GLU H 25 -30.79 -26.50 28.67
C GLU H 25 -29.33 -26.90 28.51
N VAL H 26 -29.08 -27.79 27.55
CA VAL H 26 -27.75 -28.32 27.29
C VAL H 26 -27.47 -28.20 25.79
N ALA H 27 -26.31 -27.63 25.45
CA ALA H 27 -25.86 -27.55 24.07
C ALA H 27 -24.39 -27.93 24.02
N ASP H 28 -23.91 -28.19 22.80
CA ASP H 28 -22.53 -28.63 22.61
C ASP H 28 -21.57 -27.45 22.65
N ALA H 29 -20.45 -27.63 23.34
CA ALA H 29 -19.38 -26.65 23.36
C ALA H 29 -18.42 -26.92 22.19
N GLN H 30 -17.77 -25.87 21.72
CA GLN H 30 -16.83 -26.00 20.62
C GLN H 30 -15.71 -26.96 20.99
N ASP H 31 -15.23 -27.70 19.98
CA ASP H 31 -14.22 -28.73 20.17
C ASP H 31 -12.91 -28.26 19.52
N TYR H 32 -11.98 -27.79 20.35
CA TYR H 32 -10.66 -27.41 19.89
C TYR H 32 -9.67 -27.63 21.03
N ASP H 33 -8.38 -27.47 20.72
CA ASP H 33 -7.32 -27.75 21.69
C ASP H 33 -7.13 -26.53 22.58
N ARG H 34 -7.61 -26.62 23.83
CA ARG H 34 -7.48 -25.53 24.78
C ARG H 34 -6.23 -25.61 25.63
N ARG H 35 -5.45 -26.68 25.53
CA ARG H 35 -4.18 -26.75 26.23
C ARG H 35 -3.33 -25.53 25.89
N ALA H 36 -2.80 -24.88 26.91
CA ALA H 36 -2.06 -23.64 26.75
C ALA H 36 -0.73 -23.71 27.49
N ASP H 37 0.22 -22.91 27.02
CA ASP H 37 1.52 -22.83 27.67
C ASP H 37 1.40 -22.09 28.99
N LYS H 38 2.14 -22.56 29.99
CA LYS H 38 2.16 -21.98 31.32
C LYS H 38 3.51 -21.30 31.54
N PRO H 39 3.70 -20.05 31.11
CA PRO H 39 5.03 -19.44 31.20
C PRO H 39 5.49 -19.21 32.63
N TRP H 40 4.56 -19.03 33.58
CA TRP H 40 4.95 -18.74 34.95
C TRP H 40 5.68 -19.90 35.61
N THR H 41 5.65 -21.09 35.00
CA THR H 41 6.35 -22.24 35.56
C THR H 41 7.82 -22.30 35.16
N ARG H 42 8.27 -21.42 34.27
CA ARG H 42 9.66 -21.34 33.87
C ARG H 42 10.41 -20.21 34.58
N LEU H 43 9.74 -19.47 35.46
CA LEU H 43 10.40 -18.43 36.22
C LEU H 43 11.37 -19.03 37.23
N THR H 44 12.35 -18.22 37.63
CA THR H 44 13.30 -18.58 38.66
C THR H 44 13.06 -17.71 39.90
N ALA H 45 13.90 -17.94 40.93
CA ALA H 45 13.82 -17.10 42.11
C ALA H 45 14.23 -15.66 41.80
N ALA H 46 15.24 -15.48 40.95
CA ALA H 46 15.66 -14.14 40.57
C ALA H 46 14.58 -13.44 39.74
N ASP H 47 13.91 -14.18 38.85
CA ASP H 47 12.84 -13.59 38.06
C ASP H 47 11.78 -12.96 38.96
N LYS H 48 11.32 -13.69 39.97
CA LYS H 48 10.27 -13.16 40.83
C LYS H 48 10.74 -11.92 41.56
N ALA H 49 12.01 -11.89 41.98
CA ALA H 49 12.54 -10.71 42.66
C ALA H 49 12.49 -9.49 41.75
N ALA H 50 12.93 -9.65 40.50
CA ALA H 50 12.87 -8.54 39.56
C ALA H 50 11.42 -8.09 39.32
N ILE H 51 10.50 -9.05 39.23
CA ILE H 51 9.11 -8.70 38.99
C ILE H 51 8.51 -8.00 40.22
N ARG H 52 8.92 -8.41 41.42
CA ARG H 52 8.44 -7.72 42.61
C ARG H 52 8.98 -6.29 42.67
N LYS H 53 10.27 -6.12 42.37
CA LYS H 53 10.81 -4.76 42.26
C LYS H 53 10.05 -3.94 41.22
N GLU H 54 9.65 -4.58 40.13
CA GLU H 54 8.94 -3.86 39.07
C GLU H 54 7.57 -3.39 39.55
N LEU H 55 6.82 -4.26 40.24
CA LEU H 55 5.49 -3.88 40.69
C LEU H 55 5.55 -2.77 41.73
N ASN H 56 6.47 -2.87 42.69
CA ASN H 56 6.60 -1.81 43.69
C ASN H 56 6.89 -0.47 43.04
N GLU H 57 7.81 -0.46 42.07
CA GLU H 57 8.13 0.79 41.39
C GLU H 57 6.96 1.27 40.53
N PHE H 58 6.22 0.33 39.93
CA PHE H 58 5.07 0.71 39.12
C PHE H 58 3.93 1.25 39.98
N LYS H 59 3.57 0.52 41.04
CA LYS H 59 2.46 0.93 41.88
C LYS H 59 2.77 2.17 42.72
N SER H 60 4.05 2.44 42.98
CA SER H 60 4.40 3.61 43.79
C SER H 60 4.36 4.90 42.99
N THR H 61 4.88 4.86 41.76
CA THR H 61 5.11 6.08 40.99
C THR H 61 4.29 6.20 39.72
N GLU H 62 3.57 5.16 39.30
CA GLU H 62 2.87 5.20 38.02
C GLU H 62 1.37 4.88 38.12
N MET H 63 0.99 3.90 38.94
CA MET H 63 -0.39 3.42 38.95
C MET H 63 -1.26 4.38 39.73
N GLU H 64 -2.22 5.01 39.04
CA GLU H 64 -3.12 5.95 39.70
C GLU H 64 -3.98 5.23 40.73
N VAL H 65 -4.04 5.79 41.94
CA VAL H 65 -4.81 5.20 43.03
C VAL H 65 -5.47 6.34 43.81
N HIS H 66 -6.80 6.26 43.94
CA HIS H 66 -7.54 7.24 44.72
C HIS H 66 -6.93 7.39 46.11
N GLU H 67 -6.84 8.63 46.59
CA GLU H 67 -6.21 8.91 47.88
C GLU H 67 -6.75 8.01 48.98
N LEU H 68 -8.06 7.80 49.01
CA LEU H 68 -8.68 7.01 50.07
C LEU H 68 -8.46 5.50 49.92
N SER H 69 -7.75 5.07 48.87
CA SER H 69 -7.51 3.65 48.65
C SER H 69 -6.02 3.31 48.59
N ARG H 70 -5.15 4.25 48.93
CA ARG H 70 -3.72 3.97 48.90
C ARG H 70 -3.32 2.90 49.92
N HIS H 71 -4.11 2.73 50.98
CA HIS H 71 -3.85 1.67 51.95
C HIS H 71 -4.17 0.28 51.41
N LEU H 72 -4.80 0.18 50.23
CA LEU H 72 -5.09 -1.10 49.62
C LEU H 72 -4.08 -1.50 48.55
N THR H 73 -3.19 -0.59 48.15
CA THR H 73 -2.20 -0.92 47.15
C THR H 73 -1.31 -2.06 47.64
N ARG H 74 -1.18 -3.09 46.83
CA ARG H 74 -0.55 -4.35 47.23
C ARG H 74 0.90 -4.34 46.78
N PHE H 75 1.78 -3.83 47.65
CA PHE H 75 3.21 -3.87 47.38
C PHE H 75 3.77 -5.26 47.69
N HIS H 76 4.98 -5.51 47.22
CA HIS H 76 5.61 -6.82 47.33
C HIS H 76 6.93 -6.70 48.10
N ARG H 77 7.41 -7.85 48.56
CA ARG H 77 8.67 -7.90 49.29
C ARG H 77 9.84 -7.91 48.32
N PRO H 78 10.98 -7.29 48.68
CA PRO H 78 12.13 -7.32 47.78
C PRO H 78 12.57 -8.74 47.42
N ARG I 14 -3.82 10.09 -20.30
CA ARG I 14 -2.79 11.08 -20.55
C ARG I 14 -2.18 11.57 -19.24
N LYS I 15 -0.84 11.59 -19.18
CA LYS I 15 -0.15 11.98 -17.96
C LYS I 15 -0.32 13.47 -17.71
N ILE I 16 -0.63 13.82 -16.46
CA ILE I 16 -0.89 15.21 -16.06
C ILE I 16 0.14 15.60 -15.03
N LEU I 17 0.80 16.74 -15.25
CA LEU I 17 1.84 17.23 -14.37
C LEU I 17 1.33 18.22 -13.32
N ILE I 18 0.30 19.00 -13.64
CA ILE I 18 -0.15 20.05 -12.75
C ILE I 18 -0.87 19.42 -11.55
N ARG I 19 -0.64 20.00 -10.38
CA ARG I 19 -1.43 19.71 -9.19
C ARG I 19 -1.90 21.02 -8.58
N PHE I 20 -2.90 20.92 -7.71
CA PHE I 20 -3.48 22.07 -7.04
C PHE I 20 -3.36 21.89 -5.54
N SER I 21 -2.91 22.93 -4.86
CA SER I 21 -2.84 22.89 -3.40
C SER I 21 -4.23 23.03 -2.81
N ASP I 22 -4.48 22.28 -1.73
CA ASP I 22 -5.76 22.35 -1.05
C ASP I 22 -5.85 23.52 -0.07
N TYR I 23 -4.76 24.23 0.20
CA TYR I 23 -4.75 25.35 1.12
C TYR I 23 -4.90 26.65 0.34
N VAL I 24 -5.92 27.42 0.69
CA VAL I 24 -6.21 28.70 0.04
C VAL I 24 -6.00 29.79 1.08
N GLU I 25 -5.07 30.71 0.80
CA GLU I 25 -4.86 31.84 1.68
C GLU I 25 -5.98 32.86 1.48
N VAL I 26 -6.42 33.46 2.57
CA VAL I 26 -7.53 34.41 2.57
C VAL I 26 -7.13 35.61 3.40
N ALA I 27 -7.17 36.80 2.79
CA ALA I 27 -6.91 38.05 3.48
C ALA I 27 -8.03 39.03 3.16
N ASP I 28 -8.04 40.15 3.88
CA ASP I 28 -9.09 41.14 3.75
C ASP I 28 -8.72 42.16 2.68
N ALA I 29 -9.67 42.45 1.79
CA ALA I 29 -9.47 43.48 0.79
C ALA I 29 -9.69 44.86 1.40
N GLN I 30 -9.07 45.86 0.77
CA GLN I 30 -9.32 47.25 1.16
C GLN I 30 -10.81 47.52 1.20
N ASP I 31 -11.22 48.37 2.14
CA ASP I 31 -12.62 48.76 2.30
C ASP I 31 -12.78 50.22 1.89
N TYR I 32 -13.44 50.45 0.77
CA TYR I 32 -13.72 51.80 0.30
C TYR I 32 -14.82 51.73 -0.74
N ASP I 33 -15.31 52.90 -1.14
CA ASP I 33 -16.45 53.02 -2.04
C ASP I 33 -15.97 52.87 -3.48
N ARG I 34 -16.29 51.74 -4.10
CA ARG I 34 -15.84 51.46 -5.46
C ARG I 34 -16.85 51.83 -6.53
N ARG I 35 -18.06 52.25 -6.15
CA ARG I 35 -19.06 52.68 -7.13
C ARG I 35 -18.50 53.81 -7.97
N ALA I 36 -18.76 53.74 -9.28
CA ALA I 36 -18.25 54.72 -10.22
C ALA I 36 -19.33 55.10 -11.21
N ASP I 37 -19.17 56.26 -11.81
CA ASP I 37 -20.06 56.69 -12.88
C ASP I 37 -19.92 55.75 -14.07
N LYS I 38 -20.99 55.68 -14.87
CA LYS I 38 -21.04 54.83 -16.06
C LYS I 38 -21.50 55.71 -17.22
N PRO I 39 -20.59 56.51 -17.79
CA PRO I 39 -21.01 57.48 -18.80
C PRO I 39 -21.58 56.86 -20.06
N TRP I 40 -21.13 55.66 -20.44
CA TRP I 40 -21.61 55.05 -21.68
C TRP I 40 -23.12 54.86 -21.66
N THR I 41 -23.72 54.72 -20.47
CA THR I 41 -25.16 54.52 -20.38
C THR I 41 -25.95 55.79 -20.72
N ARG I 42 -25.29 56.92 -20.93
CA ARG I 42 -25.95 58.17 -21.28
C ARG I 42 -25.69 58.57 -22.72
N LEU I 43 -25.14 57.67 -23.54
CA LEU I 43 -24.83 57.99 -24.92
C LEU I 43 -26.09 57.97 -25.77
N THR I 44 -26.33 59.05 -26.50
CA THR I 44 -27.44 59.14 -27.42
C THR I 44 -27.09 58.47 -28.74
N ALA I 45 -28.11 58.27 -29.58
CA ALA I 45 -27.87 57.78 -30.93
C ALA I 45 -26.92 58.71 -31.68
N ALA I 46 -27.09 60.03 -31.50
CA ALA I 46 -26.20 60.98 -32.16
C ALA I 46 -24.78 60.87 -31.62
N ASP I 47 -24.63 60.68 -30.31
CA ASP I 47 -23.30 60.48 -29.74
C ASP I 47 -22.63 59.27 -30.37
N LYS I 48 -23.30 58.12 -30.34
CA LYS I 48 -22.70 56.90 -30.90
C LYS I 48 -22.31 57.11 -32.35
N ALA I 49 -23.13 57.84 -33.11
CA ALA I 49 -22.81 58.09 -34.52
C ALA I 49 -21.56 58.94 -34.66
N ALA I 50 -21.43 59.99 -33.85
CA ALA I 50 -20.22 60.81 -33.91
C ALA I 50 -18.99 59.99 -33.51
N ILE I 51 -19.14 59.12 -32.51
CA ILE I 51 -18.01 58.31 -32.06
C ILE I 51 -17.60 57.30 -33.13
N ARG I 52 -18.58 56.69 -33.78
CA ARG I 52 -18.26 55.78 -34.89
C ARG I 52 -17.47 56.52 -35.98
N LYS I 53 -17.89 57.75 -36.30
CA LYS I 53 -17.16 58.54 -37.28
C LYS I 53 -15.75 58.86 -36.80
N GLU I 54 -15.60 59.20 -35.52
CA GLU I 54 -14.28 59.46 -34.96
C GLU I 54 -13.38 58.24 -35.05
N LEU I 55 -13.90 57.07 -34.67
CA LEU I 55 -13.07 55.86 -34.70
C LEU I 55 -12.65 55.51 -36.11
N ASN I 56 -13.59 55.57 -37.06
CA ASN I 56 -13.25 55.25 -38.44
C ASN I 56 -12.16 56.16 -38.98
N GLU I 57 -12.26 57.46 -38.70
CA GLU I 57 -11.24 58.39 -39.16
C GLU I 57 -9.91 58.14 -38.44
N PHE I 58 -9.96 57.97 -37.12
CA PHE I 58 -8.75 57.65 -36.37
C PHE I 58 -8.08 56.38 -36.90
N LYS I 59 -8.83 55.28 -36.97
CA LYS I 59 -8.23 54.01 -37.39
C LYS I 59 -7.77 54.04 -38.84
N SER I 60 -8.36 54.89 -39.68
CA SER I 60 -8.00 54.90 -41.09
C SER I 60 -6.72 55.68 -41.38
N THR I 61 -6.45 56.76 -40.63
CA THR I 61 -5.40 57.70 -40.99
C THR I 61 -4.35 57.92 -39.90
N GLU I 62 -4.56 57.44 -38.69
CA GLU I 62 -3.66 57.76 -37.58
C GLU I 62 -3.14 56.54 -36.85
N MET I 63 -3.97 55.51 -36.68
CA MET I 63 -3.60 54.36 -35.87
C MET I 63 -2.69 53.44 -36.67
N GLU I 64 -1.45 53.29 -36.20
CA GLU I 64 -0.51 52.42 -36.89
C GLU I 64 -0.98 50.97 -36.83
N VAL I 65 -1.10 50.33 -37.99
CA VAL I 65 -1.45 48.92 -38.09
C VAL I 65 -0.46 48.26 -39.02
N HIS I 66 0.10 47.14 -38.60
CA HIS I 66 0.96 46.35 -39.48
C HIS I 66 0.20 46.02 -40.76
N GLU I 67 0.93 45.96 -41.87
CA GLU I 67 0.31 45.70 -43.16
C GLU I 67 -0.46 44.39 -43.17
N LEU I 68 0.11 43.35 -42.55
CA LEU I 68 -0.51 42.04 -42.49
C LEU I 68 -1.66 41.94 -41.49
N SER I 69 -2.02 43.02 -40.81
CA SER I 69 -3.13 42.99 -39.86
C SER I 69 -4.20 44.05 -40.19
N ARG I 70 -4.11 44.67 -41.36
CA ARG I 70 -5.14 45.64 -41.74
C ARG I 70 -6.51 44.99 -41.85
N HIS I 71 -6.57 43.68 -42.12
CA HIS I 71 -7.84 42.98 -42.19
C HIS I 71 -8.47 42.76 -40.82
N LEU I 72 -7.75 43.02 -39.73
CA LEU I 72 -8.32 42.92 -38.40
C LEU I 72 -8.85 44.25 -37.88
N THR I 73 -8.60 45.36 -38.58
CA THR I 73 -8.99 46.66 -38.07
C THR I 73 -10.50 46.75 -38.00
N ARG I 74 -11.02 47.15 -36.84
CA ARG I 74 -12.44 47.09 -36.55
C ARG I 74 -13.05 48.45 -36.87
N PHE I 75 -13.51 48.60 -38.12
CA PHE I 75 -14.25 49.79 -38.49
C PHE I 75 -15.70 49.66 -38.06
N HIS I 76 -16.38 50.80 -38.01
CA HIS I 76 -17.75 50.88 -37.53
C HIS I 76 -18.68 51.32 -38.65
N ARG I 77 -19.94 50.92 -38.53
CA ARG I 77 -20.95 51.34 -39.49
C ARG I 77 -21.17 52.84 -39.38
N PRO I 78 -21.59 53.49 -40.47
CA PRO I 78 -21.93 54.91 -40.34
C PRO I 78 -23.09 55.14 -39.39
N GLU J 10 23.50 12.70 15.48
CA GLU J 10 23.22 11.61 14.55
C GLU J 10 23.62 11.98 13.13
N LEU J 11 24.64 11.28 12.61
CA LEU J 11 25.01 11.45 11.21
C LEU J 11 23.97 10.84 10.27
N ARG J 12 23.17 9.89 10.76
CA ARG J 12 22.15 9.24 9.95
C ARG J 12 20.86 10.05 9.85
N GLU J 13 20.71 11.11 10.63
CA GLU J 13 19.49 11.90 10.63
C GLU J 13 19.53 13.10 9.69
N ARG J 14 20.72 13.55 9.31
CA ARG J 14 20.84 14.73 8.47
C ARG J 14 20.24 14.49 7.10
N LYS J 15 19.61 15.52 6.55
CA LYS J 15 18.98 15.41 5.24
C LYS J 15 20.01 15.52 4.13
N ILE J 16 19.86 14.69 3.10
CA ILE J 16 20.79 14.61 1.98
C ILE J 16 20.02 14.94 0.71
N LEU J 17 20.57 15.85 -0.10
CA LEU J 17 19.94 16.26 -1.34
C LEU J 17 20.49 15.51 -2.55
N ILE J 18 21.75 15.12 -2.53
CA ILE J 18 22.38 14.50 -3.68
C ILE J 18 21.77 13.11 -3.92
N ARG J 19 21.70 12.73 -5.20
CA ARG J 19 21.32 11.38 -5.59
C ARG J 19 22.25 10.93 -6.71
N PHE J 20 22.33 9.61 -6.90
CA PHE J 20 23.17 9.03 -7.93
C PHE J 20 22.32 8.20 -8.89
N SER J 21 22.56 8.38 -10.18
CA SER J 21 21.87 7.60 -11.20
C SER J 21 22.45 6.19 -11.25
N ASP J 22 21.56 5.21 -11.46
CA ASP J 22 21.99 3.82 -11.58
C ASP J 22 22.48 3.46 -12.97
N TYR J 23 22.38 4.37 -13.94
CA TYR J 23 22.79 4.11 -15.32
C TYR J 23 24.18 4.69 -15.55
N VAL J 24 25.15 3.82 -15.82
CA VAL J 24 26.52 4.23 -16.10
C VAL J 24 26.75 4.01 -17.59
N GLU J 25 26.94 5.11 -18.33
CA GLU J 25 27.19 5.03 -19.75
C GLU J 25 28.64 4.64 -20.00
N VAL J 26 28.85 3.74 -20.98
CA VAL J 26 30.16 3.22 -21.28
C VAL J 26 30.46 3.42 -22.76
N ALA J 27 31.68 3.86 -23.05
CA ALA J 27 32.17 4.01 -24.41
C ALA J 27 33.62 3.56 -24.45
N ASP J 28 34.14 3.43 -25.66
CA ASP J 28 35.49 2.91 -25.85
C ASP J 28 36.51 4.03 -25.85
N ALA J 29 37.61 3.83 -25.12
CA ALA J 29 38.72 4.74 -25.17
C ALA J 29 39.56 4.49 -26.41
N GLN J 30 40.32 5.50 -26.82
CA GLN J 30 41.27 5.32 -27.90
C GLN J 30 42.21 4.16 -27.58
N ASP J 31 42.58 3.40 -28.60
CA ASP J 31 43.46 2.25 -28.43
C ASP J 31 44.82 2.61 -29.04
N TYR J 32 45.72 3.11 -28.20
CA TYR J 32 47.08 3.42 -28.62
C TYR J 32 48.04 3.10 -27.48
N ASP J 33 49.33 3.20 -27.77
CA ASP J 33 50.37 2.80 -26.83
C ASP J 33 50.60 3.95 -25.84
N ARG J 34 50.21 3.74 -24.59
CA ARG J 34 50.30 4.78 -23.56
C ARG J 34 51.54 4.67 -22.69
N ARG J 35 52.41 3.69 -22.95
CA ARG J 35 53.66 3.59 -22.19
C ARG J 35 54.57 4.77 -22.52
N ALA J 36 55.27 5.27 -21.52
CA ALA J 36 56.16 6.41 -21.70
C ALA J 36 57.38 6.25 -20.80
N ASP J 37 58.51 6.78 -21.25
CA ASP J 37 59.72 6.74 -20.46
C ASP J 37 59.53 7.51 -19.17
N LYS J 38 60.31 7.14 -18.15
CA LYS J 38 60.25 7.75 -16.82
C LYS J 38 61.64 8.27 -16.49
N PRO J 39 62.02 9.42 -17.03
CA PRO J 39 63.40 9.88 -16.86
C PRO J 39 63.78 10.10 -15.40
N TRP J 40 62.82 10.45 -14.54
CA TRP J 40 63.13 10.70 -13.14
C TRP J 40 63.71 9.46 -12.47
N THR J 41 63.40 8.26 -12.98
CA THR J 41 63.97 7.04 -12.44
C THR J 41 65.47 6.92 -12.68
N ARG J 42 66.04 7.77 -13.54
CA ARG J 42 67.47 7.71 -13.86
C ARG J 42 68.26 8.83 -13.21
N LEU J 43 67.64 9.63 -12.34
CA LEU J 43 68.36 10.71 -11.67
C LEU J 43 69.37 10.16 -10.69
N THR J 44 70.61 10.61 -10.81
CA THR J 44 71.65 10.27 -9.85
C THR J 44 71.58 11.20 -8.65
N ALA J 45 72.33 10.86 -7.59
CA ALA J 45 72.42 11.74 -6.44
C ALA J 45 72.91 13.12 -6.85
N ALA J 46 73.91 13.18 -7.73
CA ALA J 46 74.43 14.47 -8.18
C ALA J 46 73.37 15.23 -8.98
N ASP J 47 72.59 14.52 -9.80
CA ASP J 47 71.51 15.18 -10.53
C ASP J 47 70.52 15.82 -9.57
N LYS J 48 70.07 15.07 -8.56
CA LYS J 48 69.08 15.60 -7.64
C LYS J 48 69.62 16.79 -6.85
N ALA J 49 70.91 16.77 -6.50
CA ALA J 49 71.48 17.89 -5.77
C ALA J 49 71.52 19.13 -6.65
N ALA J 50 71.87 18.97 -7.93
CA ALA J 50 71.85 20.11 -8.84
C ALA J 50 70.44 20.64 -9.03
N ILE J 51 69.45 19.75 -9.08
CA ILE J 51 68.07 20.20 -9.25
C ILE J 51 67.59 20.94 -8.01
N ARG J 52 67.93 20.45 -6.83
CA ARG J 52 67.58 21.16 -5.60
C ARG J 52 68.21 22.55 -5.59
N LYS J 53 69.47 22.65 -6.01
CA LYS J 53 70.11 23.95 -6.11
C LYS J 53 69.38 24.87 -7.08
N GLU J 54 68.97 24.34 -8.24
CA GLU J 54 68.26 25.15 -9.22
C GLU J 54 66.94 25.66 -8.66
N LEU J 55 66.13 24.75 -8.10
CA LEU J 55 64.82 25.14 -7.58
C LEU J 55 64.96 26.20 -6.49
N ASN J 56 65.98 26.09 -5.64
CA ASN J 56 66.15 27.06 -4.56
C ASN J 56 66.48 28.45 -5.11
N GLU J 57 67.40 28.52 -6.07
CA GLU J 57 67.71 29.82 -6.67
C GLU J 57 66.49 30.37 -7.42
N PHE J 58 65.79 29.51 -8.15
CA PHE J 58 64.61 29.96 -8.89
C PHE J 58 63.55 30.50 -7.96
N LYS J 59 63.15 29.71 -6.96
CA LYS J 59 62.08 30.11 -6.07
C LYS J 59 62.47 31.29 -5.18
N SER J 60 63.75 31.50 -4.92
CA SER J 60 64.17 32.56 -4.01
C SER J 60 64.42 33.89 -4.71
N THR J 61 64.81 33.86 -5.99
CA THR J 61 65.17 35.09 -6.69
C THR J 61 64.28 35.43 -7.88
N GLU J 62 63.46 34.50 -8.37
CA GLU J 62 62.72 34.74 -9.61
C GLU J 62 61.22 34.51 -9.48
N MET J 63 60.79 33.47 -8.77
CA MET J 63 59.39 33.08 -8.77
C MET J 63 58.58 34.06 -7.93
N GLU J 64 57.60 34.72 -8.56
CA GLU J 64 56.74 35.64 -7.83
C GLU J 64 55.89 34.88 -6.82
N VAL J 65 55.86 35.38 -5.59
CA VAL J 65 54.99 34.84 -4.55
C VAL J 65 54.42 36.02 -3.78
N HIS J 66 53.11 35.98 -3.52
CA HIS J 66 52.47 37.01 -2.73
C HIS J 66 53.18 37.19 -1.39
N GLU J 67 53.27 38.44 -0.93
CA GLU J 67 54.01 38.73 0.30
C GLU J 67 53.49 37.91 1.47
N LEU J 68 52.20 37.60 1.49
CA LEU J 68 51.58 36.85 2.58
C LEU J 68 51.66 35.34 2.41
N SER J 69 52.35 34.85 1.39
CA SER J 69 52.46 33.41 1.17
C SER J 69 53.90 32.94 1.02
N ARG J 70 54.88 33.82 1.26
CA ARG J 70 56.28 33.41 1.13
C ARG J 70 56.67 32.33 2.14
N HIS J 71 55.95 32.23 3.25
CA HIS J 71 56.23 31.15 4.19
C HIS J 71 55.80 29.79 3.65
N LEU J 72 55.04 29.76 2.56
CA LEU J 72 54.61 28.50 1.94
C LEU J 72 55.58 28.01 0.88
N THR J 73 56.53 28.83 0.44
CA THR J 73 57.43 28.43 -0.62
C THR J 73 58.24 27.21 -0.17
N ARG J 74 58.30 26.21 -1.05
CA ARG J 74 58.86 24.90 -0.71
C ARG J 74 60.30 24.86 -1.19
N PHE J 75 61.21 25.22 -0.29
CA PHE J 75 62.64 25.11 -0.58
C PHE J 75 63.13 23.71 -0.26
N HIS J 76 64.31 23.39 -0.79
CA HIS J 76 64.85 22.04 -0.73
C HIS J 76 66.17 22.05 0.03
N ARG J 77 66.50 20.90 0.59
CA ARG J 77 67.76 20.74 1.29
C ARG J 77 68.91 20.82 0.30
N PRO J 78 70.07 21.37 0.70
CA PRO J 78 71.20 21.42 -0.23
C PRO J 78 71.59 20.06 -0.76
N ARG K 14 -41.77 -22.77 7.07
CA ARG K 14 -42.67 -21.62 7.01
C ARG K 14 -43.13 -21.38 5.58
N LYS K 15 -44.43 -21.16 5.40
CA LYS K 15 -44.98 -20.93 4.07
C LYS K 15 -44.51 -19.59 3.53
N ILE K 16 -44.23 -19.54 2.23
CA ILE K 16 -43.67 -18.37 1.56
C ILE K 16 -44.63 -17.94 0.47
N LEU K 17 -45.09 -16.69 0.53
CA LEU K 17 -46.04 -16.17 -0.44
C LEU K 17 -45.36 -15.54 -1.64
N ILE K 18 -44.27 -14.80 -1.41
CA ILE K 18 -43.66 -14.01 -2.47
C ILE K 18 -43.26 -14.90 -3.65
N ARG K 19 -43.30 -14.32 -4.84
CA ARG K 19 -42.84 -14.98 -6.04
C ARG K 19 -42.06 -13.97 -6.87
N PHE K 20 -41.12 -14.47 -7.66
CA PHE K 20 -40.31 -13.64 -8.54
C PHE K 20 -40.56 -14.04 -9.99
N SER K 21 -40.69 -13.03 -10.85
CA SER K 21 -40.84 -13.26 -12.28
C SER K 21 -39.47 -13.36 -12.94
N ASP K 22 -39.38 -14.22 -13.94
CA ASP K 22 -38.12 -14.49 -14.63
C ASP K 22 -37.90 -13.60 -15.84
N TYR K 23 -38.80 -12.66 -16.12
CA TYR K 23 -38.66 -11.73 -17.23
C TYR K 23 -38.08 -10.42 -16.72
N VAL K 24 -36.87 -10.09 -17.16
CA VAL K 24 -36.19 -8.87 -16.77
C VAL K 24 -36.30 -7.88 -17.93
N GLU K 25 -37.08 -6.83 -17.74
CA GLU K 25 -37.20 -5.78 -18.75
C GLU K 25 -35.90 -4.97 -18.80
N VAL K 26 -35.39 -4.75 -20.00
CA VAL K 26 -34.15 -4.01 -20.20
C VAL K 26 -34.41 -2.86 -21.16
N ALA K 27 -33.84 -1.69 -20.84
CA ALA K 27 -33.88 -0.54 -21.71
C ALA K 27 -32.54 0.18 -21.60
N ASP K 28 -32.37 1.23 -22.39
CA ASP K 28 -31.12 1.96 -22.46
C ASP K 28 -31.18 3.20 -21.58
N ALA K 29 -30.14 3.41 -20.77
CA ALA K 29 -30.03 4.64 -20.00
C ALA K 29 -29.45 5.74 -20.88
N GLN K 30 -29.74 6.98 -20.51
CA GLN K 30 -29.18 8.13 -21.22
C GLN K 30 -27.66 8.02 -21.22
N ASP K 31 -27.04 8.42 -22.34
CA ASP K 31 -25.60 8.36 -22.49
C ASP K 31 -25.05 9.79 -22.40
N TYR K 32 -24.52 10.13 -21.23
CA TYR K 32 -23.85 11.41 -21.05
C TYR K 32 -22.71 11.21 -20.05
N ASP K 33 -21.89 12.25 -19.90
CA ASP K 33 -20.72 12.21 -19.03
C ASP K 33 -21.17 12.40 -17.59
N ARG K 34 -21.14 11.33 -16.80
CA ARG K 34 -21.59 11.37 -15.42
C ARG K 34 -20.46 11.62 -14.42
N ARG K 35 -19.21 11.69 -14.89
CA ARG K 35 -18.11 11.96 -13.97
C ARG K 35 -18.27 13.36 -13.38
N ALA K 36 -18.02 13.46 -12.08
CA ALA K 36 -18.25 14.69 -11.34
C ALA K 36 -17.09 14.93 -10.39
N ASP K 37 -16.81 16.20 -10.13
CA ASP K 37 -15.79 16.56 -9.16
C ASP K 37 -16.19 16.07 -7.78
N LYS K 38 -15.18 15.79 -6.95
CA LYS K 38 -15.36 15.26 -5.60
C LYS K 38 -14.70 16.23 -4.63
N PRO K 39 -15.37 17.33 -4.29
CA PRO K 39 -14.71 18.36 -3.47
C PRO K 39 -14.28 17.86 -2.10
N TRP K 40 -14.94 16.84 -1.56
CA TRP K 40 -14.61 16.39 -0.21
C TRP K 40 -13.19 15.86 -0.13
N THR K 41 -12.66 15.34 -1.24
CA THR K 41 -11.31 14.80 -1.24
C THR K 41 -10.24 15.87 -1.03
N ARG K 42 -10.61 17.15 -1.07
CA ARG K 42 -9.67 18.24 -0.93
C ARG K 42 -9.85 19.02 0.37
N LEU K 43 -10.57 18.43 1.33
CA LEU K 43 -10.77 19.09 2.62
C LEU K 43 -9.52 18.94 3.48
N THR K 44 -9.02 20.07 3.98
CA THR K 44 -7.92 20.05 4.92
C THR K 44 -8.44 19.84 6.34
N ALA K 45 -7.51 19.57 7.25
CA ALA K 45 -7.88 19.44 8.67
C ALA K 45 -8.58 20.71 9.14
N ALA K 46 -8.05 21.87 8.80
CA ALA K 46 -8.69 23.13 9.16
C ALA K 46 -10.12 23.18 8.62
N ASP K 47 -10.33 22.74 7.37
CA ASP K 47 -11.67 22.75 6.79
C ASP K 47 -12.62 21.87 7.58
N LYS K 48 -12.20 20.65 7.89
CA LYS K 48 -13.06 19.73 8.64
C LYS K 48 -13.43 20.31 9.99
N ALA K 49 -12.44 20.85 10.72
CA ALA K 49 -12.71 21.41 12.04
C ALA K 49 -13.73 22.53 11.96
N ALA K 50 -13.59 23.42 10.98
CA ALA K 50 -14.56 24.50 10.84
C ALA K 50 -15.95 23.95 10.52
N ILE K 51 -16.03 22.85 9.77
CA ILE K 51 -17.33 22.29 9.41
C ILE K 51 -17.95 21.58 10.60
N ARG K 52 -17.14 20.91 11.41
CA ARG K 52 -17.65 20.33 12.66
C ARG K 52 -18.18 21.43 13.58
N LYS K 53 -17.48 22.56 13.63
CA LYS K 53 -17.98 23.69 14.40
C LYS K 53 -19.31 24.19 13.85
N GLU K 54 -19.40 24.33 12.53
CA GLU K 54 -20.65 24.77 11.91
C GLU K 54 -21.80 23.83 12.27
N LEU K 55 -21.58 22.52 12.12
CA LEU K 55 -22.67 21.56 12.33
C LEU K 55 -23.12 21.55 13.79
N ASN K 56 -22.17 21.58 14.74
CA ASN K 56 -22.54 21.56 16.15
C ASN K 56 -23.41 22.76 16.51
N GLU K 57 -23.07 23.94 15.98
CA GLU K 57 -23.87 25.13 16.25
C GLU K 57 -25.22 25.04 15.55
N PHE K 58 -25.24 24.59 14.30
CA PHE K 58 -26.49 24.44 13.58
C PHE K 58 -27.41 23.44 14.27
N LYS K 59 -26.88 22.25 14.60
CA LYS K 59 -27.72 21.23 15.21
C LYS K 59 -28.14 21.59 16.63
N SER K 60 -27.36 22.41 17.32
CA SER K 60 -27.69 22.73 18.70
C SER K 60 -28.81 23.77 18.79
N THR K 61 -28.77 24.80 17.95
CA THR K 61 -29.63 25.96 18.13
C THR K 61 -30.69 26.13 17.04
N GLU K 62 -30.50 25.54 15.86
CA GLU K 62 -31.35 25.86 14.71
C GLU K 62 -32.08 24.68 14.11
N MET K 63 -31.60 23.45 14.30
CA MET K 63 -32.23 22.28 13.71
C MET K 63 -33.31 21.75 14.65
N GLU K 64 -34.52 21.60 14.12
CA GLU K 64 -35.64 21.13 14.92
C GLU K 64 -35.49 19.63 15.20
N VAL K 65 -35.54 19.26 16.47
CA VAL K 65 -35.43 17.87 16.89
C VAL K 65 -36.47 17.61 17.96
N HIS K 66 -37.37 16.65 17.72
CA HIS K 66 -38.33 16.24 18.72
C HIS K 66 -37.66 15.98 20.06
N GLU K 67 -38.34 16.32 21.14
CA GLU K 67 -37.77 16.17 22.47
C GLU K 67 -37.25 14.75 22.71
N LEU K 68 -37.99 13.75 22.21
CA LEU K 68 -37.66 12.36 22.47
C LEU K 68 -36.55 11.81 21.56
N SER K 69 -36.07 12.59 20.59
CA SER K 69 -35.01 12.15 19.70
C SER K 69 -33.75 12.99 19.83
N ARG K 70 -33.63 13.80 20.89
CA ARG K 70 -32.41 14.59 21.06
C ARG K 70 -31.20 13.72 21.35
N HIS K 71 -31.41 12.55 21.96
CA HIS K 71 -30.30 11.61 22.19
C HIS K 71 -29.75 11.04 20.89
N LEU K 72 -30.43 11.24 19.77
CA LEU K 72 -29.95 10.74 18.48
C LEU K 72 -29.20 11.79 17.67
N THR K 73 -29.18 13.04 18.10
CA THR K 73 -28.52 14.10 17.34
C THR K 73 -27.01 13.84 17.29
N ARG K 74 -26.44 13.85 16.08
CA ARG K 74 -25.07 13.42 15.85
C ARG K 74 -24.13 14.63 15.90
N PHE K 75 -23.71 14.98 17.11
CA PHE K 75 -22.75 16.04 17.30
C PHE K 75 -21.35 15.56 16.94
N HIS K 76 -20.45 16.51 16.69
CA HIS K 76 -19.10 16.21 16.22
C HIS K 76 -18.07 16.69 17.23
N ARG K 77 -16.91 16.02 17.22
CA ARG K 77 -15.80 16.41 18.07
C ARG K 77 -15.30 17.79 17.68
N PRO K 78 -14.76 18.56 18.64
CA PRO K 78 -14.21 19.88 18.27
C PRO K 78 -13.07 19.76 17.27
N GLU L 10 -3.45 -38.10 20.58
CA GLU L 10 -2.36 -39.05 20.39
C GLU L 10 -1.01 -38.33 20.39
N LEU L 11 -0.97 -37.16 19.74
CA LEU L 11 0.26 -36.40 19.65
C LEU L 11 0.81 -36.01 21.01
N ARG L 12 -0.06 -35.90 22.02
CA ARG L 12 0.35 -35.43 23.33
C ARG L 12 0.89 -36.53 24.23
N GLU L 13 0.69 -37.79 23.87
CA GLU L 13 1.09 -38.91 24.73
C GLU L 13 2.43 -39.52 24.32
N ARG L 14 3.05 -39.05 23.24
CA ARG L 14 4.33 -39.58 22.82
C ARG L 14 5.45 -39.01 23.67
N LYS L 15 6.40 -39.87 24.05
CA LYS L 15 7.44 -39.47 24.99
C LYS L 15 8.42 -38.52 24.32
N ILE L 16 8.79 -37.46 25.04
CA ILE L 16 9.72 -36.45 24.57
C ILE L 16 10.97 -36.49 25.44
N LEU L 17 12.14 -36.50 24.80
CA LEU L 17 13.40 -36.51 25.51
C LEU L 17 13.93 -35.12 25.79
N ILE L 18 13.70 -34.19 24.86
CA ILE L 18 14.32 -32.87 24.96
C ILE L 18 13.81 -32.14 26.20
N ARG L 19 14.67 -31.30 26.76
CA ARG L 19 14.34 -30.45 27.88
C ARG L 19 15.02 -29.10 27.68
N PHE L 20 14.44 -28.05 28.25
CA PHE L 20 14.98 -26.71 28.15
C PHE L 20 15.23 -26.14 29.54
N SER L 21 16.33 -25.40 29.67
CA SER L 21 16.72 -24.82 30.94
C SER L 21 16.07 -23.45 31.13
N ASP L 22 15.66 -23.16 32.37
CA ASP L 22 15.00 -21.90 32.67
C ASP L 22 15.97 -20.74 32.74
N TYR L 23 17.27 -20.99 32.84
CA TYR L 23 18.27 -19.93 32.92
C TYR L 23 18.84 -19.66 31.54
N VAL L 24 18.85 -18.38 31.15
CA VAL L 24 19.37 -17.94 29.87
C VAL L 24 20.56 -17.03 30.14
N GLU L 25 21.73 -17.42 29.64
CA GLU L 25 22.89 -16.56 29.75
C GLU L 25 22.77 -15.38 28.79
N VAL L 26 23.30 -14.23 29.21
CA VAL L 26 23.16 -13.00 28.44
C VAL L 26 24.44 -12.17 28.59
N ALA L 27 25.08 -11.89 27.47
CA ALA L 27 26.27 -11.05 27.43
C ALA L 27 26.00 -9.86 26.51
N ASP L 28 26.94 -8.92 26.52
CA ASP L 28 26.84 -7.73 25.68
C ASP L 28 27.54 -7.98 24.35
N ALA L 29 26.85 -7.68 23.25
CA ALA L 29 27.45 -7.82 21.94
C ALA L 29 28.32 -6.61 21.63
N GLN L 30 29.22 -6.80 20.66
CA GLN L 30 30.08 -5.71 20.23
C GLN L 30 29.25 -4.51 19.81
N ASP L 31 29.75 -3.31 20.11
CA ASP L 31 29.04 -2.06 19.84
C ASP L 31 29.78 -1.31 18.74
N TYR L 32 29.44 -1.62 17.49
CA TYR L 32 30.00 -0.92 16.34
C TYR L 32 28.86 -0.68 15.34
N ASP L 33 29.19 -0.07 14.19
CA ASP L 33 28.20 0.31 13.20
C ASP L 33 28.15 -0.75 12.11
N ARG L 34 27.05 -1.49 12.05
CA ARG L 34 26.88 -2.59 11.11
C ARG L 34 26.15 -2.16 9.84
N ARG L 35 25.91 -0.86 9.64
CA ARG L 35 25.30 -0.39 8.40
C ARG L 35 26.19 -0.74 7.21
N ALA L 36 25.58 -1.27 6.16
CA ALA L 36 26.33 -1.72 4.99
C ALA L 36 25.59 -1.33 3.73
N ASP L 37 26.34 -1.21 2.64
CA ASP L 37 25.77 -0.84 1.35
C ASP L 37 24.96 -1.99 0.77
N LYS L 38 24.00 -1.64 -0.08
CA LYS L 38 23.09 -2.60 -0.70
C LYS L 38 23.14 -2.40 -2.20
N PRO L 39 24.20 -2.90 -2.85
CA PRO L 39 24.33 -2.66 -4.31
C PRO L 39 23.18 -3.21 -5.11
N TRP L 40 22.53 -4.28 -4.64
CA TRP L 40 21.46 -4.89 -5.42
C TRP L 40 20.28 -3.94 -5.61
N THR L 41 20.11 -2.98 -4.70
CA THR L 41 19.01 -2.03 -4.81
C THR L 41 19.21 -1.01 -5.92
N ARG L 42 20.36 -1.02 -6.60
CA ARG L 42 20.64 -0.09 -7.68
C ARG L 42 20.80 -0.79 -9.03
N LEU L 43 20.31 -2.03 -9.14
CA LEU L 43 20.39 -2.76 -10.39
C LEU L 43 19.28 -2.27 -11.32
N THR L 44 19.66 -1.84 -12.52
CA THR L 44 18.70 -1.43 -13.54
C THR L 44 18.16 -2.67 -14.26
N ALA L 45 17.09 -2.45 -15.03
CA ALA L 45 16.52 -3.56 -15.80
C ALA L 45 17.57 -4.17 -16.72
N ALA L 46 18.36 -3.33 -17.41
CA ALA L 46 19.39 -3.85 -18.29
C ALA L 46 20.46 -4.59 -17.49
N ASP L 47 20.78 -4.10 -16.29
CA ASP L 47 21.74 -4.81 -15.44
C ASP L 47 21.26 -6.21 -15.13
N LYS L 48 20.01 -6.34 -14.65
CA LYS L 48 19.49 -7.66 -14.32
C LYS L 48 19.45 -8.57 -15.53
N ALA L 49 19.04 -8.02 -16.68
CA ALA L 49 19.01 -8.82 -17.91
C ALA L 49 20.42 -9.26 -18.30
N ALA L 50 21.42 -8.41 -18.07
CA ALA L 50 22.80 -8.81 -18.35
C ALA L 50 23.30 -9.82 -17.33
N ILE L 51 22.84 -9.73 -16.08
CA ILE L 51 23.24 -10.70 -15.08
C ILE L 51 22.58 -12.06 -15.35
N ARG L 52 21.31 -12.06 -15.72
CA ARG L 52 20.64 -13.31 -16.05
C ARG L 52 21.34 -14.03 -17.18
N LYS L 53 21.81 -13.28 -18.18
CA LYS L 53 22.52 -13.88 -19.30
C LYS L 53 23.86 -14.46 -18.85
N GLU L 54 24.54 -13.79 -17.92
CA GLU L 54 25.81 -14.30 -17.42
C GLU L 54 25.63 -15.59 -16.64
N LEU L 55 24.63 -15.62 -15.76
CA LEU L 55 24.36 -16.84 -15.00
C LEU L 55 23.98 -17.99 -15.92
N ASN L 56 23.17 -17.72 -16.95
CA ASN L 56 22.77 -18.77 -17.88
C ASN L 56 23.98 -19.34 -18.60
N GLU L 57 24.86 -18.47 -19.12
CA GLU L 57 26.08 -18.94 -19.76
C GLU L 57 26.96 -19.70 -18.75
N PHE L 58 27.08 -19.15 -17.54
CA PHE L 58 27.92 -19.79 -16.53
C PHE L 58 27.42 -21.18 -16.19
N LYS L 59 26.12 -21.32 -15.94
CA LYS L 59 25.58 -22.59 -15.47
C LYS L 59 25.48 -23.62 -16.58
N SER L 60 25.32 -23.19 -17.83
CA SER L 60 25.14 -24.16 -18.91
C SER L 60 26.47 -24.68 -19.45
N THR L 61 27.55 -23.92 -19.31
CA THR L 61 28.83 -24.29 -19.90
C THR L 61 29.97 -24.46 -18.91
N GLU L 62 29.90 -23.86 -17.72
CA GLU L 62 31.04 -23.84 -16.81
C GLU L 62 30.75 -24.51 -15.47
N MET L 63 29.61 -24.22 -14.85
CA MET L 63 29.38 -24.67 -13.48
C MET L 63 29.20 -26.19 -13.45
N GLU L 64 30.08 -26.85 -12.70
CA GLU L 64 30.00 -28.31 -12.59
C GLU L 64 28.72 -28.71 -11.85
N VAL L 65 28.01 -29.69 -12.39
CA VAL L 65 26.78 -30.20 -11.80
C VAL L 65 26.75 -31.71 -11.99
N HIS L 66 26.43 -32.44 -10.92
CA HIS L 66 26.31 -33.89 -11.02
C HIS L 66 25.30 -34.26 -12.11
N GLU L 67 25.58 -35.37 -12.80
CA GLU L 67 24.73 -35.76 -13.92
C GLU L 67 23.28 -35.95 -13.51
N LEU L 68 23.03 -36.43 -12.29
CA LEU L 68 21.69 -36.72 -11.82
C LEU L 68 20.99 -35.52 -11.23
N SER L 69 21.60 -34.33 -11.27
CA SER L 69 21.02 -33.14 -10.67
C SER L 69 20.94 -31.97 -11.65
N ARG L 70 21.18 -32.20 -12.95
CA ARG L 70 21.09 -31.12 -13.91
C ARG L 70 19.68 -30.55 -14.01
N HIS L 71 18.66 -31.30 -13.59
CA HIS L 71 17.30 -30.77 -13.60
C HIS L 71 17.07 -29.75 -12.49
N LEU L 72 17.94 -29.69 -11.49
CA LEU L 72 17.82 -28.73 -10.42
C LEU L 72 18.48 -27.40 -10.71
N THR L 73 19.28 -27.31 -11.77
CA THR L 73 20.05 -26.10 -12.03
C THR L 73 19.12 -24.93 -12.31
N ARG L 74 19.32 -23.85 -11.57
CA ARG L 74 18.37 -22.73 -11.51
C ARG L 74 18.72 -21.75 -12.62
N PHE L 75 18.12 -21.95 -13.78
CA PHE L 75 18.31 -21.02 -14.90
C PHE L 75 17.34 -19.86 -14.77
N HIS L 76 17.58 -18.82 -15.57
CA HIS L 76 16.90 -17.55 -15.41
C HIS L 76 16.23 -17.13 -16.71
N ARG L 77 15.16 -16.38 -16.57
CA ARG L 77 14.44 -15.85 -17.72
C ARG L 77 15.39 -15.03 -18.60
N PRO L 78 15.40 -15.23 -19.92
CA PRO L 78 16.12 -14.29 -20.79
C PRO L 78 15.48 -12.91 -20.80
#